data_3AQY
# 
_entry.id   3AQY 
# 
_audit_conform.dict_name       mmcif_pdbx.dic 
_audit_conform.dict_version    5.380 
_audit_conform.dict_location   http://mmcif.pdb.org/dictionaries/ascii/mmcif_pdbx.dic 
# 
loop_
_database_2.database_id 
_database_2.database_code 
_database_2.pdbx_database_accession 
_database_2.pdbx_DOI 
PDB   3AQY         pdb_00003aqy 10.2210/pdb3aqy/pdb 
RCSB  RCSB029585   ?            ?                   
WWPDB D_1000029585 ?            ?                   
# 
loop_
_pdbx_database_related.db_name 
_pdbx_database_related.db_id 
_pdbx_database_related.details 
_pdbx_database_related.content_type 
PDB 3IE4 . unspecified 
PDB 2RQE . unspecified 
PDB 2KHA . unspecified 
PDB 3AQX . unspecified 
PDB 3AQZ . unspecified 
# 
_pdbx_database_status.status_code                     REL 
_pdbx_database_status.entry_id                        3AQY 
_pdbx_database_status.recvd_initial_deposition_date   2010-11-22 
_pdbx_database_status.deposit_site                    PDBJ 
_pdbx_database_status.process_site                    PDBJ 
_pdbx_database_status.status_code_sf                  REL 
_pdbx_database_status.status_code_mr                  ? 
_pdbx_database_status.SG_entry                        ? 
_pdbx_database_status.status_code_cs                  ? 
_pdbx_database_status.pdb_format_compatible           Y 
_pdbx_database_status.status_code_nmr_data            ? 
_pdbx_database_status.methods_development_category    ? 
# 
loop_
_audit_author.name 
_audit_author.pdbx_ordinal 
'Kanagawa, M.'  1 
'Satoh, T.'     2 
'Ikeda, A.'     3 
'Adachi, Y.'    4 
'Ohno, N.'      5 
'Yamaguchi, Y.' 6 
# 
_citation.id                        primary 
_citation.title                     
'Structural insights into recognition of triple-helical beta-glucans by an insect fungal receptor' 
_citation.journal_abbrev            J.Biol.Chem. 
_citation.journal_volume            286 
_citation.page_first                29158 
_citation.page_last                 29165 
_citation.year                      2011 
_citation.journal_id_ASTM           JBCHA3 
_citation.country                   US 
_citation.journal_id_ISSN           0021-9258 
_citation.journal_id_CSD            0071 
_citation.book_publisher            ? 
_citation.pdbx_database_id_PubMed   21697086 
_citation.pdbx_database_id_DOI      10.1074/jbc.M111.256701 
# 
loop_
_citation_author.citation_id 
_citation_author.name 
_citation_author.ordinal 
_citation_author.identifier_ORCID 
primary 'Kanagawa, M.'  1 ? 
primary 'Satoh, T.'     2 ? 
primary 'Ikeda, A.'     3 ? 
primary 'Adachi, Y.'    4 ? 
primary 'Ohno, N.'      5 ? 
primary 'Yamaguchi, Y.' 6 ? 
# 
_cell.entry_id           3AQY 
_cell.length_a           106.350 
_cell.length_b           38.034 
_cell.length_c           55.630 
_cell.angle_alpha        90.00 
_cell.angle_beta         117.34 
_cell.angle_gamma        90.00 
_cell.Z_PDB              8 
_cell.pdbx_unique_axis   ? 
_cell.length_a_esd       ? 
_cell.length_b_esd       ? 
_cell.length_c_esd       ? 
_cell.angle_alpha_esd    ? 
_cell.angle_beta_esd     ? 
_cell.angle_gamma_esd    ? 
# 
_symmetry.entry_id                         3AQY 
_symmetry.space_group_name_H-M             'C 1 2 1' 
_symmetry.pdbx_full_space_group_name_H-M   ? 
_symmetry.cell_setting                     ? 
_symmetry.Int_Tables_number                5 
_symmetry.space_group_name_Hall            ? 
# 
loop_
_entity.id 
_entity.type 
_entity.src_method 
_entity.pdbx_description 
_entity.formula_weight 
_entity.pdbx_number_of_molecules 
_entity.pdbx_ec 
_entity.pdbx_mutation 
_entity.pdbx_fragment 
_entity.details 
1 polymer man 'Beta-1,3-glucan-binding protein' 12176.650 2   ? ? 'beta-glucan binding domain, UNP residues 24-127' ? 
2 water   nat water                             18.015    173 ? ? ?                                                 ? 
# 
_entity_name_com.entity_id   1 
_entity_name_com.name        'BGBP, Beta-1,3-glucan recognition protein, BetaGRP' 
# 
_entity_poly.entity_id                      1 
_entity_poly.type                           'polypeptide(L)' 
_entity_poly.nstd_linkage                   no 
_entity_poly.nstd_monomer                   no 
_entity_poly.pdbx_seq_one_letter_code       
;GSYVVPSAKLEAIYPKGLRVSIPDDGFSLFAFHGKLNEEMDGLEAGHWARDITKPKEGRWTFRDRNVKLKLGDKIYFWTY
VIKDGLGYRQDNGEWTVTEFVNEDGT
;
_entity_poly.pdbx_seq_one_letter_code_can   
;GSYVVPSAKLEAIYPKGLRVSIPDDGFSLFAFHGKLNEEMDGLEAGHWARDITKPKEGRWTFRDRNVKLKLGDKIYFWTY
VIKDGLGYRQDNGEWTVTEFVNEDGT
;
_entity_poly.pdbx_strand_id                 A,B 
_entity_poly.pdbx_target_identifier         ? 
# 
loop_
_entity_poly_seq.entity_id 
_entity_poly_seq.num 
_entity_poly_seq.mon_id 
_entity_poly_seq.hetero 
1 1   GLY n 
1 2   SER n 
1 3   TYR n 
1 4   VAL n 
1 5   VAL n 
1 6   PRO n 
1 7   SER n 
1 8   ALA n 
1 9   LYS n 
1 10  LEU n 
1 11  GLU n 
1 12  ALA n 
1 13  ILE n 
1 14  TYR n 
1 15  PRO n 
1 16  LYS n 
1 17  GLY n 
1 18  LEU n 
1 19  ARG n 
1 20  VAL n 
1 21  SER n 
1 22  ILE n 
1 23  PRO n 
1 24  ASP n 
1 25  ASP n 
1 26  GLY n 
1 27  PHE n 
1 28  SER n 
1 29  LEU n 
1 30  PHE n 
1 31  ALA n 
1 32  PHE n 
1 33  HIS n 
1 34  GLY n 
1 35  LYS n 
1 36  LEU n 
1 37  ASN n 
1 38  GLU n 
1 39  GLU n 
1 40  MET n 
1 41  ASP n 
1 42  GLY n 
1 43  LEU n 
1 44  GLU n 
1 45  ALA n 
1 46  GLY n 
1 47  HIS n 
1 48  TRP n 
1 49  ALA n 
1 50  ARG n 
1 51  ASP n 
1 52  ILE n 
1 53  THR n 
1 54  LYS n 
1 55  PRO n 
1 56  LYS n 
1 57  GLU n 
1 58  GLY n 
1 59  ARG n 
1 60  TRP n 
1 61  THR n 
1 62  PHE n 
1 63  ARG n 
1 64  ASP n 
1 65  ARG n 
1 66  ASN n 
1 67  VAL n 
1 68  LYS n 
1 69  LEU n 
1 70  LYS n 
1 71  LEU n 
1 72  GLY n 
1 73  ASP n 
1 74  LYS n 
1 75  ILE n 
1 76  TYR n 
1 77  PHE n 
1 78  TRP n 
1 79  THR n 
1 80  TYR n 
1 81  VAL n 
1 82  ILE n 
1 83  LYS n 
1 84  ASP n 
1 85  GLY n 
1 86  LEU n 
1 87  GLY n 
1 88  TYR n 
1 89  ARG n 
1 90  GLN n 
1 91  ASP n 
1 92  ASN n 
1 93  GLY n 
1 94  GLU n 
1 95  TRP n 
1 96  THR n 
1 97  VAL n 
1 98  THR n 
1 99  GLU n 
1 100 PHE n 
1 101 VAL n 
1 102 ASN n 
1 103 GLU n 
1 104 ASP n 
1 105 GLY n 
1 106 THR n 
# 
_entity_src_gen.entity_id                          1 
_entity_src_gen.pdbx_src_id                        1 
_entity_src_gen.pdbx_alt_source_flag               sample 
_entity_src_gen.pdbx_seq_type                      ? 
_entity_src_gen.pdbx_beg_seq_num                   ? 
_entity_src_gen.pdbx_end_seq_num                   ? 
_entity_src_gen.gene_src_common_name               'Indian meal moth' 
_entity_src_gen.gene_src_genus                     ? 
_entity_src_gen.pdbx_gene_src_gene                 ? 
_entity_src_gen.gene_src_species                   ? 
_entity_src_gen.gene_src_strain                    ? 
_entity_src_gen.gene_src_tissue                    ? 
_entity_src_gen.gene_src_tissue_fraction           ? 
_entity_src_gen.gene_src_details                   ? 
_entity_src_gen.pdbx_gene_src_fragment             ? 
_entity_src_gen.pdbx_gene_src_scientific_name      'Plodia interpunctella' 
_entity_src_gen.pdbx_gene_src_ncbi_taxonomy_id     58824 
_entity_src_gen.pdbx_gene_src_variant              ? 
_entity_src_gen.pdbx_gene_src_cell_line            ? 
_entity_src_gen.pdbx_gene_src_atcc                 ? 
_entity_src_gen.pdbx_gene_src_organ                ? 
_entity_src_gen.pdbx_gene_src_organelle            ? 
_entity_src_gen.pdbx_gene_src_cell                 ? 
_entity_src_gen.pdbx_gene_src_cellular_location    ? 
_entity_src_gen.host_org_common_name               ? 
_entity_src_gen.pdbx_host_org_scientific_name      'Escherichia coli' 
_entity_src_gen.pdbx_host_org_ncbi_taxonomy_id     562 
_entity_src_gen.host_org_genus                     ? 
_entity_src_gen.pdbx_host_org_gene                 ? 
_entity_src_gen.pdbx_host_org_organ                ? 
_entity_src_gen.host_org_species                   ? 
_entity_src_gen.pdbx_host_org_tissue               ? 
_entity_src_gen.pdbx_host_org_tissue_fraction      ? 
_entity_src_gen.pdbx_host_org_strain               'Rosetta2(DE3)pLysS' 
_entity_src_gen.pdbx_host_org_variant              ? 
_entity_src_gen.pdbx_host_org_cell_line            ? 
_entity_src_gen.pdbx_host_org_atcc                 ? 
_entity_src_gen.pdbx_host_org_culture_collection   ? 
_entity_src_gen.pdbx_host_org_cell                 ? 
_entity_src_gen.pdbx_host_org_organelle            ? 
_entity_src_gen.pdbx_host_org_cellular_location    ? 
_entity_src_gen.pdbx_host_org_vector_type          plasmid 
_entity_src_gen.pdbx_host_org_vector               ? 
_entity_src_gen.host_org_details                   ? 
_entity_src_gen.expression_system_id               ? 
_entity_src_gen.plasmid_name                       'pCold-I(MBP-TRX fusion)' 
_entity_src_gen.plasmid_details                    ? 
_entity_src_gen.pdbx_description                   ? 
# 
_struct_ref.id                         1 
_struct_ref.db_name                    UNP 
_struct_ref.db_code                    BGBP_PLOIN 
_struct_ref.pdbx_db_accession          Q8MU95 
_struct_ref.entity_id                  1 
_struct_ref.pdbx_seq_one_letter_code   
;YVVPSAKLEAIYPKGLRVSIPDDGFSLFAFHGKLNEEMDGLEAGHWARDITKPKEGRWTFRDRNVKLKLGDKIYFWTYVI
KDGLGYRQDNGEWTVTEFVNEDGT
;
_struct_ref.pdbx_align_begin           24 
_struct_ref.pdbx_db_isoform            ? 
# 
loop_
_struct_ref_seq.align_id 
_struct_ref_seq.ref_id 
_struct_ref_seq.pdbx_PDB_id_code 
_struct_ref_seq.pdbx_strand_id 
_struct_ref_seq.seq_align_beg 
_struct_ref_seq.pdbx_seq_align_beg_ins_code 
_struct_ref_seq.seq_align_end 
_struct_ref_seq.pdbx_seq_align_end_ins_code 
_struct_ref_seq.pdbx_db_accession 
_struct_ref_seq.db_align_beg 
_struct_ref_seq.pdbx_db_align_beg_ins_code 
_struct_ref_seq.db_align_end 
_struct_ref_seq.pdbx_db_align_end_ins_code 
_struct_ref_seq.pdbx_auth_seq_align_beg 
_struct_ref_seq.pdbx_auth_seq_align_end 
1 1 3AQY A 3 ? 106 ? Q8MU95 24 ? 127 ? 1 104 
2 1 3AQY B 3 ? 106 ? Q8MU95 24 ? 127 ? 1 104 
# 
loop_
_struct_ref_seq_dif.align_id 
_struct_ref_seq_dif.pdbx_pdb_id_code 
_struct_ref_seq_dif.mon_id 
_struct_ref_seq_dif.pdbx_pdb_strand_id 
_struct_ref_seq_dif.seq_num 
_struct_ref_seq_dif.pdbx_pdb_ins_code 
_struct_ref_seq_dif.pdbx_seq_db_name 
_struct_ref_seq_dif.pdbx_seq_db_accession_code 
_struct_ref_seq_dif.db_mon_id 
_struct_ref_seq_dif.pdbx_seq_db_seq_num 
_struct_ref_seq_dif.details 
_struct_ref_seq_dif.pdbx_auth_seq_num 
_struct_ref_seq_dif.pdbx_ordinal 
1 3AQY GLY A 1 ? UNP Q8MU95 ? ? 'expression tag' -1 1 
1 3AQY SER A 2 ? UNP Q8MU95 ? ? 'expression tag' 0  2 
2 3AQY GLY B 1 ? UNP Q8MU95 ? ? 'expression tag' -1 3 
2 3AQY SER B 2 ? UNP Q8MU95 ? ? 'expression tag' 0  4 
# 
loop_
_chem_comp.id 
_chem_comp.type 
_chem_comp.mon_nstd_flag 
_chem_comp.name 
_chem_comp.pdbx_synonyms 
_chem_comp.formula 
_chem_comp.formula_weight 
ALA 'L-peptide linking' y ALANINE         ? 'C3 H7 N O2'     89.093  
ARG 'L-peptide linking' y ARGININE        ? 'C6 H15 N4 O2 1' 175.209 
ASN 'L-peptide linking' y ASPARAGINE      ? 'C4 H8 N2 O3'    132.118 
ASP 'L-peptide linking' y 'ASPARTIC ACID' ? 'C4 H7 N O4'     133.103 
GLN 'L-peptide linking' y GLUTAMINE       ? 'C5 H10 N2 O3'   146.144 
GLU 'L-peptide linking' y 'GLUTAMIC ACID' ? 'C5 H9 N O4'     147.129 
GLY 'peptide linking'   y GLYCINE         ? 'C2 H5 N O2'     75.067  
HIS 'L-peptide linking' y HISTIDINE       ? 'C6 H10 N3 O2 1' 156.162 
HOH non-polymer         . WATER           ? 'H2 O'           18.015  
ILE 'L-peptide linking' y ISOLEUCINE      ? 'C6 H13 N O2'    131.173 
LEU 'L-peptide linking' y LEUCINE         ? 'C6 H13 N O2'    131.173 
LYS 'L-peptide linking' y LYSINE          ? 'C6 H15 N2 O2 1' 147.195 
MET 'L-peptide linking' y METHIONINE      ? 'C5 H11 N O2 S'  149.211 
PHE 'L-peptide linking' y PHENYLALANINE   ? 'C9 H11 N O2'    165.189 
PRO 'L-peptide linking' y PROLINE         ? 'C5 H9 N O2'     115.130 
SER 'L-peptide linking' y SERINE          ? 'C3 H7 N O3'     105.093 
THR 'L-peptide linking' y THREONINE       ? 'C4 H9 N O3'     119.119 
TRP 'L-peptide linking' y TRYPTOPHAN      ? 'C11 H12 N2 O2'  204.225 
TYR 'L-peptide linking' y TYROSINE        ? 'C9 H11 N O3'    181.189 
VAL 'L-peptide linking' y VALINE          ? 'C5 H11 N O2'    117.146 
# 
_exptl.entry_id          3AQY 
_exptl.method            'X-RAY DIFFRACTION' 
_exptl.crystals_number   1 
# 
_exptl_crystal.id                    1 
_exptl_crystal.density_meas          ? 
_exptl_crystal.density_Matthews      2.05 
_exptl_crystal.density_percent_sol   40.02 
_exptl_crystal.description           ? 
_exptl_crystal.F_000                 ? 
_exptl_crystal.preparation           ? 
# 
_exptl_crystal_grow.crystal_id      1 
_exptl_crystal_grow.method          'VAPOR DIFFUSION, SITTING DROP' 
_exptl_crystal_grow.temp            293 
_exptl_crystal_grow.temp_details    ? 
_exptl_crystal_grow.pH              6.5 
_exptl_crystal_grow.pdbx_details    
'0.2M ammonium sulfate, 0.1M MES, 30% w/v PEG 5000 MME, pH 6.5, VAPOR DIFFUSION, SITTING DROP, temperature 293K' 
_exptl_crystal_grow.pdbx_pH_range   . 
# 
_diffrn.id                     1 
_diffrn.ambient_temp           100 
_diffrn.ambient_temp_details   ? 
_diffrn.crystal_id             1 
# 
_diffrn_detector.diffrn_id              1 
_diffrn_detector.detector               CCD 
_diffrn_detector.type                   'ADSC QUANTUM 315' 
_diffrn_detector.pdbx_collection_date   2009-12-02 
_diffrn_detector.details                ? 
# 
_diffrn_radiation.diffrn_id                        1 
_diffrn_radiation.wavelength_id                    1 
_diffrn_radiation.pdbx_monochromatic_or_laue_m_l   M 
_diffrn_radiation.monochromator                    'Si(111)' 
_diffrn_radiation.pdbx_diffrn_protocol             'SINGLE WAVELENGTH' 
_diffrn_radiation.pdbx_scattering_type             x-ray 
# 
_diffrn_radiation_wavelength.id           1 
_diffrn_radiation_wavelength.wavelength   1.0000 
_diffrn_radiation_wavelength.wt           1.0 
# 
_diffrn_source.diffrn_id                   1 
_diffrn_source.source                      SYNCHROTRON 
_diffrn_source.type                        'PHOTON FACTORY BEAMLINE BL-5A' 
_diffrn_source.pdbx_synchrotron_site       'Photon Factory' 
_diffrn_source.pdbx_synchrotron_beamline   BL-5A 
_diffrn_source.pdbx_wavelength             ? 
_diffrn_source.pdbx_wavelength_list        1.0000 
# 
_reflns.entry_id                     3AQY 
_reflns.observed_criterion_sigma_I   ? 
_reflns.observed_criterion_sigma_F   ? 
_reflns.d_resolution_low             50 
_reflns.d_resolution_high            1.57 
_reflns.number_obs                   27224 
_reflns.number_all                   27915 
_reflns.percent_possible_obs         97.5 
_reflns.pdbx_Rmerge_I_obs            0.046 
_reflns.pdbx_Rsym_value              ? 
_reflns.pdbx_netI_over_sigmaI        25.6 
_reflns.B_iso_Wilson_estimate        ? 
_reflns.pdbx_redundancy              3.6 
_reflns.R_free_details               ? 
_reflns.limit_h_max                  ? 
_reflns.limit_h_min                  ? 
_reflns.limit_k_max                  ? 
_reflns.limit_k_min                  ? 
_reflns.limit_l_max                  ? 
_reflns.limit_l_min                  ? 
_reflns.observed_criterion_F_max     ? 
_reflns.observed_criterion_F_min     ? 
_reflns.pdbx_chi_squared             ? 
_reflns.pdbx_scaling_rejects         ? 
_reflns.pdbx_ordinal                 1 
_reflns.pdbx_diffrn_id               1 
# 
_reflns_shell.d_res_high                  1.57 
_reflns_shell.d_res_low                   1.60 
_reflns_shell.percent_possible_all        85.3 
_reflns_shell.Rmerge_I_obs                0.130 
_reflns_shell.pdbx_Rsym_value             ? 
_reflns_shell.meanI_over_sigI_obs         9.5 
_reflns_shell.pdbx_redundancy             3.0 
_reflns_shell.percent_possible_obs        ? 
_reflns_shell.number_unique_all           1162 
_reflns_shell.number_measured_all         ? 
_reflns_shell.number_measured_obs         ? 
_reflns_shell.number_unique_obs           ? 
_reflns_shell.pdbx_chi_squared            ? 
_reflns_shell.pdbx_rejects                ? 
_reflns_shell.pdbx_netI_over_sigmaI_obs   ? 
_reflns_shell.number_possible             ? 
_reflns_shell.Rmerge_F_all                ? 
_reflns_shell.Rmerge_F_obs                ? 
_reflns_shell.Rmerge_I_all                ? 
_reflns_shell.meanI_over_sigI_all         ? 
_reflns_shell.pdbx_Rrim_I_all             ? 
_reflns_shell.pdbx_Rpim_I_all             ? 
_reflns_shell.pdbx_ordinal                1 
_reflns_shell.pdbx_diffrn_id              1 
# 
_refine.entry_id                                 3AQY 
_refine.ls_number_reflns_obs                     25461 
_refine.ls_number_reflns_all                     25461 
_refine.pdbx_ls_sigma_I                          ? 
_refine.pdbx_ls_sigma_F                          ? 
_refine.pdbx_data_cutoff_high_absF               ? 
_refine.pdbx_data_cutoff_low_absF                ? 
_refine.pdbx_data_cutoff_high_rms_absF           ? 
_refine.ls_d_res_low                             20.00 
_refine.ls_d_res_high                            1.58 
_refine.ls_percent_reflns_obs                    98.04 
_refine.ls_R_factor_obs                          0.209 
_refine.ls_R_factor_all                          ? 
_refine.ls_R_factor_R_work                       0.207 
_refine.ls_R_factor_R_free                       0.238 
_refine.ls_R_factor_R_free_error                 ? 
_refine.ls_R_factor_R_free_error_details         ? 
_refine.ls_percent_reflns_R_free                 5.0 
_refine.ls_number_reflns_R_free                  1352 
_refine.ls_number_parameters                     ? 
_refine.ls_number_restraints                     ? 
_refine.occupancy_min                            ? 
_refine.occupancy_max                            ? 
_refine.correlation_coeff_Fo_to_Fc               0.944 
_refine.correlation_coeff_Fo_to_Fc_free          0.927 
_refine.B_iso_mean                               20.416 
_refine.aniso_B[1][1]                            -1.46 
_refine.aniso_B[2][2]                            0.36 
_refine.aniso_B[3][3]                            0.05 
_refine.aniso_B[1][2]                            0.00 
_refine.aniso_B[1][3]                            -1.13 
_refine.aniso_B[2][3]                            0.00 
_refine.solvent_model_details                    MASK 
_refine.solvent_model_param_ksol                 ? 
_refine.solvent_model_param_bsol                 ? 
_refine.pdbx_solvent_vdw_probe_radii             1.40 
_refine.pdbx_solvent_ion_probe_radii             0.80 
_refine.pdbx_solvent_shrinkage_radii             0.80 
_refine.pdbx_ls_cross_valid_method               THROUGHOUT 
_refine.details                                  'HYDROGENS HAVE BEEN ADDED IN THE RIDING POSITIONS' 
_refine.pdbx_starting_model                      'PDB ENTRY 3AQX' 
_refine.pdbx_method_to_determine_struct          'MOLECULAR REPLACEMENT' 
_refine.pdbx_isotropic_thermal_model             ? 
_refine.pdbx_stereochemistry_target_values       'MAXIMUM LIKELIHOOD' 
_refine.pdbx_stereochem_target_val_spec_case     ? 
_refine.pdbx_R_Free_selection_details            RANDOM 
_refine.pdbx_overall_ESU_R_Free                  0.103 
_refine.overall_SU_ML                            0.065 
_refine.overall_SU_B                             1.769 
_refine.overall_SU_R_Cruickshank_DPI             ? 
_refine.ls_redundancy_reflns_obs                 ? 
_refine.B_iso_min                                ? 
_refine.B_iso_max                                ? 
_refine.overall_SU_R_free                        ? 
_refine.ls_wR_factor_R_free                      ? 
_refine.ls_wR_factor_R_work                      ? 
_refine.overall_FOM_free_R_set                   ? 
_refine.overall_FOM_work_R_set                   ? 
_refine.pdbx_refine_id                           'X-RAY DIFFRACTION' 
_refine.pdbx_overall_phase_error                 ? 
_refine.pdbx_overall_ESU_R                       ? 
_refine.pdbx_diffrn_id                           1 
_refine.pdbx_TLS_residual_ADP_flag               ? 
_refine.pdbx_overall_SU_R_free_Cruickshank_DPI   ? 
_refine.pdbx_overall_SU_R_Blow_DPI               ? 
_refine.pdbx_overall_SU_R_free_Blow_DPI          ? 
# 
_refine_hist.pdbx_refine_id                   'X-RAY DIFFRACTION' 
_refine_hist.cycle_id                         LAST 
_refine_hist.pdbx_number_atoms_protein        1628 
_refine_hist.pdbx_number_atoms_nucleic_acid   0 
_refine_hist.pdbx_number_atoms_ligand         0 
_refine_hist.number_atoms_solvent             173 
_refine_hist.number_atoms_total               1801 
_refine_hist.d_res_high                       1.58 
_refine_hist.d_res_low                        20.00 
# 
loop_
_refine_ls_restr.type 
_refine_ls_restr.dev_ideal 
_refine_ls_restr.dev_ideal_target 
_refine_ls_restr.weight 
_refine_ls_restr.number 
_refine_ls_restr.pdbx_refine_id 
_refine_ls_restr.pdbx_restraint_function 
r_bond_refined_d             0.013  0.022  ? 1676 'X-RAY DIFFRACTION' ? 
r_bond_other_d               ?      ?      ? ?    'X-RAY DIFFRACTION' ? 
r_angle_refined_deg          1.466  1.939  ? 2265 'X-RAY DIFFRACTION' ? 
r_angle_other_deg            ?      ?      ? ?    'X-RAY DIFFRACTION' ? 
r_dihedral_angle_1_deg       7.156  5.000  ? 196  'X-RAY DIFFRACTION' ? 
r_dihedral_angle_2_deg       36.419 23.214 ? 84   'X-RAY DIFFRACTION' ? 
r_dihedral_angle_3_deg       13.018 15.000 ? 284  'X-RAY DIFFRACTION' ? 
r_dihedral_angle_4_deg       20.794 15.000 ? 12   'X-RAY DIFFRACTION' ? 
r_chiral_restr               0.099  0.200  ? 228  'X-RAY DIFFRACTION' ? 
r_gen_planes_refined         0.008  0.021  ? 1296 'X-RAY DIFFRACTION' ? 
r_gen_planes_other           ?      ?      ? ?    'X-RAY DIFFRACTION' ? 
r_nbd_refined                ?      ?      ? ?    'X-RAY DIFFRACTION' ? 
r_nbd_other                  ?      ?      ? ?    'X-RAY DIFFRACTION' ? 
r_nbtor_refined              ?      ?      ? ?    'X-RAY DIFFRACTION' ? 
r_nbtor_other                ?      ?      ? ?    'X-RAY DIFFRACTION' ? 
r_xyhbond_nbd_refined        ?      ?      ? ?    'X-RAY DIFFRACTION' ? 
r_xyhbond_nbd_other          ?      ?      ? ?    'X-RAY DIFFRACTION' ? 
r_metal_ion_refined          ?      ?      ? ?    'X-RAY DIFFRACTION' ? 
r_metal_ion_other            ?      ?      ? ?    'X-RAY DIFFRACTION' ? 
r_symmetry_vdw_refined       ?      ?      ? ?    'X-RAY DIFFRACTION' ? 
r_symmetry_vdw_other         ?      ?      ? ?    'X-RAY DIFFRACTION' ? 
r_symmetry_hbond_refined     ?      ?      ? ?    'X-RAY DIFFRACTION' ? 
r_symmetry_hbond_other       ?      ?      ? ?    'X-RAY DIFFRACTION' ? 
r_symmetry_metal_ion_refined ?      ?      ? ?    'X-RAY DIFFRACTION' ? 
r_symmetry_metal_ion_other   ?      ?      ? ?    'X-RAY DIFFRACTION' ? 
r_mcbond_it                  0.957  1.500  ? 977  'X-RAY DIFFRACTION' ? 
r_mcbond_other               ?      ?      ? ?    'X-RAY DIFFRACTION' ? 
r_mcangle_it                 1.705  2.000  ? 1568 'X-RAY DIFFRACTION' ? 
r_scbond_it                  2.511  3.000  ? 699  'X-RAY DIFFRACTION' ? 
r_scangle_it                 4.004  4.500  ? 697  'X-RAY DIFFRACTION' ? 
r_rigid_bond_restr           ?      ?      ? ?    'X-RAY DIFFRACTION' ? 
r_sphericity_free            ?      ?      ? ?    'X-RAY DIFFRACTION' ? 
r_sphericity_bonded          ?      ?      ? ?    'X-RAY DIFFRACTION' ? 
# 
_refine_ls_shell.pdbx_refine_id                   'X-RAY DIFFRACTION' 
_refine_ls_shell.pdbx_total_number_of_bins_used   20 
_refine_ls_shell.d_res_high                       1.580 
_refine_ls_shell.d_res_low                        1.621 
_refine_ls_shell.number_reflns_R_work             1870 
_refine_ls_shell.R_factor_R_work                  0.261 
_refine_ls_shell.percent_reflns_obs               98.24 
_refine_ls_shell.R_factor_R_free                  0.310 
_refine_ls_shell.R_factor_R_free_error            ? 
_refine_ls_shell.percent_reflns_R_free            ? 
_refine_ls_shell.number_reflns_R_free             84 
_refine_ls_shell.number_reflns_all                ? 
_refine_ls_shell.R_factor_all                     ? 
_refine_ls_shell.number_reflns_obs                ? 
_refine_ls_shell.redundancy_reflns_obs            ? 
# 
_struct.entry_id                  3AQY 
_struct.title                     'Crystal structure of Plodia interpunctella beta-GRP/GNBP3 N-terminal domain' 
_struct.pdbx_model_details        ? 
_struct.pdbx_CASP_flag            ? 
_struct.pdbx_model_type_details   ? 
# 
_struct_keywords.entry_id        3AQY 
_struct_keywords.pdbx_keywords   'SUGAR BINDING PROTEIN' 
_struct_keywords.text            'beta-sandwich, Immune receptor, beta-1, 3-glucan, SUGAR BINDING PROTEIN' 
# 
loop_
_struct_asym.id 
_struct_asym.pdbx_blank_PDB_chainid_flag 
_struct_asym.pdbx_modified 
_struct_asym.entity_id 
_struct_asym.details 
A N N 1 ? 
B N N 1 ? 
C N N 2 ? 
D N N 2 ? 
# 
_struct_biol.id        1 
_struct_biol.details   ? 
# 
loop_
_struct_mon_prot_cis.pdbx_id 
_struct_mon_prot_cis.label_comp_id 
_struct_mon_prot_cis.label_seq_id 
_struct_mon_prot_cis.label_asym_id 
_struct_mon_prot_cis.label_alt_id 
_struct_mon_prot_cis.pdbx_PDB_ins_code 
_struct_mon_prot_cis.auth_comp_id 
_struct_mon_prot_cis.auth_seq_id 
_struct_mon_prot_cis.auth_asym_id 
_struct_mon_prot_cis.pdbx_label_comp_id_2 
_struct_mon_prot_cis.pdbx_label_seq_id_2 
_struct_mon_prot_cis.pdbx_label_asym_id_2 
_struct_mon_prot_cis.pdbx_PDB_ins_code_2 
_struct_mon_prot_cis.pdbx_auth_comp_id_2 
_struct_mon_prot_cis.pdbx_auth_seq_id_2 
_struct_mon_prot_cis.pdbx_auth_asym_id_2 
_struct_mon_prot_cis.pdbx_PDB_model_num 
_struct_mon_prot_cis.pdbx_omega_angle 
1 TYR 14 A . ? TYR 12 A PRO 15 A ? PRO 13 A 1 11.29 
2 TYR 14 B . ? TYR 12 B PRO 15 B ? PRO 13 B 1 9.07  
# 
loop_
_struct_sheet.id 
_struct_sheet.type 
_struct_sheet.number_strands 
_struct_sheet.details 
A ? 4 ? 
B ? 4 ? 
C ? 4 ? 
D ? 4 ? 
# 
loop_
_struct_sheet_order.sheet_id 
_struct_sheet_order.range_id_1 
_struct_sheet_order.range_id_2 
_struct_sheet_order.offset 
_struct_sheet_order.sense 
A 1 2 ? anti-parallel 
A 2 3 ? anti-parallel 
A 3 4 ? parallel      
B 1 2 ? anti-parallel 
B 2 3 ? anti-parallel 
B 3 4 ? anti-parallel 
C 1 2 ? anti-parallel 
C 2 3 ? anti-parallel 
C 3 4 ? parallel      
D 1 2 ? anti-parallel 
D 2 3 ? anti-parallel 
D 3 4 ? anti-parallel 
# 
loop_
_struct_sheet_range.sheet_id 
_struct_sheet_range.id 
_struct_sheet_range.beg_label_comp_id 
_struct_sheet_range.beg_label_asym_id 
_struct_sheet_range.beg_label_seq_id 
_struct_sheet_range.pdbx_beg_PDB_ins_code 
_struct_sheet_range.end_label_comp_id 
_struct_sheet_range.end_label_asym_id 
_struct_sheet_range.end_label_seq_id 
_struct_sheet_range.pdbx_end_PDB_ins_code 
_struct_sheet_range.beg_auth_comp_id 
_struct_sheet_range.beg_auth_asym_id 
_struct_sheet_range.beg_auth_seq_id 
_struct_sheet_range.end_auth_comp_id 
_struct_sheet_range.end_auth_asym_id 
_struct_sheet_range.end_auth_seq_id 
A 1 ARG A 59  ? ASP A 64  ? ARG A 57 ASP A 62 
A 2 LEU A 18  ? PRO A 23  ? LEU A 16 PRO A 21 
A 3 LYS A 9   ? ILE A 13  ? LYS A 7  ILE A 11 
A 4 PHE A 100 ? VAL A 101 ? PHE A 98 VAL A 99 
B 1 TRP A 48  ? ILE A 52  ? TRP A 46 ILE A 50 
B 2 LEU A 29  ? LEU A 36  ? LEU A 27 LEU A 34 
B 3 LYS A 74  ? LYS A 83  ? LYS A 72 LYS A 81 
B 4 LEU A 86  ? THR A 96  ? LEU A 84 THR A 94 
C 1 ARG B 59  ? ASP B 64  ? ARG B 57 ASP B 62 
C 2 LEU B 18  ? PRO B 23  ? LEU B 16 PRO B 21 
C 3 LYS B 9   ? ILE B 13  ? LYS B 7  ILE B 11 
C 4 PHE B 100 ? VAL B 101 ? PHE B 98 VAL B 99 
D 1 TRP B 48  ? ILE B 52  ? TRP B 46 ILE B 50 
D 2 PHE B 27  ? LEU B 36  ? PHE B 25 LEU B 34 
D 3 LYS B 74  ? LYS B 83  ? LYS B 72 LYS B 81 
D 4 LEU B 86  ? THR B 96  ? LEU B 84 THR B 94 
# 
loop_
_pdbx_struct_sheet_hbond.sheet_id 
_pdbx_struct_sheet_hbond.range_id_1 
_pdbx_struct_sheet_hbond.range_id_2 
_pdbx_struct_sheet_hbond.range_1_label_atom_id 
_pdbx_struct_sheet_hbond.range_1_label_comp_id 
_pdbx_struct_sheet_hbond.range_1_label_asym_id 
_pdbx_struct_sheet_hbond.range_1_label_seq_id 
_pdbx_struct_sheet_hbond.range_1_PDB_ins_code 
_pdbx_struct_sheet_hbond.range_1_auth_atom_id 
_pdbx_struct_sheet_hbond.range_1_auth_comp_id 
_pdbx_struct_sheet_hbond.range_1_auth_asym_id 
_pdbx_struct_sheet_hbond.range_1_auth_seq_id 
_pdbx_struct_sheet_hbond.range_2_label_atom_id 
_pdbx_struct_sheet_hbond.range_2_label_comp_id 
_pdbx_struct_sheet_hbond.range_2_label_asym_id 
_pdbx_struct_sheet_hbond.range_2_label_seq_id 
_pdbx_struct_sheet_hbond.range_2_PDB_ins_code 
_pdbx_struct_sheet_hbond.range_2_auth_atom_id 
_pdbx_struct_sheet_hbond.range_2_auth_comp_id 
_pdbx_struct_sheet_hbond.range_2_auth_asym_id 
_pdbx_struct_sheet_hbond.range_2_auth_seq_id 
A 1 2 O PHE A 62 ? O PHE A 60 N VAL A 20  ? N VAL A 18 
A 2 3 O SER A 21 ? O SER A 19 N LYS A 9   ? N LYS A 7  
A 3 4 N ALA A 12 ? N ALA A 10 O VAL A 101 ? O VAL A 99 
B 1 2 O ILE A 52 ? O ILE A 50 N PHE A 30  ? N PHE A 28 
B 2 3 N ALA A 31 ? N ALA A 29 O TYR A 80  ? O TYR A 78 
B 3 4 N ILE A 75 ? N ILE A 73 O TRP A 95  ? O TRP A 93 
C 1 2 O PHE B 62 ? O PHE B 60 N VAL B 20  ? N VAL B 18 
C 2 3 O SER B 21 ? O SER B 19 N LYS B 9   ? N LYS B 7  
C 3 4 N ALA B 12 ? N ALA B 10 O VAL B 101 ? O VAL B 99 
D 1 2 O ILE B 52 ? O ILE B 50 N PHE B 30  ? N PHE B 28 
D 2 3 N ALA B 31 ? N ALA B 29 O TYR B 80  ? O TYR B 78 
D 3 4 N ILE B 75 ? N ILE B 73 O TRP B 95  ? O TRP B 93 
# 
_atom_sites.entry_id                    3AQY 
_atom_sites.fract_transf_matrix[1][1]   -0.00209154 
_atom_sites.fract_transf_matrix[1][2]   -0.00098225 
_atom_sites.fract_transf_matrix[1][3]   0.01033035 
_atom_sites.fract_transf_matrix[2][1]   -0.01697904 
_atom_sites.fract_transf_matrix[2][2]   0.02001566 
_atom_sites.fract_transf_matrix[2][3]   -0.00153451 
_atom_sites.fract_transf_matrix[3][1]   -0.01509332 
_atom_sites.fract_transf_matrix[3][2]   -0.01239797 
_atom_sites.fract_transf_matrix[3][3]   0.00528940 
_atom_sites.fract_transf_vector[1]      0.000728 
_atom_sites.fract_transf_vector[2]      -0.719508 
_atom_sites.fract_transf_vector[3]      0.210368 
# 
loop_
_atom_type.symbol 
C 
N 
O 
S 
# 
loop_
_atom_site.group_PDB 
_atom_site.id 
_atom_site.type_symbol 
_atom_site.label_atom_id 
_atom_site.label_alt_id 
_atom_site.label_comp_id 
_atom_site.label_asym_id 
_atom_site.label_entity_id 
_atom_site.label_seq_id 
_atom_site.pdbx_PDB_ins_code 
_atom_site.Cartn_x 
_atom_site.Cartn_y 
_atom_site.Cartn_z 
_atom_site.occupancy 
_atom_site.B_iso_or_equiv 
_atom_site.pdbx_formal_charge 
_atom_site.auth_seq_id 
_atom_site.auth_comp_id 
_atom_site.auth_asym_id 
_atom_site.auth_atom_id 
_atom_site.pdbx_PDB_model_num 
ATOM   1    N N   . VAL A 1 4   ? 2.570   7.744   3.894   1.00 30.70 ? 2   VAL A N   1 
ATOM   2    C CA  . VAL A 1 4   ? 1.253   8.421   4.213   1.00 30.12 ? 2   VAL A CA  1 
ATOM   3    C C   . VAL A 1 4   ? 0.006   7.886   3.439   1.00 29.36 ? 2   VAL A C   1 
ATOM   4    O O   . VAL A 1 4   ? -0.727  7.081   3.992   1.00 30.01 ? 2   VAL A O   1 
ATOM   5    C CB  . VAL A 1 4   ? 1.364   9.959   4.177   1.00 30.86 ? 2   VAL A CB  1 
ATOM   6    C CG1 . VAL A 1 4   ? 0.175   10.589  4.939   1.00 31.91 ? 2   VAL A CG1 1 
ATOM   7    C CG2 . VAL A 1 4   ? 2.680   10.408  4.825   1.00 31.47 ? 2   VAL A CG2 1 
ATOM   8    N N   . VAL A 1 5   ? -0.259  8.357   2.214   1.00 27.20 ? 3   VAL A N   1 
ATOM   9    C CA  . VAL A 1 5   ? -1.270  7.722   1.358   1.00 25.60 ? 3   VAL A CA  1 
ATOM   10   C C   . VAL A 1 5   ? -0.595  6.583   0.581   1.00 23.40 ? 3   VAL A C   1 
ATOM   11   O O   . VAL A 1 5   ? 0.618   6.597   0.386   1.00 22.51 ? 3   VAL A O   1 
ATOM   12   C CB  . VAL A 1 5   ? -1.936  8.694   0.360   1.00 26.12 ? 3   VAL A CB  1 
ATOM   13   C CG1 . VAL A 1 5   ? -2.813  9.689   1.094   1.00 27.69 ? 3   VAL A CG1 1 
ATOM   14   C CG2 . VAL A 1 5   ? -0.908  9.373   -0.518  1.00 26.64 ? 3   VAL A CG2 1 
ATOM   15   N N   . PRO A 1 6   ? -1.384  5.605   0.118   1.00 21.33 ? 4   PRO A N   1 
ATOM   16   C CA  . PRO A 1 6   ? -0.761  4.519   -0.634  1.00 20.19 ? 4   PRO A CA  1 
ATOM   17   C C   . PRO A 1 6   ? -0.091  4.967   -1.926  1.00 20.66 ? 4   PRO A C   1 
ATOM   18   O O   . PRO A 1 6   ? -0.574  5.875   -2.610  1.00 21.09 ? 4   PRO A O   1 
ATOM   19   C CB  . PRO A 1 6   ? -1.957  3.604   -0.973  1.00 19.39 ? 4   PRO A CB  1 
ATOM   20   C CG  . PRO A 1 6   ? -3.056  4.016   -0.055  1.00 20.28 ? 4   PRO A CG  1 
ATOM   21   C CD  . PRO A 1 6   ? -2.856  5.502   0.095   1.00 21.48 ? 4   PRO A CD  1 
ATOM   22   N N   . SER A 1 7   ? 1.005   4.294   -2.270  1.00 21.28 ? 5   SER A N   1 
ATOM   23   C CA  . SER A 1 7   ? 1.663   4.425   -3.571  1.00 22.34 ? 5   SER A CA  1 
ATOM   24   C C   . SER A 1 7   ? 0.704   4.036   -4.684  1.00 20.80 ? 5   SER A C   1 
ATOM   25   O O   . SER A 1 7   ? 0.126   2.966   -4.617  1.00 20.84 ? 5   SER A O   1 
ATOM   26   C CB  . SER A 1 7   ? 2.844   3.449   -3.620  1.00 22.79 ? 5   SER A CB  1 
ATOM   27   O OG  . SER A 1 7   ? 3.799   3.811   -2.641  1.00 27.47 ? 5   SER A OG  1 
ATOM   28   N N   . ALA A 1 8   ? 0.541   4.924   -5.669  1.00 20.24 ? 6   ALA A N   1 
ATOM   29   C CA  . ALA A 1 8   ? -0.314  4.621   -6.840  1.00 19.10 ? 6   ALA A CA  1 
ATOM   30   C C   . ALA A 1 8   ? 0.307   3.507   -7.682  1.00 19.13 ? 6   ALA A C   1 
ATOM   31   O O   . ALA A 1 8   ? 1.540   3.491   -7.906  1.00 19.43 ? 6   ALA A O   1 
ATOM   32   C CB  . ALA A 1 8   ? -0.503  5.838   -7.675  1.00 19.19 ? 6   ALA A CB  1 
ATOM   33   N N   . LYS A 1 9   ? -0.542  2.591   -8.146  1.00 17.54 ? 7   LYS A N   1 
ATOM   34   C CA  . LYS A 1 9   ? -0.154  1.544   -9.102  1.00 17.38 ? 7   LYS A CA  1 
ATOM   35   C C   . LYS A 1 9   ? -0.586  2.007   -10.481 1.00 16.50 ? 7   LYS A C   1 
ATOM   36   O O   . LYS A 1 9   ? -1.781  2.197   -10.714 1.00 16.46 ? 7   LYS A O   1 
ATOM   37   C CB  . LYS A 1 9   ? -0.872  0.237   -8.765  1.00 16.98 ? 7   LYS A CB  1 
ATOM   38   C CG  . LYS A 1 9   ? -0.659  -0.904  -9.780  1.00 18.46 ? 7   LYS A CG  1 
ATOM   39   C CD  . LYS A 1 9   ? -1.585  -2.060  -9.440  1.00 25.66 ? 7   LYS A CD  1 
ATOM   40   C CE  . LYS A 1 9   ? -1.143  -3.349  -10.108 1.00 29.13 ? 7   LYS A CE  1 
ATOM   41   N NZ  . LYS A 1 9   ? -1.598  -4.487  -9.264  1.00 31.80 ? 7   LYS A NZ  1 
ATOM   42   N N   . LEU A 1 10  ? 0.389   2.226   -11.358 1.00 16.49 ? 8   LEU A N   1 
ATOM   43   C CA  . LEU A 1 10  ? 0.118   2.659   -12.733 1.00 15.79 ? 8   LEU A CA  1 
ATOM   44   C C   . LEU A 1 10  ? 0.342   1.500   -13.674 1.00 16.12 ? 8   LEU A C   1 
ATOM   45   O O   . LEU A 1 10  ? 1.278   0.724   -13.507 1.00 17.04 ? 8   LEU A O   1 
ATOM   46   C CB  . LEU A 1 10  ? 1.029   3.821   -13.134 1.00 16.87 ? 8   LEU A CB  1 
ATOM   47   C CG  . LEU A 1 10  ? 0.783   5.114   -12.355 1.00 17.19 ? 8   LEU A CG  1 
ATOM   48   C CD1 . LEU A 1 10  ? 1.575   5.103   -11.022 1.00 21.17 ? 8   LEU A CD1 1 
ATOM   49   C CD2 . LEU A 1 10  ? 1.163   6.255   -13.241 1.00 16.47 ? 8   LEU A CD2 1 
ATOM   50   N N   . GLU A 1 11  ? -0.521  1.398   -14.679 1.00 15.29 ? 9   GLU A N   1 
ATOM   51   C CA  . GLU A 1 11  ? -0.506  0.262   -15.611 1.00 15.72 ? 9   GLU A CA  1 
ATOM   52   C C   . GLU A 1 11  ? -0.782  0.804   -17.017 1.00 15.82 ? 9   GLU A C   1 
ATOM   53   O O   . GLU A 1 11  ? -1.770  1.508   -17.238 1.00 15.37 ? 9   GLU A O   1 
ATOM   54   C CB  . GLU A 1 11  ? -1.574  -0.759  -15.244 1.00 16.14 ? 9   GLU A CB  1 
ATOM   55   C CG  . GLU A 1 11  ? -1.457  -1.376  -13.854 1.00 18.91 ? 9   GLU A CG  1 
ATOM   56   C CD  . GLU A 1 11  ? -2.690  -2.218  -13.504 1.00 21.68 ? 9   GLU A CD  1 
ATOM   57   O OE1 . GLU A 1 11  ? -3.700  -1.694  -12.986 1.00 22.62 ? 9   GLU A OE1 1 
ATOM   58   O OE2 . GLU A 1 11  ? -2.684  -3.448  -13.767 1.00 26.03 ? 9   GLU A OE2 1 
ATOM   59   N N   . ALA A 1 12  ? 0.092   0.440   -17.962 1.00 16.06 ? 10  ALA A N   1 
ATOM   60   C CA  . ALA A 1 12  ? -0.126  0.705   -19.396 1.00 16.90 ? 10  ALA A CA  1 
ATOM   61   C C   . ALA A 1 12  ? -0.899  -0.468  -19.988 1.00 17.67 ? 10  ALA A C   1 
ATOM   62   O O   . ALA A 1 12  ? -0.420  -1.614  -19.942 1.00 18.44 ? 10  ALA A O   1 
ATOM   63   C CB  . ALA A 1 12  ? 1.199   0.870   -20.100 1.00 17.78 ? 10  ALA A CB  1 
ATOM   64   N N   . ILE A 1 13  ? -2.084  -0.168  -20.521 1.00 16.96 ? 11  ILE A N   1 
ATOM   65   C CA  . ILE A 1 13  ? -3.017  -1.185  -21.011 1.00 18.17 ? 11  ILE A CA  1 
ATOM   66   C C   . ILE A 1 13  ? -2.810  -1.411  -22.515 1.00 17.32 ? 11  ILE A C   1 
ATOM   67   O O   . ILE A 1 13  ? -2.710  -0.454  -23.281 1.00 17.24 ? 11  ILE A O   1 
ATOM   68   C CB  . ILE A 1 13  ? -4.491  -0.799  -20.744 1.00 18.64 ? 11  ILE A CB  1 
ATOM   69   C CG1 . ILE A 1 13  ? -4.730  -0.486  -19.244 1.00 21.23 ? 11  ILE A CG1 1 
ATOM   70   C CG2 . ILE A 1 13  ? -5.459  -1.904  -21.236 1.00 19.05 ? 11  ILE A CG2 1 
ATOM   71   C CD1 . ILE A 1 13  ? -4.355  -1.643  -18.307 1.00 23.94 ? 11  ILE A CD1 1 
ATOM   72   N N   . TYR A 1 14  ? -2.671  -2.680  -22.908 1.00 17.10 ? 12  TYR A N   1 
ATOM   73   C CA  . TYR A 1 14  ? -2.622  -3.046  -24.331 1.00 17.35 ? 12  TYR A CA  1 
ATOM   74   C C   . TYR A 1 14  ? -3.986  -3.660  -24.691 1.00 17.59 ? 12  TYR A C   1 
ATOM   75   O O   . TYR A 1 14  ? -4.412  -4.606  -24.019 1.00 18.43 ? 12  TYR A O   1 
ATOM   76   C CB  . TYR A 1 14  ? -1.469  -4.029  -24.600 1.00 16.74 ? 12  TYR A CB  1 
ATOM   77   C CG  . TYR A 1 14  ? -1.426  -4.446  -26.069 1.00 17.38 ? 12  TYR A CG  1 
ATOM   78   C CD1 . TYR A 1 14  ? -0.805  -3.638  -27.025 1.00 15.78 ? 12  TYR A CD1 1 
ATOM   79   C CD2 . TYR A 1 14  ? -2.073  -5.609  -26.486 1.00 19.95 ? 12  TYR A CD2 1 
ATOM   80   C CE1 . TYR A 1 14  ? -0.798  -3.999  -28.387 1.00 16.70 ? 12  TYR A CE1 1 
ATOM   81   C CE2 . TYR A 1 14  ? -2.070  -5.987  -27.823 1.00 16.83 ? 12  TYR A CE2 1 
ATOM   82   C CZ  . TYR A 1 14  ? -1.448  -5.173  -28.762 1.00 18.89 ? 12  TYR A CZ  1 
ATOM   83   O OH  . TYR A 1 14  ? -1.470  -5.538  -30.094 1.00 18.82 ? 12  TYR A OH  1 
ATOM   84   N N   . PRO A 1 15  ? -4.632  -3.179  -25.768 1.00 17.85 ? 13  PRO A N   1 
ATOM   85   C CA  . PRO A 1 15  ? -4.120  -2.275  -26.818 1.00 18.13 ? 13  PRO A CA  1 
ATOM   86   C C   . PRO A 1 15  ? -3.960  -0.788  -26.486 1.00 18.66 ? 13  PRO A C   1 
ATOM   87   O O   . PRO A 1 15  ? -3.128  -0.123  -27.101 1.00 18.57 ? 13  PRO A O   1 
ATOM   88   C CB  . PRO A 1 15  ? -5.137  -2.445  -27.961 1.00 18.76 ? 13  PRO A CB  1 
ATOM   89   C CG  . PRO A 1 15  ? -6.345  -3.015  -27.324 1.00 17.99 ? 13  PRO A CG  1 
ATOM   90   C CD  . PRO A 1 15  ? -5.932  -3.789  -26.152 1.00 18.94 ? 13  PRO A CD  1 
ATOM   91   N N   . LYS A 1 16  ? -4.755  -0.279  -25.546 1.00 19.94 ? 14  LYS A N   1 
ATOM   92   C CA  . LYS A 1 16  ? -4.860  1.160   -25.338 1.00 21.30 ? 14  LYS A CA  1 
ATOM   93   C C   . LYS A 1 16  ? -5.159  1.463   -23.894 1.00 20.49 ? 14  LYS A C   1 
ATOM   94   O O   . LYS A 1 16  ? -5.971  0.783   -23.302 1.00 20.82 ? 14  LYS A O   1 
ATOM   95   C CB  . LYS A 1 16  ? -6.044  1.727   -26.143 1.00 22.07 ? 14  LYS A CB  1 
ATOM   96   C CG  . LYS A 1 16  ? -5.803  1.986   -27.620 1.00 26.68 ? 14  LYS A CG  1 
ATOM   97   C CD  . LYS A 1 16  ? -6.705  3.131   -28.123 1.00 29.90 ? 14  LYS A CD  1 
ATOM   98   C CE  . LYS A 1 16  ? -6.039  4.504   -28.022 1.00 31.88 ? 14  LYS A CE  1 
ATOM   99   N NZ  . LYS A 1 16  ? -6.874  5.551   -28.719 1.00 34.67 ? 14  LYS A NZ  1 
ATOM   100  N N   . GLY A 1 17  ? -4.532  2.495   -23.352 1.00 20.28 ? 15  GLY A N   1 
ATOM   101  C CA  . GLY A 1 17  ? -5.061  3.069   -22.133 1.00 19.91 ? 15  GLY A CA  1 
ATOM   102  C C   . GLY A 1 17  ? -4.124  3.103   -20.955 1.00 17.97 ? 15  GLY A C   1 
ATOM   103  O O   . GLY A 1 17  ? -2.983  2.642   -21.000 1.00 17.62 ? 15  GLY A O   1 
ATOM   104  N N   . LEU A 1 18  ? -4.646  3.705   -19.895 1.00 16.26 ? 16  LEU A N   1 
ATOM   105  C CA  . LEU A 1 18  ? -3.908  3.850   -18.665 1.00 14.80 ? 16  LEU A CA  1 
ATOM   106  C C   . LEU A 1 18  ? -4.822  3.525   -17.478 1.00 14.06 ? 16  LEU A C   1 
ATOM   107  O O   . LEU A 1 18  ? -5.955  3.939   -17.457 1.00 14.17 ? 16  LEU A O   1 
ATOM   108  C CB  . LEU A 1 18  ? -3.374  5.276   -18.577 1.00 14.90 ? 16  LEU A CB  1 
ATOM   109  C CG  . LEU A 1 18  ? -2.845  5.668   -17.205 1.00 16.64 ? 16  LEU A CG  1 
ATOM   110  C CD1 . LEU A 1 18  ? -1.529  4.995   -16.917 1.00 16.54 ? 16  LEU A CD1 1 
ATOM   111  C CD2 . LEU A 1 18  ? -2.657  7.180   -17.150 1.00 17.69 ? 16  LEU A CD2 1 
ATOM   112  N N   . ARG A 1 19  ? -4.318  2.763   -16.504 1.00 13.56 ? 17  ARG A N   1 
ATOM   113  C CA  . ARG A 1 19  ? -5.074  2.479   -15.277 1.00 13.39 ? 17  ARG A CA  1 
ATOM   114  C C   . ARG A 1 19  ? -4.193  2.918   -14.107 1.00 13.57 ? 17  ARG A C   1 
ATOM   115  O O   . ARG A 1 19  ? -3.026  2.555   -14.048 1.00 14.67 ? 17  ARG A O   1 
ATOM   116  C CB  . ARG A 1 19  ? -5.439  0.984   -15.177 1.00 14.85 ? 17  ARG A CB  1 
ATOM   117  C CG  . ARG A 1 19  ? -6.384  0.654   -14.065 1.00 16.12 ? 17  ARG A CG  1 
ATOM   118  C CD  . ARG A 1 19  ? -7.051  -0.680  -14.311 1.00 21.19 ? 17  ARG A CD  1 
ATOM   119  N NE  . ARG A 1 19  ? -6.052  -1.737  -14.360 1.00 22.44 ? 17  ARG A NE  1 
ATOM   120  C CZ  . ARG A 1 19  ? -6.218  -2.911  -14.955 1.00 25.25 ? 17  ARG A CZ  1 
ATOM   121  N NH1 . ARG A 1 19  ? -7.347  -3.184  -15.591 1.00 26.06 ? 17  ARG A NH1 1 
ATOM   122  N NH2 . ARG A 1 19  ? -5.238  -3.806  -14.918 1.00 25.04 ? 17  ARG A NH2 1 
ATOM   123  N N   . VAL A 1 20  ? -4.761  3.684   -13.183 1.00 12.64 ? 18  VAL A N   1 
ATOM   124  C CA  . VAL A 1 20  ? -4.033  4.117   -11.979 1.00 13.35 ? 18  VAL A CA  1 
ATOM   125  C C   . VAL A 1 20  ? -4.906  3.792   -10.777 1.00 12.73 ? 18  VAL A C   1 
ATOM   126  O O   . VAL A 1 20  ? -6.061  4.144   -10.762 1.00 14.30 ? 18  VAL A O   1 
ATOM   127  C CB  . VAL A 1 20  ? -3.818  5.637   -11.986 1.00 13.35 ? 18  VAL A CB  1 
ATOM   128  C CG1 . VAL A 1 20  ? -3.023  6.042   -10.732 1.00 14.30 ? 18  VAL A CG1 1 
ATOM   129  C CG2 . VAL A 1 20  ? -3.097  6.103   -13.243 1.00 14.17 ? 18  VAL A CG2 1 
ATOM   130  N N   . SER A 1 21  ? -4.357  3.141   -9.755  1.00 12.93 ? 19  SER A N   1 
ATOM   131  C CA  . SER A 1 21  ? -5.209  2.726   -8.636  1.00 12.52 ? 19  SER A CA  1 
ATOM   132  C C   . SER A 1 21  ? -4.470  2.667   -7.330  1.00 12.86 ? 19  SER A C   1 
ATOM   133  O O   . SER A 1 21  ? -3.253  2.577   -7.312  1.00 12.07 ? 19  SER A O   1 
ATOM   134  C CB  . SER A 1 21  ? -5.899  1.361   -8.881  1.00 13.40 ? 19  SER A CB  1 
ATOM   135  O OG  . SER A 1 21  ? -4.937  0.352   -9.018  1.00 14.43 ? 19  SER A OG  1 
ATOM   136  N N   . ILE A 1 22  ? -5.245  2.729   -6.257  1.00 11.61 ? 20  ILE A N   1 
ATOM   137  C CA  . ILE A 1 22  ? -4.730  2.498   -4.894  1.00 11.39 ? 20  ILE A CA  1 
ATOM   138  C C   . ILE A 1 22  ? -5.701  1.626   -4.130  1.00 11.98 ? 20  ILE A C   1 
ATOM   139  O O   . ILE A 1 22  ? -6.897  1.605   -4.410  1.00 11.95 ? 20  ILE A O   1 
ATOM   140  C CB  . ILE A 1 22  ? -4.567  3.825   -4.061  1.00 10.80 ? 20  ILE A CB  1 
ATOM   141  C CG1 . ILE A 1 22  ? -5.871  4.629   -4.078  1.00 12.71 ? 20  ILE A CG1 1 
ATOM   142  C CG2 . ILE A 1 22  ? -3.378  4.660   -4.577  1.00 10.57 ? 20  ILE A CG2 1 
ATOM   143  C CD1 . ILE A 1 22  ? -5.973  5.694   -2.970  1.00 14.66 ? 20  ILE A CD1 1 
ATOM   144  N N   . PRO A 1 23  ? -5.191  0.926   -3.108  1.00 13.04 ? 21  PRO A N   1 
ATOM   145  C CA  . PRO A 1 23  ? -6.053  0.175   -2.219  1.00 13.98 ? 21  PRO A CA  1 
ATOM   146  C C   . PRO A 1 23  ? -6.788  1.135   -1.273  1.00 14.71 ? 21  PRO A C   1 
ATOM   147  O O   . PRO A 1 23  ? -6.171  2.100   -0.797  1.00 15.74 ? 21  PRO A O   1 
ATOM   148  C CB  . PRO A 1 23  ? -5.058  -0.749  -1.465  1.00 13.83 ? 21  PRO A CB  1 
ATOM   149  C CG  . PRO A 1 23  ? -3.764  0.001   -1.470  1.00 14.83 ? 21  PRO A CG  1 
ATOM   150  C CD  . PRO A 1 23  ? -3.763  0.692   -2.841  1.00 13.32 ? 21  PRO A CD  1 
ATOM   151  N N   . ASP A 1 24  ? -8.073  0.891   -1.050  1.00 15.28 ? 22  ASP A N   1 
ATOM   152  C CA  . ASP A 1 24  ? -8.866  1.654   -0.066  1.00 15.60 ? 22  ASP A CA  1 
ATOM   153  C C   . ASP A 1 24  ? -8.437  1.351   1.350   1.00 17.24 ? 22  ASP A C   1 
ATOM   154  O O   . ASP A 1 24  ? -8.015  0.227   1.680   1.00 17.33 ? 22  ASP A O   1 
ATOM   155  C CB  . ASP A 1 24  ? -10.360 1.378   -0.263  1.00 16.51 ? 22  ASP A CB  1 
ATOM   156  C CG  . ASP A 1 24  ? -11.260 2.402   0.397   1.00 18.23 ? 22  ASP A CG  1 
ATOM   157  O OD1 . ASP A 1 24  ? -10.815 3.534   0.694   1.00 16.01 ? 22  ASP A OD1 1 
ATOM   158  O OD2 . ASP A 1 24  ? -12.459 2.084   0.574   1.00 21.45 ? 22  ASP A OD2 1 
ATOM   159  N N   . ASP A 1 25  ? -8.533  2.380   2.187   1.00 16.26 ? 23  ASP A N   1 
ATOM   160  C CA  . ASP A 1 25  ? -8.375  2.233   3.634   1.00 17.22 ? 23  ASP A CA  1 
ATOM   161  C C   . ASP A 1 25  ? -9.340  3.227   4.293   1.00 16.75 ? 23  ASP A C   1 
ATOM   162  O O   . ASP A 1 25  ? -8.892  4.132   5.038   1.00 17.21 ? 23  ASP A O   1 
ATOM   163  C CB  . ASP A 1 25  ? -6.925  2.482   4.057   1.00 18.36 ? 23  ASP A CB  1 
ATOM   164  C CG  . ASP A 1 25  ? -6.641  2.071   5.508   1.00 20.53 ? 23  ASP A CG  1 
ATOM   165  O OD1 . ASP A 1 25  ? -7.449  1.353   6.141   1.00 23.34 ? 23  ASP A OD1 1 
ATOM   166  O OD2 . ASP A 1 25  ? -5.575  2.472   6.005   1.00 27.42 ? 23  ASP A OD2 1 
ATOM   167  N N   . GLY A 1 26  ? -10.629 3.061   3.999   1.00 16.61 ? 24  GLY A N   1 
ATOM   168  C CA  . GLY A 1 26  ? -11.704 3.930   4.506   1.00 16.54 ? 24  GLY A CA  1 
ATOM   169  C C   . GLY A 1 26  ? -11.600 5.356   3.997   1.00 15.83 ? 24  GLY A C   1 
ATOM   170  O O   . GLY A 1 26  ? -11.879 6.304   4.723   1.00 17.49 ? 24  GLY A O   1 
ATOM   171  N N   . PHE A 1 27  ? -11.177 5.509   2.752   1.00 14.47 ? 25  PHE A N   1 
ATOM   172  C CA  . PHE A 1 27  ? -11.125 6.838   2.118   1.00 13.26 ? 25  PHE A CA  1 
ATOM   173  C C   . PHE A 1 27  ? -12.470 7.304   1.571   1.00 13.30 ? 25  PHE A C   1 
ATOM   174  O O   . PHE A 1 27  ? -13.448 6.526   1.438   1.00 15.08 ? 25  PHE A O   1 
ATOM   175  C CB  . PHE A 1 27  ? -10.090 6.857   0.986   1.00 13.19 ? 25  PHE A CB  1 
ATOM   176  C CG  . PHE A 1 27  ? -8.720  6.342   1.373   1.00 13.56 ? 25  PHE A CG  1 
ATOM   177  C CD1 . PHE A 1 27  ? -8.140  6.690   2.589   1.00 16.80 ? 25  PHE A CD1 1 
ATOM   178  C CD2 . PHE A 1 27  ? -7.986  5.540   0.504   1.00 12.90 ? 25  PHE A CD2 1 
ATOM   179  C CE1 . PHE A 1 27  ? -6.879  6.225   2.942   1.00 18.16 ? 25  PHE A CE1 1 
ATOM   180  C CE2 . PHE A 1 27  ? -6.723  5.101   0.831   1.00 14.74 ? 25  PHE A CE2 1 
ATOM   181  C CZ  . PHE A 1 27  ? -6.152  5.431   2.070   1.00 15.79 ? 25  PHE A CZ  1 
ATOM   182  N N   . SER A 1 28  ? -12.546 8.591   1.235   1.00 13.05 ? 26  SER A N   1 
ATOM   183  C CA  . SER A 1 28  ? -13.757 9.167   0.641   1.00 13.00 ? 26  SER A CA  1 
ATOM   184  C C   . SER A 1 28  ? -13.616 9.639   -0.806  1.00 13.39 ? 26  SER A C   1 
ATOM   185  O O   . SER A 1 28  ? -14.623 9.852   -1.498  1.00 14.48 ? 26  SER A O   1 
ATOM   186  C CB  . SER A 1 28  ? -14.247 10.384  1.458   1.00 12.73 ? 26  SER A CB  1 
ATOM   187  O OG  . SER A 1 28  ? -14.425 10.047  2.813   1.00 14.97 ? 26  SER A OG  1 
ATOM   188  N N   . LEU A 1 29  ? -12.369 9.879   -1.229  1.00 13.04 ? 27  LEU A N   1 
ATOM   189  C CA  . LEU A 1 29  ? -12.059 10.410  -2.562  1.00 12.74 ? 27  LEU A CA  1 
ATOM   190  C C   . LEU A 1 29  ? -10.629 10.072  -2.935  1.00 12.79 ? 27  LEU A C   1 
ATOM   191  O O   . LEU A 1 29  ? -9.732  10.081  -2.089  1.00 12.07 ? 27  LEU A O   1 
ATOM   192  C CB  . LEU A 1 29  ? -12.253 11.957  -2.605  1.00 13.37 ? 27  LEU A CB  1 
ATOM   193  C CG  . LEU A 1 29  ? -11.944 12.703  -3.901  1.00 15.46 ? 27  LEU A CG  1 
ATOM   194  C CD1 . LEU A 1 29  ? -12.988 13.820  -4.072  1.00 17.63 ? 27  LEU A CD1 1 
ATOM   195  C CD2 . LEU A 1 29  ? -10.544 13.235  -3.997  1.00 16.39 ? 27  LEU A CD2 1 
ATOM   196  N N   . PHE A 1 30  ? -10.416 9.757   -4.212  1.00 10.92 ? 28  PHE A N   1 
ATOM   197  C CA  . PHE A 1 30  ? -9.070  9.605   -4.767  1.00 11.72 ? 28  PHE A CA  1 
ATOM   198  C C   . PHE A 1 30  ? -8.991  10.403  -6.032  1.00 12.50 ? 28  PHE A C   1 
ATOM   199  O O   . PHE A 1 30  ? -9.821  10.250  -6.898  1.00 13.56 ? 28  PHE A O   1 
ATOM   200  C CB  . PHE A 1 30  ? -8.765  8.135   -5.048  1.00 10.77 ? 28  PHE A CB  1 
ATOM   201  C CG  . PHE A 1 30  ? -7.518  7.889   -5.859  1.00 11.75 ? 28  PHE A CG  1 
ATOM   202  C CD1 . PHE A 1 30  ? -6.249  8.125   -5.316  1.00 10.81 ? 28  PHE A CD1 1 
ATOM   203  C CD2 . PHE A 1 30  ? -7.611  7.329   -7.138  1.00 12.22 ? 28  PHE A CD2 1 
ATOM   204  C CE1 . PHE A 1 30  ? -5.086  7.887   -6.056  1.00 11.76 ? 28  PHE A CE1 1 
ATOM   205  C CE2 . PHE A 1 30  ? -6.437  7.036   -7.880  1.00 14.30 ? 28  PHE A CE2 1 
ATOM   206  C CZ  . PHE A 1 30  ? -5.183  7.318   -7.341  1.00 13.43 ? 28  PHE A CZ  1 
ATOM   207  N N   . ALA A 1 31  ? -7.972  11.259  -6.151  1.00 12.67 ? 29  ALA A N   1 
ATOM   208  C CA  . ALA A 1 31  ? -7.807  11.992  -7.402  1.00 14.08 ? 29  ALA A CA  1 
ATOM   209  C C   . ALA A 1 31  ? -6.459  11.684  -8.019  1.00 13.68 ? 29  ALA A C   1 
ATOM   210  O O   . ALA A 1 31  ? -5.465  11.534  -7.316  1.00 13.74 ? 29  ALA A O   1 
ATOM   211  C CB  . ALA A 1 31  ? -7.925  13.486  -7.155  1.00 14.42 ? 29  ALA A CB  1 
ATOM   212  N N   . PHE A 1 32  ? -6.445  11.584  -9.344  1.00 12.60 ? 30  PHE A N   1 
ATOM   213  C CA  . PHE A 1 32  ? -5.244  11.411  -10.117 1.00 11.90 ? 30  PHE A CA  1 
ATOM   214  C C   . PHE A 1 32  ? -5.008  12.605  -11.020 1.00 11.93 ? 30  PHE A C   1 
ATOM   215  O O   . PHE A 1 32  ? -5.927  13.041  -11.727 1.00 12.64 ? 30  PHE A O   1 
ATOM   216  C CB  . PHE A 1 32  ? -5.348  10.155  -11.007 1.00 12.79 ? 30  PHE A CB  1 
ATOM   217  C CG  . PHE A 1 32  ? -4.150  9.952   -11.862 1.00 13.13 ? 30  PHE A CG  1 
ATOM   218  C CD1 . PHE A 1 32  ? -2.928  9.585   -11.298 1.00 13.07 ? 30  PHE A CD1 1 
ATOM   219  C CD2 . PHE A 1 32  ? -4.244  10.138  -13.255 1.00 15.31 ? 30  PHE A CD2 1 
ATOM   220  C CE1 . PHE A 1 32  ? -1.793  9.375   -12.091 1.00 14.54 ? 30  PHE A CE1 1 
ATOM   221  C CE2 . PHE A 1 32  ? -3.109  9.955   -14.059 1.00 14.80 ? 30  PHE A CE2 1 
ATOM   222  C CZ  . PHE A 1 32  ? -1.896  9.580   -13.491 1.00 15.06 ? 30  PHE A CZ  1 
ATOM   223  N N   . HIS A 1 33  ? -3.773  13.107  -10.997 1.00 12.07 ? 31  HIS A N   1 
ATOM   224  C CA  . HIS A 1 33  ? -3.339  14.199  -11.881 1.00 12.80 ? 31  HIS A CA  1 
ATOM   225  C C   . HIS A 1 33  ? -2.050  13.809  -12.550 1.00 13.24 ? 31  HIS A C   1 
ATOM   226  O O   . HIS A 1 33  ? -1.063  13.564  -11.882 1.00 14.41 ? 31  HIS A O   1 
ATOM   227  C CB  . HIS A 1 33  ? -3.145  15.477  -11.050 1.00 12.66 ? 31  HIS A CB  1 
ATOM   228  C CG  . HIS A 1 33  ? -4.401  15.940  -10.401 1.00 13.27 ? 31  HIS A CG  1 
ATOM   229  N ND1 . HIS A 1 33  ? -5.357  16.657  -11.087 1.00 17.13 ? 31  HIS A ND1 1 
ATOM   230  C CD2 . HIS A 1 33  ? -4.896  15.742  -9.157  1.00 12.38 ? 31  HIS A CD2 1 
ATOM   231  C CE1 . HIS A 1 33  ? -6.366  16.919  -10.278 1.00 17.41 ? 31  HIS A CE1 1 
ATOM   232  N NE2 . HIS A 1 33  ? -6.117  16.364  -9.108  1.00 15.67 ? 31  HIS A NE2 1 
ATOM   233  N N   . GLY A 1 34  ? -2.047  13.717  -13.890 1.00 13.47 ? 32  GLY A N   1 
ATOM   234  C CA  . GLY A 1 34  ? -0.860  13.179  -14.565 1.00 13.49 ? 32  GLY A CA  1 
ATOM   235  C C   . GLY A 1 34  ? -0.553  13.906  -15.867 1.00 14.92 ? 32  GLY A C   1 
ATOM   236  O O   . GLY A 1 34  ? -1.454  14.475  -16.441 1.00 14.67 ? 32  GLY A O   1 
ATOM   237  N N   . LYS A 1 35  ? 0.722   13.959  -16.235 1.00 16.09 ? 33  LYS A N   1 
ATOM   238  C CA  . LYS A 1 35  ? 1.175   14.539  -17.513 1.00 17.66 ? 33  LYS A CA  1 
ATOM   239  C C   . LYS A 1 35  ? 2.099   13.544  -18.184 1.00 19.23 ? 33  LYS A C   1 
ATOM   240  O O   . LYS A 1 35  ? 2.895   12.866  -17.523 1.00 18.74 ? 33  LYS A O   1 
ATOM   241  C CB  . LYS A 1 35  ? 1.910   15.873  -17.315 1.00 18.29 ? 33  LYS A CB  1 
ATOM   242  C CG  . LYS A 1 35  ? 1.014   17.001  -16.895 1.00 17.56 ? 33  LYS A CG  1 
ATOM   243  C CD  . LYS A 1 35  ? 1.862   18.248  -16.526 1.00 18.09 ? 33  LYS A CD  1 
ATOM   244  C CE  . LYS A 1 35  ? 2.278   19.012  -17.762 1.00 20.48 ? 33  LYS A CE  1 
ATOM   245  N NZ  . LYS A 1 35  ? 3.164   20.170  -17.370 1.00 22.49 ? 33  LYS A NZ  1 
ATOM   246  N N   . LEU A 1 36  ? 2.001   13.483  -19.513 1.00 20.61 ? 34  LEU A N   1 
ATOM   247  C CA  . LEU A 1 36  ? 2.819   12.584  -20.312 1.00 22.08 ? 34  LEU A CA  1 
ATOM   248  C C   . LEU A 1 36  ? 4.061   13.262  -20.887 1.00 21.76 ? 34  LEU A C   1 
ATOM   249  O O   . LEU A 1 36  ? 3.975   14.244  -21.647 1.00 22.90 ? 34  LEU A O   1 
ATOM   250  C CB  . LEU A 1 36  ? 1.961   12.026  -21.438 1.00 22.25 ? 34  LEU A CB  1 
ATOM   251  C CG  . LEU A 1 36  ? 2.696   11.163  -22.476 1.00 23.97 ? 34  LEU A CG  1 
ATOM   252  C CD1 . LEU A 1 36  ? 3.284   9.866   -21.880 1.00 23.03 ? 34  LEU A CD1 1 
ATOM   253  C CD2 . LEU A 1 36  ? 1.730   10.857  -23.626 1.00 26.33 ? 34  LEU A CD2 1 
ATOM   254  N N   . ASN A 1 37  ? 5.214   12.727  -20.499 1.00 22.76 ? 35  ASN A N   1 
ATOM   255  C CA  . ASN A 1 37  ? 6.511   13.163  -21.007 1.00 23.92 ? 35  ASN A CA  1 
ATOM   256  C C   . ASN A 1 37  ? 6.899   14.588  -20.700 1.00 24.66 ? 35  ASN A C   1 
ATOM   257  O O   . ASN A 1 37  ? 7.831   15.138  -21.315 1.00 25.55 ? 35  ASN A O   1 
ATOM   258  C CB  . ASN A 1 37  ? 6.583   12.868  -22.501 1.00 24.11 ? 35  ASN A CB  1 
ATOM   259  C CG  . ASN A 1 37  ? 6.662   11.408  -22.748 1.00 24.05 ? 35  ASN A CG  1 
ATOM   260  O OD1 . ASN A 1 37  ? 7.296   10.700  -21.972 1.00 22.65 ? 35  ASN A OD1 1 
ATOM   261  N ND2 . ASN A 1 37  ? 6.011   10.933  -23.793 1.00 26.03 ? 35  ASN A ND2 1 
ATOM   262  N N   . GLU A 1 38  ? 6.179   15.175  -19.739 1.00 23.72 ? 36  GLU A N   1 
ATOM   263  C CA  . GLU A 1 38  ? 6.419   16.542  -19.302 1.00 23.58 ? 36  GLU A CA  1 
ATOM   264  C C   . GLU A 1 38  ? 6.200   16.603  -17.806 1.00 22.10 ? 36  GLU A C   1 
ATOM   265  O O   . GLU A 1 38  ? 5.145   16.155  -17.308 1.00 21.79 ? 36  GLU A O   1 
ATOM   266  C CB  . GLU A 1 38  ? 5.491   17.517  -20.012 1.00 22.76 ? 36  GLU A CB  1 
ATOM   267  C CG  . GLU A 1 38  ? 5.695   18.971  -19.500 1.00 26.69 ? 36  GLU A CG  1 
ATOM   268  C CD  . GLU A 1 38  ? 5.050   20.027  -20.368 1.00 27.39 ? 36  GLU A CD  1 
ATOM   269  O OE1 . GLU A 1 38  ? 5.620   20.338  -21.448 1.00 34.08 ? 36  GLU A OE1 1 
ATOM   270  O OE2 . GLU A 1 38  ? 3.997   20.571  -19.972 1.00 23.66 ? 36  GLU A OE2 1 
ATOM   271  N N   . GLU A 1 39  ? 7.195   17.133  -17.095 1.00 21.20 ? 37  GLU A N   1 
ATOM   272  C CA  . GLU A 1 39  ? 7.160   17.216  -15.635 1.00 21.02 ? 37  GLU A CA  1 
ATOM   273  C C   . GLU A 1 39  ? 5.976   18.057  -15.185 1.00 18.70 ? 37  GLU A C   1 
ATOM   274  O O   . GLU A 1 39  ? 5.488   18.902  -15.933 1.00 19.44 ? 37  GLU A O   1 
ATOM   275  C CB  . GLU A 1 39  ? 8.457   17.828  -15.085 1.00 21.71 ? 37  GLU A CB  1 
ATOM   276  C CG  . GLU A 1 39  ? 9.693   16.952  -15.268 1.00 26.47 ? 37  GLU A CG  1 
ATOM   277  C CD  . GLU A 1 39  ? 10.768  17.230  -14.234 1.00 33.67 ? 37  GLU A CD  1 
ATOM   278  O OE1 . GLU A 1 39  ? 10.616  16.743  -13.088 1.00 37.84 ? 37  GLU A OE1 1 
ATOM   279  O OE2 . GLU A 1 39  ? 11.767  17.915  -14.562 1.00 36.82 ? 37  GLU A OE2 1 
ATOM   280  N N   . MET A 1 40  ? 5.512   17.797  -13.965 1.00 17.78 ? 38  MET A N   1 
ATOM   281  C CA  . MET A 1 40  ? 4.586   18.707  -13.310 1.00 16.93 ? 38  MET A CA  1 
ATOM   282  C C   . MET A 1 40  ? 5.284   19.987  -12.927 1.00 16.12 ? 38  MET A C   1 
ATOM   283  O O   . MET A 1 40  ? 6.299   19.951  -12.239 1.00 16.87 ? 38  MET A O   1 
ATOM   284  C CB  . MET A 1 40  ? 4.015   18.050  -12.063 1.00 14.95 ? 38  MET A CB  1 
ATOM   285  C CG  . MET A 1 40  ? 2.943   16.985  -12.396 1.00 16.17 ? 38  MET A CG  1 
ATOM   286  S SD  . MET A 1 40  ? 1.385   17.790  -12.700 1.00 15.30 ? 38  MET A SD  1 
ATOM   287  C CE  . MET A 1 40  ? 0.224   16.436  -13.026 1.00 16.43 ? 38  MET A CE  1 
ATOM   288  N N   . ASP A 1 41  ? 4.705   21.114  -13.346 1.00 15.52 ? 39  ASP A N   1 
ATOM   289  C CA  . ASP A 1 41  ? 5.160   22.425  -12.878 1.00 15.36 ? 39  ASP A CA  1 
ATOM   290  C C   . ASP A 1 41  ? 4.196   22.893  -11.795 1.00 13.39 ? 39  ASP A C   1 
ATOM   291  O O   . ASP A 1 41  ? 3.170   23.502  -12.069 1.00 13.81 ? 39  ASP A O   1 
ATOM   292  C CB  . ASP A 1 41  ? 5.212   23.390  -14.057 1.00 15.41 ? 39  ASP A CB  1 
ATOM   293  C CG  . ASP A 1 41  ? 6.176   22.913  -15.118 1.00 18.23 ? 39  ASP A CG  1 
ATOM   294  O OD1 . ASP A 1 41  ? 7.390   22.772  -14.796 1.00 26.07 ? 39  ASP A OD1 1 
ATOM   295  O OD2 . ASP A 1 41  ? 5.730   22.589  -16.234 1.00 18.52 ? 39  ASP A OD2 1 
ATOM   296  N N   . GLY A 1 42  ? 4.548   22.593  -10.538 1.00 14.57 ? 40  GLY A N   1 
ATOM   297  C CA  . GLY A 1 42  ? 3.583   22.715  -9.455  1.00 13.92 ? 40  GLY A CA  1 
ATOM   298  C C   . GLY A 1 42  ? 2.471   21.667  -9.498  1.00 13.65 ? 40  GLY A C   1 
ATOM   299  O O   . GLY A 1 42  ? 2.625   20.593  -10.075 1.00 14.46 ? 40  GLY A O   1 
ATOM   300  N N   . LEU A 1 43  ? 1.363   21.997  -8.847  1.00 13.11 ? 41  LEU A N   1 
ATOM   301  C CA  . LEU A 1 43  ? 0.229   21.078  -8.697  1.00 14.00 ? 41  LEU A CA  1 
ATOM   302  C C   . LEU A 1 43  ? -0.765  21.270  -9.840  1.00 14.50 ? 41  LEU A C   1 
ATOM   303  O O   . LEU A 1 43  ? -1.915  21.662  -9.653  1.00 14.95 ? 41  LEU A O   1 
ATOM   304  C CB  . LEU A 1 43  ? -0.425  21.275  -7.308  1.00 14.57 ? 41  LEU A CB  1 
ATOM   305  C CG  . LEU A 1 43  ? 0.530   21.107  -6.121  1.00 16.09 ? 41  LEU A CG  1 
ATOM   306  C CD1 . LEU A 1 43  ? -0.260  21.346  -4.838  1.00 20.95 ? 41  LEU A CD1 1 
ATOM   307  C CD2 . LEU A 1 43  ? 1.239   19.748  -6.066  1.00 21.39 ? 41  LEU A CD2 1 
ATOM   308  N N   . GLU A 1 44  ? -0.283  21.027  -11.058 1.00 15.57 ? 42  GLU A N   1 
ATOM   309  C CA  . GLU A 1 44  ? -1.116  21.195  -12.241 1.00 14.56 ? 42  GLU A CA  1 
ATOM   310  C C   . GLU A 1 44  ? -2.190  20.131  -12.314 1.00 15.35 ? 42  GLU A C   1 
ATOM   311  O O   . GLU A 1 44  ? -1.982  18.984  -11.890 1.00 14.74 ? 42  GLU A O   1 
ATOM   312  C CB  . GLU A 1 44  ? -0.282  21.148  -13.517 1.00 14.81 ? 42  GLU A CB  1 
ATOM   313  C CG  . GLU A 1 44  ? 0.548   22.412  -13.710 1.00 14.24 ? 42  GLU A CG  1 
ATOM   314  C CD  . GLU A 1 44  ? 1.572   22.312  -14.824 1.00 15.21 ? 42  GLU A CD  1 
ATOM   315  O OE1 . GLU A 1 44  ? 2.266   21.288  -14.951 1.00 13.05 ? 42  GLU A OE1 1 
ATOM   316  O OE2 . GLU A 1 44  ? 1.692   23.322  -15.575 1.00 15.54 ? 42  GLU A OE2 1 
ATOM   317  N N   . ALA A 1 45  ? -3.338  20.541  -12.851 1.00 15.51 ? 43  ALA A N   1 
ATOM   318  C CA  . ALA A 1 45  ? -4.463  19.609  -12.985 1.00 16.16 ? 43  ALA A CA  1 
ATOM   319  C C   . ALA A 1 45  ? -4.026  18.425  -13.876 1.00 16.02 ? 43  ALA A C   1 
ATOM   320  O O   . ALA A 1 45  ? -4.368  17.279  -13.595 1.00 17.46 ? 43  ALA A O   1 
ATOM   321  C CB  . ALA A 1 45  ? -5.651  20.302  -13.551 1.00 15.92 ? 43  ALA A CB  1 
ATOM   322  N N   . GLY A 1 46  ? -3.263  18.707  -14.937 1.00 16.55 ? 44  GLY A N   1 
ATOM   323  C CA  . GLY A 1 46  ? -2.625  17.673  -15.751 1.00 16.06 ? 44  GLY A CA  1 
ATOM   324  C C   . GLY A 1 46  ? -3.327  17.362  -17.079 1.00 16.98 ? 44  GLY A C   1 
ATOM   325  O O   . GLY A 1 46  ? -4.384  17.913  -17.375 1.00 18.30 ? 44  GLY A O   1 
ATOM   326  N N   . HIS A 1 47  ? -2.692  16.502  -17.871 1.00 17.11 ? 45  HIS A N   1 
ATOM   327  C CA  . HIS A 1 47  ? -3.316  15.911  -19.060 1.00 18.79 ? 45  HIS A CA  1 
ATOM   328  C C   . HIS A 1 47  ? -4.446  14.970  -18.671 1.00 20.71 ? 45  HIS A C   1 
ATOM   329  O O   . HIS A 1 47  ? -5.533  15.023  -19.277 1.00 20.77 ? 45  HIS A O   1 
ATOM   330  C CB  . HIS A 1 47  ? -2.291  15.118  -19.850 1.00 17.88 ? 45  HIS A CB  1 
ATOM   331  C CG  . HIS A 1 47  ? -1.168  15.945  -20.386 1.00 19.52 ? 45  HIS A CG  1 
ATOM   332  N ND1 . HIS A 1 47  ? 0.083   15.424  -20.619 1.00 19.08 ? 45  HIS A ND1 1 
ATOM   333  C CD2 . HIS A 1 47  ? -1.103  17.256  -20.720 1.00 18.98 ? 45  HIS A CD2 1 
ATOM   334  C CE1 . HIS A 1 47  ? 0.872   16.375  -21.092 1.00 20.92 ? 45  HIS A CE1 1 
ATOM   335  N NE2 . HIS A 1 47  ? 0.178   17.498  -21.154 1.00 20.13 ? 45  HIS A NE2 1 
ATOM   336  N N   . TRP A 1 48  ? -4.155  14.092  -17.697 1.00 20.93 ? 46  TRP A N   1 
ATOM   337  C CA  . TRP A 1 48  ? -5.145  13.246  -17.022 1.00 21.48 ? 46  TRP A CA  1 
ATOM   338  C C   . TRP A 1 48  ? -5.536  13.937  -15.710 1.00 21.74 ? 46  TRP A C   1 
ATOM   339  O O   . TRP A 1 48  ? -4.659  14.365  -14.958 1.00 20.84 ? 46  TRP A O   1 
ATOM   340  C CB  . TRP A 1 48  ? -4.563  11.852  -16.740 1.00 21.25 ? 46  TRP A CB  1 
ATOM   341  C CG  . TRP A 1 48  ? -4.132  11.012  -17.967 1.00 20.92 ? 46  TRP A CG  1 
ATOM   342  C CD1 . TRP A 1 48  ? -4.960  10.322  -18.810 1.00 23.99 ? 46  TRP A CD1 1 
ATOM   343  C CD2 . TRP A 1 48  ? -2.790  10.729  -18.418 1.00 22.62 ? 46  TRP A CD2 1 
ATOM   344  N NE1 . TRP A 1 48  ? -4.224  9.656   -19.759 1.00 23.68 ? 46  TRP A NE1 1 
ATOM   345  C CE2 . TRP A 1 48  ? -2.894  9.893   -19.554 1.00 23.00 ? 46  TRP A CE2 1 
ATOM   346  C CE3 . TRP A 1 48  ? -1.518  11.122  -17.999 1.00 21.61 ? 46  TRP A CE3 1 
ATOM   347  C CZ2 . TRP A 1 48  ? -1.779  9.438   -20.256 1.00 23.97 ? 46  TRP A CZ2 1 
ATOM   348  C CZ3 . TRP A 1 48  ? -0.412  10.668  -18.692 1.00 24.73 ? 46  TRP A CZ3 1 
ATOM   349  C CH2 . TRP A 1 48  ? -0.544  9.829   -19.804 1.00 25.91 ? 46  TRP A CH2 1 
ATOM   350  N N   . ALA A 1 49  ? -6.831  14.121  -15.469 1.00 22.38 ? 47  ALA A N   1 
ATOM   351  C CA  . ALA A 1 49  ? -7.308  14.748  -14.235 1.00 22.44 ? 47  ALA A CA  1 
ATOM   352  C C   . ALA A 1 49  ? -8.710  14.287  -13.872 1.00 23.89 ? 47  ALA A C   1 
ATOM   353  O O   . ALA A 1 49  ? -9.692  14.665  -14.545 1.00 24.51 ? 47  ALA A O   1 
ATOM   354  C CB  . ALA A 1 49  ? -7.270  16.254  -14.332 1.00 23.35 ? 47  ALA A CB  1 
ATOM   355  N N   . ARG A 1 50  ? -8.824  13.516  -12.796 1.00 22.06 ? 48  ARG A N   1 
ATOM   356  C CA  . ARG A 1 50  ? -10.153 13.085  -12.355 1.00 22.06 ? 48  ARG A CA  1 
ATOM   357  C C   . ARG A 1 50  ? -10.225 12.845  -10.853 1.00 21.90 ? 48  ARG A C   1 
ATOM   358  O O   . ARG A 1 50  ? -9.272  12.327  -10.248 1.00 19.04 ? 48  ARG A O   1 
ATOM   359  C CB  . ARG A 1 50  ? -10.567 11.822  -13.092 1.00 23.09 ? 48  ARG A CB  1 
ATOM   360  C CG  . ARG A 1 50  ? -12.087 11.638  -13.101 1.00 26.09 ? 48  ARG A CG  1 
ATOM   361  C CD  . ARG A 1 50  ? -12.465 10.342  -13.780 1.00 33.42 ? 48  ARG A CD  1 
ATOM   362  N NE  . ARG A 1 50  ? -11.954 10.263  -15.152 1.00 38.78 ? 48  ARG A NE  1 
ATOM   363  C CZ  . ARG A 1 50  ? -11.818 9.128   -15.833 1.00 40.37 ? 48  ARG A CZ  1 
ATOM   364  N NH1 . ARG A 1 50  ? -12.151 7.972   -15.266 1.00 42.59 ? 48  ARG A NH1 1 
ATOM   365  N NH2 . ARG A 1 50  ? -11.338 9.140   -17.073 1.00 41.91 ? 48  ARG A NH2 1 
ATOM   366  N N   . ASP A 1 51  ? -11.346 13.246  -10.262 1.00 22.26 ? 49  ASP A N   1 
ATOM   367  C CA  . ASP A 1 51  ? -11.681 12.896  -8.883  1.00 23.58 ? 49  ASP A CA  1 
ATOM   368  C C   . ASP A 1 51  ? -12.604 11.678  -8.897  1.00 23.59 ? 49  ASP A C   1 
ATOM   369  O O   . ASP A 1 51  ? -13.619 11.652  -9.621  1.00 25.18 ? 49  ASP A O   1 
ATOM   370  C CB  . ASP A 1 51  ? -12.374 14.065  -8.172  1.00 23.72 ? 49  ASP A CB  1 
ATOM   371  C CG  . ASP A 1 51  ? -11.443 15.231  -7.886  1.00 25.45 ? 49  ASP A CG  1 
ATOM   372  O OD1 . ASP A 1 51  ? -10.243 15.211  -8.253  1.00 29.61 ? 49  ASP A OD1 1 
ATOM   373  O OD2 . ASP A 1 51  ? -11.931 16.223  -7.290  1.00 33.29 ? 49  ASP A OD2 1 
ATOM   374  N N   . ILE A 1 52  ? -12.262 10.668  -8.112  1.00 21.91 ? 50  ILE A N   1 
ATOM   375  C CA  . ILE A 1 52  ? -13.014 9.408   -8.085  1.00 21.92 ? 50  ILE A CA  1 
ATOM   376  C C   . ILE A 1 52  ? -13.633 9.315   -6.721  1.00 21.92 ? 50  ILE A C   1 
ATOM   377  O O   . ILE A 1 52  ? -12.957 9.459   -5.712  1.00 19.50 ? 50  ILE A O   1 
ATOM   378  C CB  . ILE A 1 52  ? -12.118 8.198   -8.386  1.00 21.64 ? 50  ILE A CB  1 
ATOM   379  C CG1 . ILE A 1 52  ? -11.488 8.364   -9.770  1.00 25.02 ? 50  ILE A CG1 1 
ATOM   380  C CG2 . ILE A 1 52  ? -12.852 6.843   -8.213  1.00 23.66 ? 50  ILE A CG2 1 
ATOM   381  C CD1 . ILE A 1 52  ? -10.212 7.710   -9.879  1.00 25.17 ? 50  ILE A CD1 1 
ATOM   382  N N   . THR A 1 53  ? -14.948 9.124   -6.694  1.00 22.31 ? 51  THR A N   1 
ATOM   383  C CA  . THR A 1 53  ? -15.667 9.173   -5.439  1.00 23.47 ? 51  THR A CA  1 
ATOM   384  C C   . THR A 1 53  ? -16.340 7.850   -5.089  1.00 22.95 ? 51  THR A C   1 
ATOM   385  O O   . THR A 1 53  ? -16.970 7.734   -4.042  1.00 23.91 ? 51  THR A O   1 
ATOM   386  C CB  . THR A 1 53  ? -16.698 10.292  -5.470  1.00 23.95 ? 51  THR A CB  1 
ATOM   387  O OG1 . THR A 1 53  ? -17.376 10.325  -4.215  1.00 30.74 ? 51  THR A OG1 1 
ATOM   388  C CG2 . THR A 1 53  ? -17.668 10.045  -6.599  1.00 23.82 ? 51  THR A CG2 1 
ATOM   389  N N   . LYS A 1 54  ? -16.175 6.847   -5.944  1.00 23.59 ? 52  LYS A N   1 
ATOM   390  C CA  . LYS A 1 54  ? -16.598 5.509   -5.593  1.00 24.13 ? 52  LYS A CA  1 
ATOM   391  C C   . LYS A 1 54  ? -15.523 4.467   -5.783  1.00 22.55 ? 52  LYS A C   1 
ATOM   392  O O   . LYS A 1 54  ? -15.042 4.270   -6.898  1.00 23.65 ? 52  LYS A O   1 
ATOM   393  C CB  . LYS A 1 54  ? -17.917 5.116   -6.290  1.00 25.09 ? 52  LYS A CB  1 
ATOM   394  C CG  . LYS A 1 54  ? -19.144 5.551   -5.472  1.00 29.10 ? 52  LYS A CG  1 
ATOM   395  C CD  . LYS A 1 54  ? -19.084 4.940   -4.057  1.00 33.70 ? 52  LYS A CD  1 
ATOM   396  C CE  . LYS A 1 54  ? -19.349 5.960   -2.935  1.00 34.18 ? 52  LYS A CE  1 
ATOM   397  N NZ  . LYS A 1 54  ? -20.795 6.242   -2.726  1.00 36.48 ? 52  LYS A NZ  1 
ATOM   398  N N   . PRO A 1 55  ? -15.149 3.789   -4.682  1.00 21.27 ? 53  PRO A N   1 
ATOM   399  C CA  . PRO A 1 55  ? -14.280 2.638   -4.756  1.00 20.58 ? 53  PRO A CA  1 
ATOM   400  C C   . PRO A 1 55  ? -15.047 1.423   -5.294  1.00 20.85 ? 53  PRO A C   1 
ATOM   401  O O   . PRO A 1 55  ? -16.267 1.377   -5.265  1.00 22.26 ? 53  PRO A O   1 
ATOM   402  C CB  . PRO A 1 55  ? -13.866 2.420   -3.297  1.00 20.30 ? 53  PRO A CB  1 
ATOM   403  C CG  . PRO A 1 55  ? -15.077 2.861   -2.533  1.00 20.62 ? 53  PRO A CG  1 
ATOM   404  C CD  . PRO A 1 55  ? -15.662 3.999   -3.312  1.00 21.70 ? 53  PRO A CD  1 
ATOM   405  N N   . LYS A 1 56  ? -14.301 0.476   -5.823  1.00 19.94 ? 54  LYS A N   1 
ATOM   406  C CA  . LYS A 1 56  ? -14.849 -0.769  -6.321  1.00 21.55 ? 54  LYS A CA  1 
ATOM   407  C C   . LYS A 1 56  ? -13.794 -1.830  -6.068  1.00 20.17 ? 54  LYS A C   1 
ATOM   408  O O   . LYS A 1 56  ? -12.597 -1.635  -6.348  1.00 20.15 ? 54  LYS A O   1 
ATOM   409  C CB  . LYS A 1 56  ? -15.147 -0.673  -7.830  1.00 21.25 ? 54  LYS A CB  1 
ATOM   410  C CG  . LYS A 1 56  ? -16.176 0.393   -8.260  1.00 26.63 ? 54  LYS A CG  1 
ATOM   411  C CD  . LYS A 1 56  ? -17.515 -0.225  -8.652  1.00 33.14 ? 54  LYS A CD  1 
ATOM   412  C CE  . LYS A 1 56  ? -18.582 0.849   -8.888  1.00 35.26 ? 54  LYS A CE  1 
ATOM   413  N NZ  . LYS A 1 56  ? -19.062 1.445   -7.598  1.00 38.35 ? 54  LYS A NZ  1 
ATOM   414  N N   . GLU A 1 57  ? -14.220 -2.956  -5.504  1.00 19.79 ? 55  GLU A N   1 
ATOM   415  C CA  . GLU A 1 57  ? -13.324 -4.111  -5.278  1.00 20.35 ? 55  GLU A CA  1 
ATOM   416  C C   . GLU A 1 57  ? -12.151 -3.781  -4.361  1.00 19.45 ? 55  GLU A C   1 
ATOM   417  O O   . GLU A 1 57  ? -11.045 -4.298  -4.523  1.00 19.40 ? 55  GLU A O   1 
ATOM   418  C CB  . GLU A 1 57  ? -12.837 -4.712  -6.616  1.00 21.32 ? 55  GLU A CB  1 
ATOM   419  C CG  . GLU A 1 57  ? -13.976 -5.330  -7.435  1.00 25.98 ? 55  GLU A CG  1 
ATOM   420  C CD  . GLU A 1 57  ? -13.507 -6.125  -8.633  1.00 31.94 ? 55  GLU A CD  1 
ATOM   421  O OE1 . GLU A 1 57  ? -12.368 -6.643  -8.632  1.00 36.20 ? 55  GLU A OE1 1 
ATOM   422  O OE2 . GLU A 1 57  ? -14.298 -6.242  -9.587  1.00 35.44 ? 55  GLU A OE2 1 
ATOM   423  N N   . GLY A 1 58  ? -12.427 -2.915  -3.388  1.00 18.87 ? 56  GLY A N   1 
ATOM   424  C CA  . GLY A 1 58  ? -11.468 -2.540  -2.364  1.00 18.38 ? 56  GLY A CA  1 
ATOM   425  C C   . GLY A 1 58  ? -10.416 -1.567  -2.856  1.00 16.72 ? 56  GLY A C   1 
ATOM   426  O O   . GLY A 1 58  ? -9.397  -1.387  -2.201  1.00 17.14 ? 56  GLY A O   1 
ATOM   427  N N   . ARG A 1 59  ? -10.651 -0.991  -4.037  1.00 16.31 ? 57  ARG A N   1 
ATOM   428  C CA  . ARG A 1 59  ? -9.676  -0.080  -4.658  1.00 15.35 ? 57  ARG A CA  1 
ATOM   429  C C   . ARG A 1 59  ? -10.323 1.184   -5.197  1.00 15.02 ? 57  ARG A C   1 
ATOM   430  O O   . ARG A 1 59  ? -11.518 1.226   -5.449  1.00 15.75 ? 57  ARG A O   1 
ATOM   431  C CB  . ARG A 1 59  ? -8.890  -0.760  -5.797  1.00 15.32 ? 57  ARG A CB  1 
ATOM   432  C CG  . ARG A 1 59  ? -8.111  -2.000  -5.367  1.00 14.90 ? 57  ARG A CG  1 
ATOM   433  C CD  . ARG A 1 59  ? -7.253  -2.597  -6.512  1.00 15.48 ? 57  ARG A CD  1 
ATOM   434  N NE  . ARG A 1 59  ? -6.124  -1.752  -6.903  1.00 16.76 ? 57  ARG A NE  1 
ATOM   435  C CZ  . ARG A 1 59  ? -4.994  -1.596  -6.189  1.00 15.99 ? 57  ARG A CZ  1 
ATOM   436  N NH1 . ARG A 1 59  ? -4.813  -2.268  -5.055  1.00 17.62 ? 57  ARG A NH1 1 
ATOM   437  N NH2 . ARG A 1 59  ? -4.011  -0.803  -6.629  1.00 17.23 ? 57  ARG A NH2 1 
ATOM   438  N N   . TRP A 1 60  ? -9.509  2.219   -5.390  1.00 13.82 ? 58  TRP A N   1 
ATOM   439  C CA  . TRP A 1 60  ? -9.909  3.436   -6.111  1.00 13.00 ? 58  TRP A CA  1 
ATOM   440  C C   . TRP A 1 60  ? -9.171  3.399   -7.425  1.00 14.35 ? 58  TRP A C   1 
ATOM   441  O O   . TRP A 1 60  ? -7.940  3.276   -7.449  1.00 12.71 ? 58  TRP A O   1 
ATOM   442  C CB  . TRP A 1 60  ? -9.489  4.717   -5.334  1.00 12.39 ? 58  TRP A CB  1 
ATOM   443  C CG  . TRP A 1 60  ? -10.107 4.791   -3.988  1.00 13.34 ? 58  TRP A CG  1 
ATOM   444  C CD1 . TRP A 1 60  ? -9.667  4.169   -2.842  1.00 15.75 ? 58  TRP A CD1 1 
ATOM   445  C CD2 . TRP A 1 60  ? -11.303 5.473   -3.647  1.00 14.46 ? 58  TRP A CD2 1 
ATOM   446  N NE1 . TRP A 1 60  ? -10.510 4.451   -1.806  1.00 15.36 ? 58  TRP A NE1 1 
ATOM   447  C CE2 . TRP A 1 60  ? -11.527 5.251   -2.268  1.00 14.09 ? 58  TRP A CE2 1 
ATOM   448  C CE3 . TRP A 1 60  ? -12.194 6.289   -4.368  1.00 16.81 ? 58  TRP A CE3 1 
ATOM   449  C CZ2 . TRP A 1 60  ? -12.629 5.787   -1.593  1.00 14.36 ? 58  TRP A CZ2 1 
ATOM   450  C CZ3 . TRP A 1 60  ? -13.296 6.838   -3.688  1.00 15.48 ? 58  TRP A CZ3 1 
ATOM   451  C CH2 . TRP A 1 60  ? -13.496 6.581   -2.318  1.00 16.51 ? 58  TRP A CH2 1 
ATOM   452  N N   . THR A 1 61  ? -9.931  3.466   -8.530  1.00 14.26 ? 59  THR A N   1 
ATOM   453  C CA  . THR A 1 61  ? -9.365  3.225   -9.843  1.00 14.89 ? 59  THR A CA  1 
ATOM   454  C C   . THR A 1 61  ? -9.727  4.315   -10.840 1.00 15.27 ? 59  THR A C   1 
ATOM   455  O O   . THR A 1 61  ? -10.921 4.587   -11.076 1.00 16.93 ? 59  THR A O   1 
ATOM   456  C CB  . THR A 1 61  ? -9.780  1.821   -10.401 1.00 14.50 ? 59  THR A CB  1 
ATOM   457  O OG1 . THR A 1 61  ? -9.414  0.826   -9.452  1.00 15.00 ? 59  THR A OG1 1 
ATOM   458  C CG2 . THR A 1 61  ? -9.003  1.499   -11.658 1.00 15.56 ? 59  THR A CG2 1 
ATOM   459  N N   . PHE A 1 62  ? -8.687  4.933   -11.392 1.00 14.67 ? 60  PHE A N   1 
ATOM   460  C CA  . PHE A 1 62  ? -8.756  5.873   -12.517 1.00 15.01 ? 60  PHE A CA  1 
ATOM   461  C C   . PHE A 1 62  ? -8.465  5.076   -13.784 1.00 15.72 ? 60  PHE A C   1 
ATOM   462  O O   . PHE A 1 62  ? -7.522  4.302   -13.824 1.00 14.90 ? 60  PHE A O   1 
ATOM   463  C CB  . PHE A 1 62  ? -7.667  6.969   -12.365 1.00 15.35 ? 60  PHE A CB  1 
ATOM   464  C CG  . PHE A 1 62  ? -7.519  7.844   -13.584 1.00 16.17 ? 60  PHE A CG  1 
ATOM   465  C CD1 . PHE A 1 62  ? -8.393  8.888   -13.807 1.00 18.87 ? 60  PHE A CD1 1 
ATOM   466  C CD2 . PHE A 1 62  ? -6.546  7.577   -14.529 1.00 17.74 ? 60  PHE A CD2 1 
ATOM   467  C CE1 . PHE A 1 62  ? -8.269  9.686   -14.944 1.00 18.90 ? 60  PHE A CE1 1 
ATOM   468  C CE2 . PHE A 1 62  ? -6.421  8.361   -15.678 1.00 18.34 ? 60  PHE A CE2 1 
ATOM   469  C CZ  . PHE A 1 62  ? -7.292  9.402   -15.888 1.00 16.96 ? 60  PHE A CZ  1 
ATOM   470  N N   . ARG A 1 63  ? -9.265  5.266   -14.828 1.00 16.83 ? 61  ARG A N   1 
ATOM   471  C CA  . ARG A 1 63  ? -8.958  4.641   -16.114 1.00 18.99 ? 61  ARG A CA  1 
ATOM   472  C C   . ARG A 1 63  ? -9.139  5.670   -17.225 1.00 19.31 ? 61  ARG A C   1 
ATOM   473  O O   . ARG A 1 63  ? -10.120 6.439   -17.213 1.00 20.46 ? 61  ARG A O   1 
ATOM   474  C CB  . ARG A 1 63  ? -9.884  3.456   -16.403 1.00 19.66 ? 61  ARG A CB  1 
ATOM   475  C CG  . ARG A 1 63  ? -9.757  2.242   -15.495 1.00 23.04 ? 61  ARG A CG  1 
ATOM   476  C CD  . ARG A 1 63  ? -10.853 1.205   -15.835 1.00 27.61 ? 61  ARG A CD  1 
ATOM   477  N NE  . ARG A 1 63  ? -10.806 0.041   -14.951 1.00 31.59 ? 61  ARG A NE  1 
ATOM   478  C CZ  . ARG A 1 63  ? -11.441 -0.054  -13.783 1.00 31.43 ? 61  ARG A CZ  1 
ATOM   479  N NH1 . ARG A 1 63  ? -12.191 0.947   -13.321 1.00 33.08 ? 61  ARG A NH1 1 
ATOM   480  N NH2 . ARG A 1 63  ? -11.323 -1.161  -13.067 1.00 35.36 ? 61  ARG A NH2 1 
ATOM   481  N N   . ASP A 1 64  ? -8.218  5.660   -18.183 1.00 18.90 ? 62  ASP A N   1 
ATOM   482  C CA  . ASP A 1 64  ? -8.404  6.388   -19.442 1.00 20.98 ? 62  ASP A CA  1 
ATOM   483  C C   . ASP A 1 64  ? -8.087  5.407   -20.560 1.00 22.71 ? 62  ASP A C   1 
ATOM   484  O O   . ASP A 1 64  ? -7.031  4.795   -20.566 1.00 22.81 ? 62  ASP A O   1 
ATOM   485  C CB  . ASP A 1 64  ? -7.433  7.577   -19.510 1.00 21.29 ? 62  ASP A CB  1 
ATOM   486  C CG  . ASP A 1 64  ? -7.608  8.418   -20.775 1.00 23.72 ? 62  ASP A CG  1 
ATOM   487  O OD1 . ASP A 1 64  ? -8.554  9.220   -20.816 1.00 30.93 ? 62  ASP A OD1 1 
ATOM   488  O OD2 . ASP A 1 64  ? -6.764  8.318   -21.670 1.00 28.25 ? 62  ASP A OD2 1 
ATOM   489  N N   . ARG A 1 65  ? -8.980  5.278   -21.533 1.00 25.63 ? 63  ARG A N   1 
ATOM   490  C CA  . ARG A 1 65  ? -8.672  4.385   -22.674 1.00 28.39 ? 63  ARG A CA  1 
ATOM   491  C C   . ARG A 1 65  ? -8.359  5.127   -23.965 1.00 29.06 ? 63  ARG A C   1 
ATOM   492  O O   . ARG A 1 65  ? -8.585  4.614   -25.063 1.00 30.33 ? 63  ARG A O   1 
ATOM   493  C CB  . ARG A 1 65  ? -9.790  3.381   -22.906 1.00 29.14 ? 63  ARG A CB  1 
ATOM   494  C CG  . ARG A 1 65  ? -10.277 2.689   -21.653 1.00 32.89 ? 63  ARG A CG  1 
ATOM   495  C CD  . ARG A 1 65  ? -11.046 1.420   -21.997 1.00 38.04 ? 63  ARG A CD  1 
ATOM   496  N NE  . ARG A 1 65  ? -11.330 0.593   -20.818 1.00 42.18 ? 63  ARG A NE  1 
ATOM   497  C CZ  . ARG A 1 65  ? -12.274 0.861   -19.915 1.00 42.89 ? 63  ARG A CZ  1 
ATOM   498  N NH1 . ARG A 1 65  ? -13.026 1.949   -20.035 1.00 41.31 ? 63  ARG A NH1 1 
ATOM   499  N NH2 . ARG A 1 65  ? -12.453 0.040   -18.881 1.00 43.34 ? 63  ARG A NH2 1 
ATOM   500  N N   . ASN A 1 66  ? -7.812  6.327   -23.841 1.00 29.49 ? 64  ASN A N   1 
ATOM   501  C CA  . ASN A 1 66  ? -7.590  7.172   -25.008 1.00 30.00 ? 64  ASN A CA  1 
ATOM   502  C C   . ASN A 1 66  ? -6.147  7.242   -25.480 1.00 30.27 ? 64  ASN A C   1 
ATOM   503  O O   . ASN A 1 66  ? -5.883  7.679   -26.612 1.00 30.21 ? 64  ASN A O   1 
ATOM   504  C CB  . ASN A 1 66  ? -8.146  8.570   -24.748 1.00 30.16 ? 64  ASN A CB  1 
ATOM   505  C CG  . ASN A 1 66  ? -9.625  8.548   -24.437 1.00 31.18 ? 64  ASN A CG  1 
ATOM   506  O OD1 . ASN A 1 66  ? -10.047 8.827   -23.314 1.00 32.29 ? 64  ASN A OD1 1 
ATOM   507  N ND2 . ASN A 1 66  ? -10.425 8.207   -25.429 1.00 31.11 ? 64  ASN A ND2 1 
ATOM   508  N N   . VAL A 1 67  ? -5.210  6.818   -24.633 1.00 29.38 ? 65  VAL A N   1 
ATOM   509  C CA  . VAL A 1 67  ? -3.805  6.986   -24.969 1.00 29.68 ? 65  VAL A CA  1 
ATOM   510  C C   . VAL A 1 67  ? -3.184  5.605   -25.141 1.00 29.28 ? 65  VAL A C   1 
ATOM   511  O O   . VAL A 1 67  ? -3.279  4.768   -24.233 1.00 30.01 ? 65  VAL A O   1 
ATOM   512  C CB  . VAL A 1 67  ? -3.028  7.803   -23.871 1.00 29.18 ? 65  VAL A CB  1 
ATOM   513  C CG1 . VAL A 1 67  ? -1.560  8.005   -24.263 1.00 30.28 ? 65  VAL A CG1 1 
ATOM   514  C CG2 . VAL A 1 67  ? -3.704  9.146   -23.600 1.00 31.36 ? 65  VAL A CG2 1 
ATOM   515  N N   . LYS A 1 68  ? -2.585  5.349   -26.307 1.00 28.69 ? 66  LYS A N   1 
ATOM   516  C CA  . LYS A 1 68  ? -1.652  4.235   -26.424 1.00 27.73 ? 66  LYS A CA  1 
ATOM   517  C C   . LYS A 1 68  ? -0.310  4.735   -25.943 1.00 27.30 ? 66  LYS A C   1 
ATOM   518  O O   . LYS A 1 68  ? 0.336   5.564   -26.594 1.00 26.94 ? 66  LYS A O   1 
ATOM   519  C CB  . LYS A 1 68  ? -1.544  3.658   -27.864 1.00 28.05 ? 66  LYS A CB  1 
ATOM   520  C CG  . LYS A 1 68  ? -0.924  2.243   -27.889 1.00 28.53 ? 66  LYS A CG  1 
ATOM   521  C CD  . LYS A 1 68  ? -0.390  1.813   -29.270 1.00 28.07 ? 66  LYS A CD  1 
ATOM   522  C CE  . LYS A 1 68  ? 0.315   0.448   -29.155 1.00 27.19 ? 66  LYS A CE  1 
ATOM   523  N NZ  . LYS A 1 68  ? 0.569   -0.282  -30.461 1.00 29.31 ? 66  LYS A NZ  1 
ATOM   524  N N   . LEU A 1 69  ? 0.114   4.233   -24.788 1.00 26.12 ? 67  LEU A N   1 
ATOM   525  C CA  . LEU A 1 69  ? 1.409   4.591   -24.266 1.00 26.16 ? 67  LEU A CA  1 
ATOM   526  C C   . LEU A 1 69  ? 2.490   3.835   -25.048 1.00 26.34 ? 67  LEU A C   1 
ATOM   527  O O   . LEU A 1 69  ? 2.226   2.779   -25.647 1.00 26.56 ? 67  LEU A O   1 
ATOM   528  C CB  . LEU A 1 69  ? 1.481   4.285   -22.773 1.00 25.07 ? 67  LEU A CB  1 
ATOM   529  C CG  . LEU A 1 69  ? 0.536   5.177   -21.951 1.00 23.64 ? 67  LEU A CG  1 
ATOM   530  C CD1 . LEU A 1 69  ? 0.344   4.550   -20.606 1.00 20.01 ? 67  LEU A CD1 1 
ATOM   531  C CD2 . LEU A 1 69  ? 1.096   6.582   -21.839 1.00 22.72 ? 67  LEU A CD2 1 
ATOM   532  N N   . LYS A 1 70  ? 3.700   4.380   -25.039 1.00 27.67 ? 68  LYS A N   1 
ATOM   533  C CA  . LYS A 1 70  ? 4.818   3.754   -25.712 1.00 28.20 ? 68  LYS A CA  1 
ATOM   534  C C   . LYS A 1 70  ? 5.811   3.340   -24.650 1.00 28.49 ? 68  LYS A C   1 
ATOM   535  O O   . LYS A 1 70  ? 5.890   3.967   -23.583 1.00 28.55 ? 68  LYS A O   1 
ATOM   536  C CB  . LYS A 1 70  ? 5.489   4.743   -26.677 1.00 28.91 ? 68  LYS A CB  1 
ATOM   537  C CG  . LYS A 1 70  ? 4.615   5.232   -27.831 1.00 29.90 ? 68  LYS A CG  1 
ATOM   538  C CD  . LYS A 1 70  ? 5.353   6.279   -28.698 1.00 33.20 ? 68  LYS A CD  1 
ATOM   539  C CE  . LYS A 1 70  ? 5.013   7.700   -28.254 1.00 35.16 ? 68  LYS A CE  1 
ATOM   540  N NZ  . LYS A 1 70  ? 3.686   8.148   -28.792 1.00 35.74 ? 68  LYS A NZ  1 
ATOM   541  N N   . LEU A 1 71  ? 6.578   2.291   -24.927 1.00 28.34 ? 69  LEU A N   1 
ATOM   542  C CA  . LEU A 1 71  ? 7.654   1.909   -24.036 1.00 28.05 ? 69  LEU A CA  1 
ATOM   543  C C   . LEU A 1 71  ? 8.590   3.104   -23.876 1.00 28.47 ? 69  LEU A C   1 
ATOM   544  O O   . LEU A 1 71  ? 8.955   3.746   -24.867 1.00 29.03 ? 69  LEU A O   1 
ATOM   545  C CB  . LEU A 1 71  ? 8.404   0.696   -24.597 1.00 27.95 ? 69  LEU A CB  1 
ATOM   546  C CG  . LEU A 1 71  ? 7.591   -0.603  -24.593 1.00 26.71 ? 69  LEU A CG  1 
ATOM   547  C CD1 . LEU A 1 71  ? 8.307   -1.649  -25.415 1.00 25.86 ? 69  LEU A CD1 1 
ATOM   548  C CD2 . LEU A 1 71  ? 7.350   -1.127  -23.203 1.00 29.73 ? 69  LEU A CD2 1 
ATOM   549  N N   . GLY A 1 72  ? 8.923   3.450   -22.635 1.00 28.29 ? 70  GLY A N   1 
ATOM   550  C CA  . GLY A 1 72  ? 9.809   4.595   -22.393 1.00 28.13 ? 70  GLY A CA  1 
ATOM   551  C C   . GLY A 1 72  ? 9.121   5.919   -22.089 1.00 28.30 ? 70  GLY A C   1 
ATOM   552  O O   . GLY A 1 72  ? 9.748   6.861   -21.564 1.00 28.72 ? 70  GLY A O   1 
ATOM   553  N N   . ASP A 1 73  ? 7.844   6.001   -22.441 1.00 27.58 ? 71  ASP A N   1 
ATOM   554  C CA  . ASP A 1 73  ? 6.998   7.118   -22.005 1.00 27.32 ? 71  ASP A CA  1 
ATOM   555  C C   . ASP A 1 73  ? 7.074   7.260   -20.489 1.00 26.37 ? 71  ASP A C   1 
ATOM   556  O O   . ASP A 1 73  ? 7.186   6.269   -19.762 1.00 25.42 ? 71  ASP A O   1 
ATOM   557  C CB  . ASP A 1 73  ? 5.552   6.885   -22.424 1.00 26.62 ? 71  ASP A CB  1 
ATOM   558  C CG  . ASP A 1 73  ? 5.248   7.364   -23.834 1.00 27.41 ? 71  ASP A CG  1 
ATOM   559  O OD1 . ASP A 1 73  ? 6.059   8.135   -24.417 1.00 27.82 ? 71  ASP A OD1 1 
ATOM   560  O OD2 . ASP A 1 73  ? 4.170   6.978   -24.342 1.00 27.20 ? 71  ASP A OD2 1 
ATOM   561  N N   . LYS A 1 74  ? 7.051   8.510   -20.028 1.00 24.99 ? 72  LYS A N   1 
ATOM   562  C CA  . LYS A 1 74  ? 7.110   8.798   -18.601 1.00 24.30 ? 72  LYS A CA  1 
ATOM   563  C C   . LYS A 1 74  ? 5.833   9.524   -18.237 1.00 22.66 ? 72  LYS A C   1 
ATOM   564  O O   . LYS A 1 74  ? 5.342   10.346  -19.000 1.00 22.82 ? 72  LYS A O   1 
ATOM   565  C CB  . LYS A 1 74  ? 8.309   9.681   -18.276 1.00 24.55 ? 72  LYS A CB  1 
ATOM   566  C CG  . LYS A 1 74  ? 9.662   9.067   -18.568 1.00 26.75 ? 72  LYS A CG  1 
ATOM   567  C CD  . LYS A 1 74  ? 10.788  9.980   -18.066 1.00 29.75 ? 72  LYS A CD  1 
ATOM   568  C CE  . LYS A 1 74  ? 11.114  9.706   -16.625 1.00 29.21 ? 72  LYS A CE  1 
ATOM   569  N NZ  . LYS A 1 74  ? 12.149  10.675  -16.071 1.00 32.89 ? 72  LYS A NZ  1 
ATOM   570  N N   . ILE A 1 75  ? 5.265   9.172   -17.095 1.00 20.98 ? 73  ILE A N   1 
ATOM   571  C CA  . ILE A 1 75  ? 4.134   9.922   -16.556 1.00 19.18 ? 73  ILE A CA  1 
ATOM   572  C C   . ILE A 1 75  ? 4.568   10.564  -15.245 1.00 18.03 ? 73  ILE A C   1 
ATOM   573  O O   . ILE A 1 75  ? 5.079   9.892   -14.330 1.00 16.73 ? 73  ILE A O   1 
ATOM   574  C CB  . ILE A 1 75  ? 2.857   9.037   -16.360 1.00 19.09 ? 73  ILE A CB  1 
ATOM   575  C CG1 . ILE A 1 75  ? 2.334   8.544   -17.706 1.00 20.91 ? 73  ILE A CG1 1 
ATOM   576  C CG2 . ILE A 1 75  ? 1.701   9.829   -15.701 1.00 18.81 ? 73  ILE A CG2 1 
ATOM   577  C CD1 . ILE A 1 75  ? 1.069   7.699   -17.598 1.00 23.23 ? 73  ILE A CD1 1 
ATOM   578  N N   . TYR A 1 76  ? 4.365   11.872  -15.194 1.00 17.54 ? 74  TYR A N   1 
ATOM   579  C CA  . TYR A 1 76  ? 4.706   12.658  -14.020 1.00 16.86 ? 74  TYR A CA  1 
ATOM   580  C C   . TYR A 1 76  ? 3.374   12.987  -13.367 1.00 15.32 ? 74  TYR A C   1 
ATOM   581  O O   . TYR A 1 76  ? 2.455   13.447  -14.021 1.00 15.39 ? 74  TYR A O   1 
ATOM   582  C CB  . TYR A 1 76  ? 5.473   13.914  -14.433 1.00 16.99 ? 74  TYR A CB  1 
ATOM   583  C CG  . TYR A 1 76  ? 6.827   13.653  -15.053 1.00 18.46 ? 74  TYR A CG  1 
ATOM   584  C CD1 . TYR A 1 76  ? 7.942   13.467  -14.251 1.00 20.49 ? 74  TYR A CD1 1 
ATOM   585  C CD2 . TYR A 1 76  ? 6.980   13.574  -16.429 1.00 23.43 ? 74  TYR A CD2 1 
ATOM   586  C CE1 . TYR A 1 76  ? 9.196   13.221  -14.820 1.00 24.92 ? 74  TYR A CE1 1 
ATOM   587  C CE2 . TYR A 1 76  ? 8.235   13.334  -16.999 1.00 24.43 ? 74  TYR A CE2 1 
ATOM   588  C CZ  . TYR A 1 76  ? 9.319   13.152  -16.180 1.00 27.20 ? 74  TYR A CZ  1 
ATOM   589  O OH  . TYR A 1 76  ? 10.576  12.917  -16.726 1.00 31.52 ? 74  TYR A OH  1 
ATOM   590  N N   . PHE A 1 77  ? 3.239   12.737  -12.066 1.00 13.82 ? 75  PHE A N   1 
ATOM   591  C CA  . PHE A 1 77  ? 1.896   12.808  -11.484 1.00 13.13 ? 75  PHE A CA  1 
ATOM   592  C C   . PHE A 1 77  ? 1.883   13.172  -10.011 1.00 13.31 ? 75  PHE A C   1 
ATOM   593  O O   . PHE A 1 77  ? 2.913   13.181  -9.345  1.00 13.59 ? 75  PHE A O   1 
ATOM   594  C CB  . PHE A 1 77  ? 1.168   11.448  -11.692 1.00 13.16 ? 75  PHE A CB  1 
ATOM   595  C CG  . PHE A 1 77  ? 1.753   10.309  -10.904 1.00 12.38 ? 75  PHE A CG  1 
ATOM   596  C CD1 . PHE A 1 77  ? 1.222   10.013  -9.659  1.00 10.92 ? 75  PHE A CD1 1 
ATOM   597  C CD2 . PHE A 1 77  ? 2.803   9.496   -11.406 1.00 12.78 ? 75  PHE A CD2 1 
ATOM   598  C CE1 . PHE A 1 77  ? 1.745   8.980   -8.872  1.00 14.23 ? 75  PHE A CE1 1 
ATOM   599  C CE2 . PHE A 1 77  ? 3.306   8.439   -10.661 1.00 15.79 ? 75  PHE A CE2 1 
ATOM   600  C CZ  . PHE A 1 77  ? 2.792   8.183   -9.372  1.00 17.49 ? 75  PHE A CZ  1 
ATOM   601  N N   . TRP A 1 78  ? 0.691   13.502  -9.536  1.00 12.57 ? 76  TRP A N   1 
ATOM   602  C CA  . TRP A 1 78  ? 0.441   13.582  -8.095  1.00 12.38 ? 76  TRP A CA  1 
ATOM   603  C C   . TRP A 1 78  ? -0.962  13.049  -7.846  1.00 12.39 ? 76  TRP A C   1 
ATOM   604  O O   . TRP A 1 78  ? -1.807  13.021  -8.778  1.00 12.06 ? 76  TRP A O   1 
ATOM   605  C CB  . TRP A 1 78  ? 0.612   15.004  -7.540  1.00 12.74 ? 76  TRP A CB  1 
ATOM   606  C CG  . TRP A 1 78  ? -0.238  16.099  -8.180  1.00 11.62 ? 76  TRP A CG  1 
ATOM   607  C CD1 . TRP A 1 78  ? 0.020   16.783  -9.357  1.00 12.41 ? 76  TRP A CD1 1 
ATOM   608  C CD2 . TRP A 1 78  ? -1.456  16.656  -7.660  1.00 9.85  ? 76  TRP A CD2 1 
ATOM   609  N NE1 . TRP A 1 78  ? -0.952  17.731  -9.570  1.00 11.11 ? 76  TRP A NE1 1 
ATOM   610  C CE2 . TRP A 1 78  ? -1.873  17.678  -8.558  1.00 11.36 ? 76  TRP A CE2 1 
ATOM   611  C CE3 . TRP A 1 78  ? -2.225  16.407  -6.510  1.00 10.30 ? 76  TRP A CE3 1 
ATOM   612  C CZ2 . TRP A 1 78  ? -3.019  18.444  -8.338  1.00 10.41 ? 76  TRP A CZ2 1 
ATOM   613  C CZ3 . TRP A 1 78  ? -3.381  17.186  -6.290  1.00 10.88 ? 76  TRP A CZ3 1 
ATOM   614  C CH2 . TRP A 1 78  ? -3.769  18.184  -7.210  1.00 12.02 ? 76  TRP A CH2 1 
ATOM   615  N N   . THR A 1 79  ? -1.221  12.620  -6.619  1.00 12.64 ? 77  THR A N   1 
ATOM   616  C CA  . THR A 1 79  ? -2.544  12.115  -6.310  1.00 11.72 ? 77  THR A CA  1 
ATOM   617  C C   . THR A 1 79  ? -3.037  12.794  -5.068  1.00 12.50 ? 77  THR A C   1 
ATOM   618  O O   . THR A 1 79  ? -2.260  13.444  -4.351  1.00 11.89 ? 77  THR A O   1 
ATOM   619  C CB  . THR A 1 79  ? -2.571  10.616  -6.057  1.00 13.22 ? 77  THR A CB  1 
ATOM   620  O OG1 . THR A 1 79  ? -1.829  10.317  -4.873  1.00 16.10 ? 77  THR A OG1 1 
ATOM   621  C CG2 . THR A 1 79  ? -2.014  9.824   -7.231  1.00 13.03 ? 77  THR A CG2 1 
ATOM   622  N N   . TYR A 1 80  ? -4.312  12.617  -4.779  1.00 13.34 ? 78  TYR A N   1 
ATOM   623  C CA  . TYR A 1 80  ? -4.950  13.232  -3.616  1.00 14.12 ? 78  TYR A CA  1 
ATOM   624  C C   . TYR A 1 80  ? -5.902  12.224  -3.030  1.00 14.42 ? 78  TYR A C   1 
ATOM   625  O O   . TYR A 1 80  ? -6.650  11.559  -3.760  1.00 15.69 ? 78  TYR A O   1 
ATOM   626  C CB  . TYR A 1 80  ? -5.712  14.491  -4.013  1.00 14.41 ? 78  TYR A CB  1 
ATOM   627  C CG  . TYR A 1 80  ? -6.089  15.439  -2.881  1.00 15.88 ? 78  TYR A CG  1 
ATOM   628  C CD1 . TYR A 1 80  ? -5.113  15.959  -2.021  1.00 18.61 ? 78  TYR A CD1 1 
ATOM   629  C CD2 . TYR A 1 80  ? -7.401  15.888  -2.744  1.00 18.77 ? 78  TYR A CD2 1 
ATOM   630  C CE1 . TYR A 1 80  ? -5.462  16.874  -1.009  1.00 19.61 ? 78  TYR A CE1 1 
ATOM   631  C CE2 . TYR A 1 80  ? -7.749  16.795  -1.758  1.00 19.08 ? 78  TYR A CE2 1 
ATOM   632  C CZ  . TYR A 1 80  ? -6.771  17.274  -0.895  1.00 18.09 ? 78  TYR A CZ  1 
ATOM   633  O OH  . TYR A 1 80  ? -7.152  18.181  0.081   1.00 20.62 ? 78  TYR A OH  1 
ATOM   634  N N   . VAL A 1 81  ? -5.881  12.090  -1.714  1.00 13.46 ? 79  VAL A N   1 
ATOM   635  C CA  . VAL A 1 81  ? -6.807  11.197  -1.030  1.00 13.04 ? 79  VAL A CA  1 
ATOM   636  C C   . VAL A 1 81  ? -7.478  12.003  0.063   1.00 12.26 ? 79  VAL A C   1 
ATOM   637  O O   . VAL A 1 81  ? -6.793  12.714  0.788   1.00 12.22 ? 79  VAL A O   1 
ATOM   638  C CB  . VAL A 1 81  ? -6.061  10.015  -0.412  1.00 13.21 ? 79  VAL A CB  1 
ATOM   639  C CG1 . VAL A 1 81  ? -6.989  9.186   0.477   1.00 16.47 ? 79  VAL A CG1 1 
ATOM   640  C CG2 . VAL A 1 81  ? -5.435  9.145   -1.512  1.00 14.91 ? 79  VAL A CG2 1 
ATOM   641  N N   . ILE A 1 82  ? -8.792  11.838  0.209   1.00 11.66 ? 80  ILE A N   1 
ATOM   642  C CA  . ILE A 1 82  ? -9.500  12.374  1.367   1.00 12.34 ? 80  ILE A CA  1 
ATOM   643  C C   . ILE A 1 82  ? -9.812  11.233  2.317   1.00 12.65 ? 80  ILE A C   1 
ATOM   644  O O   . ILE A 1 82  ? -10.358 10.230  1.891   1.00 12.55 ? 80  ILE A O   1 
ATOM   645  C CB  . ILE A 1 82  ? -10.830 13.108  0.976   1.00 12.32 ? 80  ILE A CB  1 
ATOM   646  C CG1 . ILE A 1 82  ? -10.589 14.319  0.058   1.00 14.68 ? 80  ILE A CG1 1 
ATOM   647  C CG2 . ILE A 1 82  ? -11.638 13.496  2.236   1.00 13.89 ? 80  ILE A CG2 1 
ATOM   648  C CD1 . ILE A 1 82  ? -9.872  15.428  0.735   1.00 16.83 ? 80  ILE A CD1 1 
ATOM   649  N N   . LYS A 1 83  ? -9.448  11.387  3.597   1.00 13.16 ? 81  LYS A N   1 
ATOM   650  C CA  . LYS A 1 83  ? -9.813  10.422  4.645   1.00 13.20 ? 81  LYS A CA  1 
ATOM   651  C C   . LYS A 1 83  ? -10.394 11.207  5.797   1.00 12.78 ? 81  LYS A C   1 
ATOM   652  O O   . LYS A 1 83  ? -9.710  12.093  6.300   1.00 13.48 ? 81  LYS A O   1 
ATOM   653  C CB  . LYS A 1 83  ? -8.590  9.633   5.148   1.00 13.90 ? 81  LYS A CB  1 
ATOM   654  C CG  . LYS A 1 83  ? -8.917  8.606   6.282   1.00 19.57 ? 81  LYS A CG  1 
ATOM   655  C CD  . LYS A 1 83  ? -7.907  7.489   6.428   1.00 23.97 ? 81  LYS A CD  1 
ATOM   656  C CE  . LYS A 1 83  ? -8.335  6.431   7.501   1.00 26.55 ? 81  LYS A CE  1 
ATOM   657  N NZ  . LYS A 1 83  ? -9.557  5.645   7.127   1.00 29.06 ? 81  LYS A NZ  1 
ATOM   658  N N   . ASP A 1 84  ? -11.615 10.865  6.196   1.00 12.77 ? 82  ASP A N   1 
ATOM   659  C CA  . ASP A 1 84  ? -12.267 11.533  7.322   1.00 13.01 ? 82  ASP A CA  1 
ATOM   660  C C   . ASP A 1 84  ? -12.157 13.054  7.199   1.00 12.57 ? 82  ASP A C   1 
ATOM   661  O O   . ASP A 1 84  ? -11.796 13.759  8.155   1.00 13.12 ? 82  ASP A O   1 
ATOM   662  C CB  . ASP A 1 84  ? -11.685 11.041  8.658   1.00 13.56 ? 82  ASP A CB  1 
ATOM   663  C CG  . ASP A 1 84  ? -11.769 9.526   8.805   1.00 14.97 ? 82  ASP A CG  1 
ATOM   664  O OD1 . ASP A 1 84  ? -12.778 8.966   8.319   1.00 18.51 ? 82  ASP A OD1 1 
ATOM   665  O OD2 . ASP A 1 84  ? -10.806 8.940   9.368   1.00 19.22 ? 82  ASP A OD2 1 
ATOM   666  N N   . GLY A 1 85  ? -12.475 13.569  6.027   1.00 11.50 ? 83  GLY A N   1 
ATOM   667  C CA  . GLY A 1 85  ? -12.546 15.023  5.861   1.00 11.99 ? 83  GLY A CA  1 
ATOM   668  C C   . GLY A 1 85  ? -11.233 15.771  5.781   1.00 11.31 ? 83  GLY A C   1 
ATOM   669  O O   . GLY A 1 85  ? -11.251 16.988  5.822   1.00 11.98 ? 83  GLY A O   1 
ATOM   670  N N   . LEU A 1 86  ? -10.110 15.053  5.642   1.00 11.51 ? 84  LEU A N   1 
ATOM   671  C CA  . LEU A 1 86  ? -8.759  15.645  5.537   1.00 12.28 ? 84  LEU A CA  1 
ATOM   672  C C   . LEU A 1 86  ? -8.090  15.148  4.275   1.00 12.11 ? 84  LEU A C   1 
ATOM   673  O O   . LEU A 1 86  ? -8.214  13.965  3.919   1.00 12.62 ? 84  LEU A O   1 
ATOM   674  C CB  . LEU A 1 86  ? -7.888  15.248  6.734   1.00 13.35 ? 84  LEU A CB  1 
ATOM   675  C CG  . LEU A 1 86  ? -8.515  15.763  8.041   1.00 15.78 ? 84  LEU A CG  1 
ATOM   676  C CD1 . LEU A 1 86  ? -7.794  15.109  9.207   1.00 18.29 ? 84  LEU A CD1 1 
ATOM   677  C CD2 . LEU A 1 86  ? -8.445  17.284  8.145   1.00 20.05 ? 84  LEU A CD2 1 
ATOM   678  N N   . GLY A 1 87  ? -7.362  16.045  3.619   1.00 11.50 ? 85  GLY A N   1 
ATOM   679  C CA  . GLY A 1 87  ? -6.712  15.734  2.351   1.00 12.83 ? 85  GLY A CA  1 
ATOM   680  C C   . GLY A 1 87  ? -5.236  15.507  2.491   1.00 11.95 ? 85  GLY A C   1 
ATOM   681  O O   . GLY A 1 87  ? -4.540  16.234  3.237   1.00 12.66 ? 85  GLY A O   1 
ATOM   682  N N   . TYR A 1 88  ? -4.751  14.525  1.726   1.00 11.96 ? 86  TYR A N   1 
ATOM   683  C CA  . TYR A 1 88  ? -3.345  14.091  1.702   1.00 12.17 ? 86  TYR A CA  1 
ATOM   684  C C   . TYR A 1 88  ? -2.894  13.894  0.254   1.00 13.19 ? 86  TYR A C   1 
ATOM   685  O O   . TYR A 1 88  ? -3.625  13.343  -0.580  1.00 13.87 ? 86  TYR A O   1 
ATOM   686  C CB  . TYR A 1 88  ? -3.174  12.762  2.453   1.00 12.16 ? 86  TYR A CB  1 
ATOM   687  C CG  . TYR A 1 88  ? -3.712  12.814  3.885   1.00 10.86 ? 86  TYR A CG  1 
ATOM   688  C CD1 . TYR A 1 88  ? -2.854  13.102  4.939   1.00 13.45 ? 86  TYR A CD1 1 
ATOM   689  C CD2 . TYR A 1 88  ? -5.060  12.528  4.163   1.00 13.30 ? 86  TYR A CD2 1 
ATOM   690  C CE1 . TYR A 1 88  ? -3.306  13.155  6.231   1.00 15.56 ? 86  TYR A CE1 1 
ATOM   691  C CE2 . TYR A 1 88  ? -5.540  12.542  5.473   1.00 14.22 ? 86  TYR A CE2 1 
ATOM   692  C CZ  . TYR A 1 88  ? -4.652  12.849  6.493   1.00 15.37 ? 86  TYR A CZ  1 
ATOM   693  O OH  . TYR A 1 88  ? -5.165  12.916  7.761   1.00 18.29 ? 86  TYR A OH  1 
ATOM   694  N N   . ARG A 1 89  ? -1.693  14.374  -0.065  1.00 14.47 ? 87  ARG A N   1 
ATOM   695  C CA  . ARG A 1 89  ? -1.160  14.296  -1.419  1.00 15.51 ? 87  ARG A CA  1 
ATOM   696  C C   . ARG A 1 89  ? 0.001   13.275  -1.555  1.00 16.76 ? 87  ARG A C   1 
ATOM   697  O O   . ARG A 1 89  ? 0.796   13.097  -0.603  1.00 19.65 ? 87  ARG A O   1 
ATOM   698  C CB  . ARG A 1 89  ? -0.705  15.711  -1.797  1.00 15.59 ? 87  ARG A CB  1 
ATOM   699  C CG  . ARG A 1 89  ? -1.090  16.215  -3.157  1.00 20.04 ? 87  ARG A CG  1 
ATOM   700  C CD  . ARG A 1 89  ? -0.902  17.712  -3.331  1.00 17.88 ? 87  ARG A CD  1 
ATOM   701  N NE  . ARG A 1 89  ? 0.446   18.161  -2.973  1.00 15.90 ? 87  ARG A NE  1 
ATOM   702  C CZ  . ARG A 1 89  ? 0.699   19.162  -2.138  1.00 14.96 ? 87  ARG A CZ  1 
ATOM   703  N NH1 . ARG A 1 89  ? -0.302  19.840  -1.552  1.00 16.88 ? 87  ARG A NH1 1 
ATOM   704  N NH2 . ARG A 1 89  ? 1.959   19.457  -1.869  1.00 14.01 ? 87  ARG A NH2 1 
ATOM   705  N N   . GLN A 1 90  ? 0.058   12.533  -2.656  1.00 16.37 ? 88  GLN A N   1 
ATOM   706  C CA  . GLN A 1 90  ? 1.341   11.909  -3.067  1.00 15.90 ? 88  GLN A CA  1 
ATOM   707  C C   . GLN A 1 90  ? 1.946   12.864  -4.088  1.00 15.96 ? 88  GLN A C   1 
ATOM   708  O O   . GLN A 1 90  ? 1.355   13.048  -5.153  1.00 14.14 ? 88  GLN A O   1 
ATOM   709  C CB  . GLN A 1 90  ? 1.170   10.501  -3.688  1.00 18.01 ? 88  GLN A CB  1 
ATOM   710  C CG  . GLN A 1 90  ? 2.509   9.964   -4.306  1.00 18.00 ? 88  GLN A CG  1 
ATOM   711  C CD  . GLN A 1 90  ? 2.390   8.645   -5.118  1.00 23.42 ? 88  GLN A CD  1 
ATOM   712  O OE1 . GLN A 1 90  ? 1.284   8.071   -5.275  1.00 24.61 ? 88  GLN A OE1 1 
ATOM   713  N NE2 . GLN A 1 90  ? 3.531   8.161   -5.626  1.00 22.37 ? 88  GLN A NE2 1 
ATOM   714  N N   . ASP A 1 91  ? 3.089   13.496  -3.764  1.00 15.30 ? 89  ASP A N   1 
ATOM   715  C CA  . ASP A 1 91  ? 3.801   14.393  -4.687  1.00 16.00 ? 89  ASP A CA  1 
ATOM   716  C C   . ASP A 1 91  ? 4.917   13.694  -5.440  1.00 16.00 ? 89  ASP A C   1 
ATOM   717  O O   . ASP A 1 91  ? 5.370   12.628  -5.018  1.00 17.37 ? 89  ASP A O   1 
ATOM   718  C CB  . ASP A 1 91  ? 4.451   15.557  -3.901  1.00 16.03 ? 89  ASP A CB  1 
ATOM   719  C CG  . ASP A 1 91  ? 3.419   16.562  -3.400  1.00 19.55 ? 89  ASP A CG  1 
ATOM   720  O OD1 . ASP A 1 91  ? 2.607   17.048  -4.207  1.00 19.90 ? 89  ASP A OD1 1 
ATOM   721  O OD2 . ASP A 1 91  ? 3.406   16.870  -2.203  1.00 20.88 ? 89  ASP A OD2 1 
ATOM   722  N N   . ASN A 1 92  ? 5.376   14.338  -6.514  1.00 18.70 ? 90  ASN A N   1 
ATOM   723  C CA  . ASN A 1 92  ? 6.593   13.949  -7.227  1.00 20.40 ? 90  ASN A CA  1 
ATOM   724  C C   . ASN A 1 92  ? 6.511   12.554  -7.791  1.00 20.17 ? 90  ASN A C   1 
ATOM   725  O O   . ASN A 1 92  ? 7.517   11.826  -7.852  1.00 21.65 ? 90  ASN A O   1 
ATOM   726  C CB  . ASN A 1 92  ? 7.846   14.071  -6.333  1.00 21.48 ? 90  ASN A CB  1 
ATOM   727  C CG  . ASN A 1 92  ? 7.984   15.443  -5.703  1.00 25.49 ? 90  ASN A CG  1 
ATOM   728  O OD1 . ASN A 1 92  ? 7.728   16.456  -6.343  1.00 28.84 ? 90  ASN A OD1 1 
ATOM   729  N ND2 . ASN A 1 92  ? 8.364   15.472  -4.426  1.00 32.62 ? 90  ASN A ND2 1 
ATOM   730  N N   . GLY A 1 93  ? 5.302   12.159  -8.197  1.00 19.23 ? 91  GLY A N   1 
ATOM   731  C CA  . GLY A 1 93  ? 5.130   10.862  -8.845  1.00 18.73 ? 91  GLY A CA  1 
ATOM   732  C C   . GLY A 1 93  ? 5.798   10.837  -10.205 1.00 18.72 ? 91  GLY A C   1 
ATOM   733  O O   . GLY A 1 93  ? 5.708   11.780  -10.970 1.00 17.54 ? 91  GLY A O   1 
ATOM   734  N N   . GLU A 1 94  ? 6.473   9.723   -10.491 1.00 19.54 ? 92  GLU A N   1 
ATOM   735  C CA  . GLU A 1 94  ? 7.172   9.519   -11.750 1.00 22.29 ? 92  GLU A CA  1 
ATOM   736  C C   . GLU A 1 94  ? 7.146   8.027   -12.047 1.00 21.95 ? 92  GLU A C   1 
ATOM   737  O O   . GLU A 1 94  ? 7.476   7.195   -11.195 1.00 22.65 ? 92  GLU A O   1 
ATOM   738  C CB  . GLU A 1 94  ? 8.607   10.018  -11.667 1.00 22.64 ? 92  GLU A CB  1 
ATOM   739  C CG  . GLU A 1 94  ? 9.242   10.256  -13.023 1.00 28.18 ? 92  GLU A CG  1 
ATOM   740  C CD  . GLU A 1 94  ? 10.736  10.457  -12.914 1.00 33.52 ? 92  GLU A CD  1 
ATOM   741  O OE1 . GLU A 1 94  ? 11.167  11.369  -12.176 1.00 35.85 ? 92  GLU A OE1 1 
ATOM   742  O OE2 . GLU A 1 94  ? 11.481  9.694   -13.563 1.00 37.26 ? 92  GLU A OE2 1 
ATOM   743  N N   . TRP A 1 95  ? 6.716   7.705   -13.256 1.00 22.04 ? 93  TRP A N   1 
ATOM   744  C CA  . TRP A 1 95  ? 6.563   6.307   -13.682 1.00 22.02 ? 93  TRP A CA  1 
ATOM   745  C C   . TRP A 1 95  ? 6.968   6.188   -15.134 1.00 22.13 ? 93  TRP A C   1 
ATOM   746  O O   . TRP A 1 95  ? 6.592   7.022   -15.944 1.00 21.48 ? 93  TRP A O   1 
ATOM   747  C CB  . TRP A 1 95  ? 5.099   5.905   -13.494 1.00 22.80 ? 93  TRP A CB  1 
ATOM   748  C CG  . TRP A 1 95  ? 4.731   4.529   -13.958 1.00 21.98 ? 93  TRP A CG  1 
ATOM   749  C CD1 . TRP A 1 95  ? 5.088   3.341   -13.391 1.00 23.75 ? 93  TRP A CD1 1 
ATOM   750  C CD2 . TRP A 1 95  ? 3.883   4.213   -15.069 1.00 22.22 ? 93  TRP A CD2 1 
ATOM   751  N NE1 . TRP A 1 95  ? 4.526   2.295   -14.094 1.00 23.66 ? 93  TRP A NE1 1 
ATOM   752  C CE2 . TRP A 1 95  ? 3.769   2.804   -15.119 1.00 22.26 ? 93  TRP A CE2 1 
ATOM   753  C CE3 . TRP A 1 95  ? 3.195   4.986   -16.017 1.00 22.12 ? 93  TRP A CE3 1 
ATOM   754  C CZ2 . TRP A 1 95  ? 3.004   2.142   -16.099 1.00 23.59 ? 93  TRP A CZ2 1 
ATOM   755  C CZ3 . TRP A 1 95  ? 2.426   4.323   -17.000 1.00 24.70 ? 93  TRP A CZ3 1 
ATOM   756  C CH2 . TRP A 1 95  ? 2.350   2.912   -17.025 1.00 25.02 ? 93  TRP A CH2 1 
ATOM   757  N N   . THR A 1 96  ? 7.773   5.165   -15.458 1.00 23.11 ? 94  THR A N   1 
ATOM   758  C CA  . THR A 1 96  ? 8.172   4.910   -16.842 1.00 23.65 ? 94  THR A CA  1 
ATOM   759  C C   . THR A 1 96  ? 7.453   3.640   -17.323 1.00 22.19 ? 94  THR A C   1 
ATOM   760  O O   . THR A 1 96  ? 7.463   2.626   -16.620 1.00 22.22 ? 94  THR A O   1 
ATOM   761  C CB  . THR A 1 96  ? 9.717   4.775   -16.993 1.00 24.54 ? 94  THR A CB  1 
ATOM   762  O OG1 . THR A 1 96  ? 10.365  5.962   -16.509 1.00 26.34 ? 94  THR A OG1 1 
ATOM   763  C CG2 . THR A 1 96  ? 10.125  4.549   -18.460 1.00 25.96 ? 94  THR A CG2 1 
ATOM   764  N N   . VAL A 1 97  ? 6.829   3.721   -18.504 1.00 23.09 ? 95  VAL A N   1 
ATOM   765  C CA  . VAL A 1 97  ? 6.221   2.560   -19.194 1.00 23.16 ? 95  VAL A CA  1 
ATOM   766  C C   . VAL A 1 97  ? 7.295   1.552   -19.657 1.00 24.78 ? 95  VAL A C   1 
ATOM   767  O O   . VAL A 1 97  ? 8.122   1.853   -20.533 1.00 25.50 ? 95  VAL A O   1 
ATOM   768  C CB  . VAL A 1 97  ? 5.376   2.999   -20.406 1.00 22.81 ? 95  VAL A CB  1 
ATOM   769  C CG1 . VAL A 1 97  ? 4.671   1.783   -21.054 1.00 23.07 ? 95  VAL A CG1 1 
ATOM   770  C CG2 . VAL A 1 97  ? 4.347   4.054   -19.985 1.00 22.59 ? 95  VAL A CG2 1 
ATOM   771  N N   . THR A 1 98  ? 7.282   0.372   -19.054 1.00 24.81 ? 96  THR A N   1 
ATOM   772  C CA  . THR A 1 98  ? 8.309   -0.632  -19.353 1.00 25.87 ? 96  THR A CA  1 
ATOM   773  C C   . THR A 1 98  ? 7.690   -1.982  -19.719 1.00 25.89 ? 96  THR A C   1 
ATOM   774  O O   . THR A 1 98  ? 8.412   -2.918  -20.096 1.00 26.11 ? 96  THR A O   1 
ATOM   775  C CB  . THR A 1 98  ? 9.270   -0.839  -18.167 1.00 25.82 ? 96  THR A CB  1 
ATOM   776  O OG1 . THR A 1 98  ? 8.522   -1.227  -17.011 1.00 25.04 ? 96  THR A OG1 1 
ATOM   777  C CG2 . THR A 1 98  ? 10.087  0.433   -17.880 1.00 26.39 ? 96  THR A CG2 1 
ATOM   778  N N   . GLU A 1 99  ? 6.373   -2.092  -19.545 1.00 25.76 ? 97  GLU A N   1 
ATOM   779  C CA  . GLU A 1 99  ? 5.610   -3.293  -19.925 1.00 26.15 ? 97  GLU A CA  1 
ATOM   780  C C   . GLU A 1 99  ? 4.132   -2.957  -20.104 1.00 25.36 ? 97  GLU A C   1 
ATOM   781  O O   . GLU A 1 99  ? 3.623   -1.949  -19.582 1.00 25.14 ? 97  GLU A O   1 
ATOM   782  C CB  . GLU A 1 99  ? 5.745   -4.412  -18.886 1.00 26.60 ? 97  GLU A CB  1 
ATOM   783  C CG  . GLU A 1 99  ? 5.187   -4.077  -17.517 1.00 29.52 ? 97  GLU A CG  1 
ATOM   784  C CD  . GLU A 1 99  ? 5.469   -5.168  -16.503 1.00 35.05 ? 97  GLU A CD  1 
ATOM   785  O OE1 . GLU A 1 99  ? 4.920   -6.276  -16.650 1.00 39.23 ? 97  GLU A OE1 1 
ATOM   786  O OE2 . GLU A 1 99  ? 6.249   -4.923  -15.558 1.00 39.02 ? 97  GLU A OE2 1 
ATOM   787  N N   . PHE A 1 100 ? 3.439   -3.800  -20.848 1.00 23.75 ? 98  PHE A N   1 
ATOM   788  C CA  . PHE A 1 100 ? 2.009   -3.634  -20.993 1.00 23.37 ? 98  PHE A CA  1 
ATOM   789  C C   . PHE A 1 100 ? 1.289   -4.692  -20.233 1.00 24.16 ? 98  PHE A C   1 
ATOM   790  O O   . PHE A 1 100 ? 1.814   -5.790  -20.024 1.00 25.04 ? 98  PHE A O   1 
ATOM   791  C CB  . PHE A 1 100 ? 1.603   -3.714  -22.455 1.00 21.99 ? 98  PHE A CB  1 
ATOM   792  C CG  . PHE A 1 100 ? 2.039   -2.542  -23.246 1.00 22.08 ? 98  PHE A CG  1 
ATOM   793  C CD1 . PHE A 1 100 ? 1.276   -1.369  -23.226 1.00 21.36 ? 98  PHE A CD1 1 
ATOM   794  C CD2 . PHE A 1 100 ? 3.207   -2.584  -23.998 1.00 20.14 ? 98  PHE A CD2 1 
ATOM   795  C CE1 . PHE A 1 100 ? 1.679   -0.266  -23.955 1.00 21.95 ? 98  PHE A CE1 1 
ATOM   796  C CE2 . PHE A 1 100 ? 3.620   -1.487  -24.729 1.00 21.79 ? 98  PHE A CE2 1 
ATOM   797  C CZ  . PHE A 1 100 ? 2.851   -0.328  -24.722 1.00 21.96 ? 98  PHE A CZ  1 
ATOM   798  N N   . VAL A 1 101 ? 0.097   -4.340  -19.788 1.00 25.20 ? 99  VAL A N   1 
ATOM   799  C CA  . VAL A 1 101 ? -0.788  -5.273  -19.121 1.00 27.47 ? 99  VAL A CA  1 
ATOM   800  C C   . VAL A 1 101 ? -2.044  -5.422  -19.986 1.00 28.40 ? 99  VAL A C   1 
ATOM   801  O O   . VAL A 1 101 ? -2.478  -4.481  -20.652 1.00 26.79 ? 99  VAL A O   1 
ATOM   802  C CB  . VAL A 1 101 ? -1.066  -4.807  -17.650 1.00 28.17 ? 99  VAL A CB  1 
ATOM   803  C CG1 . VAL A 1 101 ? -2.421  -5.283  -17.132 1.00 30.58 ? 99  VAL A CG1 1 
ATOM   804  C CG2 . VAL A 1 101 ? 0.061   -5.286  -16.729 1.00 29.24 ? 99  VAL A CG2 1 
ATOM   805  N N   . ASN A 1 102 ? -2.601  -6.626  -20.037 1.00 30.84 ? 100 ASN A N   1 
ATOM   806  C CA  . ASN A 1 102 ? -3.869  -6.798  -20.740 1.00 33.29 ? 100 ASN A CA  1 
ATOM   807  C C   . ASN A 1 102 ? -5.034  -6.394  -19.819 1.00 34.12 ? 100 ASN A C   1 
ATOM   808  O O   . ASN A 1 102 ? -4.874  -6.268  -18.599 1.00 35.64 ? 100 ASN A O   1 
ATOM   809  C CB  . ASN A 1 102 ? -4.007  -8.228  -21.301 1.00 33.61 ? 100 ASN A CB  1 
ATOM   810  C CG  . ASN A 1 102 ? -3.160  -8.471  -22.584 1.00 35.61 ? 100 ASN A CG  1 
ATOM   811  O OD1 . ASN A 1 102 ? -2.943  -9.622  -22.987 1.00 38.57 ? 100 ASN A OD1 1 
ATOM   812  N ND2 . ASN A 1 102 ? -2.701  -7.399  -23.221 1.00 36.20 ? 100 ASN A ND2 1 
ATOM   813  N N   . TYR B 1 3   ? 11.954  4.138   -1.844  1.00 33.00 ? 1   TYR B N   1 
ATOM   814  C CA  . TYR B 1 3   ? 10.652  3.389   -1.787  1.00 32.54 ? 1   TYR B CA  1 
ATOM   815  C C   . TYR B 1 3   ? 10.280  3.073   -0.338  1.00 31.85 ? 1   TYR B C   1 
ATOM   816  O O   . TYR B 1 3   ? 11.158  2.796   0.497   1.00 32.22 ? 1   TYR B O   1 
ATOM   817  C CB  . TYR B 1 3   ? 10.710  2.103   -2.621  1.00 33.04 ? 1   TYR B CB  1 
ATOM   818  C CG  . TYR B 1 3   ? 9.438   1.268   -2.576  1.00 33.59 ? 1   TYR B CG  1 
ATOM   819  C CD1 . TYR B 1 3   ? 8.356   1.578   -3.399  1.00 34.91 ? 1   TYR B CD1 1 
ATOM   820  C CD2 . TYR B 1 3   ? 9.315   0.181   -1.702  1.00 33.79 ? 1   TYR B CD2 1 
ATOM   821  C CE1 . TYR B 1 3   ? 7.184   0.832   -3.360  1.00 34.18 ? 1   TYR B CE1 1 
ATOM   822  C CE2 . TYR B 1 3   ? 8.149   -0.584  -1.662  1.00 33.01 ? 1   TYR B CE2 1 
ATOM   823  C CZ  . TYR B 1 3   ? 7.088   -0.245  -2.491  1.00 34.08 ? 1   TYR B CZ  1 
ATOM   824  O OH  . TYR B 1 3   ? 5.930   -0.980  -2.461  1.00 34.07 ? 1   TYR B OH  1 
ATOM   825  N N   . VAL B 1 4   ? 8.974   3.112   -0.064  1.00 31.17 ? 2   VAL B N   1 
ATOM   826  C CA  . VAL B 1 4   ? 8.421   2.870   1.267   1.00 29.97 ? 2   VAL B CA  1 
ATOM   827  C C   . VAL B 1 4   ? 7.457   1.666   1.261   1.00 28.21 ? 2   VAL B C   1 
ATOM   828  O O   . VAL B 1 4   ? 6.518   1.599   0.463   1.00 27.47 ? 2   VAL B O   1 
ATOM   829  C CB  . VAL B 1 4   ? 7.641   4.097   1.810   1.00 30.74 ? 2   VAL B CB  1 
ATOM   830  C CG1 . VAL B 1 4   ? 7.965   4.326   3.276   1.00 31.44 ? 2   VAL B CG1 1 
ATOM   831  C CG2 . VAL B 1 4   ? 7.903   5.356   0.962   1.00 32.11 ? 2   VAL B CG2 1 
ATOM   832  N N   . VAL B 1 5   ? 7.705   0.719   2.166   1.00 26.48 ? 3   VAL B N   1 
ATOM   833  C CA  . VAL B 1 5   ? 6.741   -0.346  2.455   1.00 25.49 ? 3   VAL B CA  1 
ATOM   834  C C   . VAL B 1 5   ? 5.456   0.283   3.052   1.00 23.44 ? 3   VAL B C   1 
ATOM   835  O O   . VAL B 1 5   ? 5.526   1.227   3.843   1.00 23.90 ? 3   VAL B O   1 
ATOM   836  C CB  . VAL B 1 5   ? 7.368   -1.413  3.417   1.00 26.04 ? 3   VAL B CB  1 
ATOM   837  C CG1 . VAL B 1 5   ? 7.743   -0.794  4.716   1.00 28.30 ? 3   VAL B CG1 1 
ATOM   838  C CG2 . VAL B 1 5   ? 6.425   -2.582  3.694   1.00 27.28 ? 3   VAL B CG2 1 
ATOM   839  N N   . PRO B 1 6   ? 4.273   -0.228  2.670   1.00 21.48 ? 4   PRO B N   1 
ATOM   840  C CA  . PRO B 1 6   ? 3.057   0.155   3.404   1.00 20.73 ? 4   PRO B CA  1 
ATOM   841  C C   . PRO B 1 6   ? 3.172   -0.173  4.871   1.00 19.59 ? 4   PRO B C   1 
ATOM   842  O O   . PRO B 1 6   ? 3.770   -1.184  5.233   1.00 18.74 ? 4   PRO B O   1 
ATOM   843  C CB  . PRO B 1 6   ? 1.969   -0.729  2.786   1.00 20.74 ? 4   PRO B CB  1 
ATOM   844  C CG  . PRO B 1 6   ? 2.486   -1.174  1.506   1.00 22.07 ? 4   PRO B CG  1 
ATOM   845  C CD  . PRO B 1 6   ? 3.990   -1.158  1.571   1.00 22.10 ? 4   PRO B CD  1 
ATOM   846  N N   . SER B 1 7   ? 2.580   0.659   5.722   1.00 19.12 ? 5   SER B N   1 
ATOM   847  C CA  . SER B 1 7   ? 2.573   0.402   7.152   1.00 19.49 ? 5   SER B CA  1 
ATOM   848  C C   . SER B 1 7   ? 1.651   -0.787  7.467   1.00 17.73 ? 5   SER B C   1 
ATOM   849  O O   . SER B 1 7   ? 0.569   -0.868  6.919   1.00 19.79 ? 5   SER B O   1 
ATOM   850  C CB  . SER B 1 7   ? 2.144   1.673   7.887   1.00 20.18 ? 5   SER B CB  1 
ATOM   851  O OG  . SER B 1 7   ? 3.168   2.646   7.733   1.00 23.80 ? 5   SER B OG  1 
ATOM   852  N N   . ALA B 1 8   ? 2.139   -1.738  8.260   1.00 17.01 ? 6   ALA B N   1 
ATOM   853  C CA  . ALA B 1 8   ? 1.353   -2.936  8.598   1.00 15.83 ? 6   ALA B CA  1 
ATOM   854  C C   . ALA B 1 8   ? 0.083   -2.568  9.360   1.00 16.38 ? 6   ALA B C   1 
ATOM   855  O O   . ALA B 1 8   ? 0.101   -1.660  10.183  1.00 17.21 ? 6   ALA B O   1 
ATOM   856  C CB  . ALA B 1 8   ? 2.205   -3.889  9.418   1.00 15.69 ? 6   ALA B CB  1 
ATOM   857  N N   . LYS B 1 9   ? -1.010  -3.268  9.035   1.00 15.98 ? 7   LYS B N   1 
ATOM   858  C CA  . LYS B 1 9   ? -2.270  -3.187  9.785   1.00 15.09 ? 7   LYS B CA  1 
ATOM   859  C C   . LYS B 1 9   ? -2.256  -4.339  10.807  1.00 15.57 ? 7   LYS B C   1 
ATOM   860  O O   . LYS B 1 9   ? -2.212  -5.502  10.420  1.00 15.16 ? 7   LYS B O   1 
ATOM   861  C CB  . LYS B 1 9   ? -3.453  -3.304  8.819   1.00 16.78 ? 7   LYS B CB  1 
ATOM   862  C CG  . LYS B 1 9   ? -4.843  -3.227  9.495   1.00 18.02 ? 7   LYS B CG  1 
ATOM   863  C CD  . LYS B 1 9   ? -5.922  -3.532  8.464   1.00 21.48 ? 7   LYS B CD  1 
ATOM   864  C CE  . LYS B 1 9   ? -7.290  -3.205  8.975   1.00 24.61 ? 7   LYS B CE  1 
ATOM   865  N NZ  . LYS B 1 9   ? -8.195  -3.151  7.760   1.00 29.28 ? 7   LYS B NZ  1 
ATOM   866  N N   . LEU B 1 10  ? -2.244  -3.999  12.093  1.00 14.91 ? 8   LEU B N   1 
ATOM   867  C CA  . LEU B 1 10  ? -2.342  -5.020  13.156  1.00 14.79 ? 8   LEU B CA  1 
ATOM   868  C C   . LEU B 1 10  ? -3.734  -5.016  13.749  1.00 15.38 ? 8   LEU B C   1 
ATOM   869  O O   . LEU B 1 10  ? -4.305  -3.932  14.019  1.00 15.76 ? 8   LEU B O   1 
ATOM   870  C CB  . LEU B 1 10  ? -1.311  -4.770  14.256  1.00 14.90 ? 8   LEU B CB  1 
ATOM   871  C CG  . LEU B 1 10  ? 0.145   -5.056  13.840  1.00 17.88 ? 8   LEU B CG  1 
ATOM   872  C CD1 . LEU B 1 10  ? 0.772   -3.898  13.058  1.00 22.61 ? 8   LEU B CD1 1 
ATOM   873  C CD2 . LEU B 1 10  ? 1.013   -5.345  15.041  1.00 17.66 ? 8   LEU B CD2 1 
ATOM   874  N N   . GLU B 1 11  ? -4.280  -6.218  13.921  1.00 14.44 ? 9   GLU B N   1 
ATOM   875  C CA  . GLU B 1 11  ? -5.652  -6.399  14.424  1.00 15.77 ? 9   GLU B CA  1 
ATOM   876  C C   . GLU B 1 11  ? -5.675  -7.438  15.538  1.00 15.54 ? 9   GLU B C   1 
ATOM   877  O O   . GLU B 1 11  ? -5.157  -8.533  15.362  1.00 16.05 ? 9   GLU B O   1 
ATOM   878  C CB  . GLU B 1 11  ? -6.574  -6.843  13.313  1.00 16.74 ? 9   GLU B CB  1 
ATOM   879  C CG  . GLU B 1 11  ? -6.729  -5.837  12.151  1.00 18.84 ? 9   GLU B CG  1 
ATOM   880  C CD  . GLU B 1 11  ? -7.492  -6.442  10.990  1.00 21.42 ? 9   GLU B CD  1 
ATOM   881  O OE1 . GLU B 1 11  ? -6.880  -7.129  10.146  1.00 20.68 ? 9   GLU B OE1 1 
ATOM   882  O OE2 . GLU B 1 11  ? -8.726  -6.219  10.892  1.00 22.87 ? 9   GLU B OE2 1 
ATOM   883  N N   . ALA B 1 12  ? -6.293  -7.096  16.670  1.00 15.57 ? 10  ALA B N   1 
ATOM   884  C CA  . ALA B 1 12  ? -6.490  -8.045  17.780  1.00 16.08 ? 10  ALA B CA  1 
ATOM   885  C C   . ALA B 1 12  ? -7.885  -8.614  17.628  1.00 17.83 ? 10  ALA B C   1 
ATOM   886  O O   . ALA B 1 12  ? -8.861  -7.868  17.400  1.00 17.82 ? 10  ALA B O   1 
ATOM   887  C CB  . ALA B 1 12  ? -6.327  -7.345  19.129  1.00 14.88 ? 10  ALA B CB  1 
ATOM   888  N N   . ILE B 1 13  ? -7.994  -9.933  17.675  1.00 17.89 ? 11  ILE B N   1 
ATOM   889  C CA  . ILE B 1 13  ? -9.282  -10.583 17.463  1.00 19.70 ? 11  ILE B CA  1 
ATOM   890  C C   . ILE B 1 13  ? -9.760  -11.081 18.810  1.00 18.69 ? 11  ILE B C   1 
ATOM   891  O O   . ILE B 1 13  ? -8.997  -11.660 19.569  1.00 17.73 ? 11  ILE B O   1 
ATOM   892  C CB  . ILE B 1 13  ? -9.161  -11.767 16.451  1.00 20.18 ? 11  ILE B CB  1 
ATOM   893  C CG1 . ILE B 1 13  ? -8.641  -11.274 15.068  1.00 22.88 ? 11  ILE B CG1 1 
ATOM   894  C CG2 . ILE B 1 13  ? -10.442 -12.572 16.356  1.00 22.08 ? 11  ILE B CG2 1 
ATOM   895  C CD1 . ILE B 1 13  ? -9.672  -10.840 14.084  1.00 28.26 ? 11  ILE B CD1 1 
ATOM   896  N N   . TYR B 1 14  ? -11.011 -10.774 19.139  1.00 17.55 ? 12  TYR B N   1 
ATOM   897  C CA  . TYR B 1 14  ? -11.624 -11.360 20.326  1.00 17.04 ? 12  TYR B CA  1 
ATOM   898  C C   . TYR B 1 14  ? -12.555 -12.467 19.851  1.00 17.86 ? 12  TYR B C   1 
ATOM   899  O O   . TYR B 1 14  ? -13.343 -12.255 18.936  1.00 18.82 ? 12  TYR B O   1 
ATOM   900  C CB  . TYR B 1 14  ? -12.423 -10.300 21.081  1.00 16.71 ? 12  TYR B CB  1 
ATOM   901  C CG  . TYR B 1 14  ? -13.226 -10.810 22.267  1.00 13.35 ? 12  TYR B CG  1 
ATOM   902  C CD1 . TYR B 1 14  ? -12.732 -10.708 23.556  1.00 14.61 ? 12  TYR B CD1 1 
ATOM   903  C CD2 . TYR B 1 14  ? -14.505 -11.328 22.090  1.00 13.58 ? 12  TYR B CD2 1 
ATOM   904  C CE1 . TYR B 1 14  ? -13.480 -11.133 24.672  1.00 12.70 ? 12  TYR B CE1 1 
ATOM   905  C CE2 . TYR B 1 14  ? -15.259 -11.777 23.183  1.00 14.18 ? 12  TYR B CE2 1 
ATOM   906  C CZ  . TYR B 1 14  ? -14.737 -11.663 24.472  1.00 13.21 ? 12  TYR B CZ  1 
ATOM   907  O OH  . TYR B 1 14  ? -15.496 -12.069 25.542  1.00 13.52 ? 12  TYR B OH  1 
ATOM   908  N N   . PRO B 1 15  ? -12.515 -13.634 20.513  1.00 17.61 ? 13  PRO B N   1 
ATOM   909  C CA  . PRO B 1 15  ? -11.781 -13.821 21.755  1.00 18.58 ? 13  PRO B CA  1 
ATOM   910  C C   . PRO B 1 15  ? -10.283 -14.053 21.677  1.00 18.12 ? 13  PRO B C   1 
ATOM   911  O O   . PRO B 1 15  ? -9.586  -13.805 22.646  1.00 18.53 ? 13  PRO B O   1 
ATOM   912  C CB  . PRO B 1 15  ? -12.445 -15.063 22.371  1.00 18.97 ? 13  PRO B CB  1 
ATOM   913  C CG  . PRO B 1 15  ? -13.050 -15.749 21.283  1.00 19.83 ? 13  PRO B CG  1 
ATOM   914  C CD  . PRO B 1 15  ? -13.483 -14.731 20.290  1.00 18.43 ? 13  PRO B CD  1 
ATOM   915  N N   . LYS B 1 16  ? -9.781  -14.547 20.551  1.00 18.36 ? 14  LYS B N   1 
ATOM   916  C CA  . LYS B 1 16  ? -8.346  -14.750 20.443  1.00 19.12 ? 14  LYS B CA  1 
ATOM   917  C C   . LYS B 1 16  ? -7.881  -14.538 19.020  1.00 18.17 ? 14  LYS B C   1 
ATOM   918  O O   . LYS B 1 16  ? -8.621  -14.717 18.075  1.00 18.66 ? 14  LYS B O   1 
ATOM   919  C CB  . LYS B 1 16  ? -7.909  -16.126 20.967  1.00 19.70 ? 14  LYS B CB  1 
ATOM   920  C CG  . LYS B 1 16  ? -8.502  -17.291 20.255  1.00 23.51 ? 14  LYS B CG  1 
ATOM   921  C CD  . LYS B 1 16  ? -8.056  -18.588 20.946  1.00 28.06 ? 14  LYS B CD  1 
ATOM   922  C CE  . LYS B 1 16  ? -8.273  -19.786 20.043  1.00 30.41 ? 14  LYS B CE  1 
ATOM   923  N NZ  . LYS B 1 16  ? -9.719  -20.073 19.858  1.00 33.31 ? 14  LYS B NZ  1 
ATOM   924  N N   . GLY B 1 17  ? -6.613  -14.153 18.910  1.00 17.75 ? 15  GLY B N   1 
ATOM   925  C CA  . GLY B 1 17  ? -5.981  -14.063 17.611  1.00 17.51 ? 15  GLY B CA  1 
ATOM   926  C C   . GLY B 1 17  ? -5.322  -12.722 17.359  1.00 16.69 ? 15  GLY B C   1 
ATOM   927  O O   . GLY B 1 17  ? -5.606  -11.695 18.019  1.00 17.71 ? 15  GLY B O   1 
ATOM   928  N N   . LEU B 1 18  ? -4.400  -12.756 16.404  1.00 14.69 ? 16  LEU B N   1 
ATOM   929  C CA  . LEU B 1 18  ? -3.728  -11.560 15.901  1.00 14.57 ? 16  LEU B CA  1 
ATOM   930  C C   . LEU B 1 18  ? -3.704  -11.688 14.392  1.00 14.41 ? 16  LEU B C   1 
ATOM   931  O O   . LEU B 1 18  ? -3.462  -12.762 13.858  1.00 13.50 ? 16  LEU B O   1 
ATOM   932  C CB  . LEU B 1 18  ? -2.307  -11.479 16.436  1.00 13.52 ? 16  LEU B CB  1 
ATOM   933  C CG  . LEU B 1 18  ? -1.331  -10.489 15.782  1.00 13.02 ? 16  LEU B CG  1 
ATOM   934  C CD1 . LEU B 1 18  ? -1.771  -9.022  16.086  1.00 13.00 ? 16  LEU B CD1 1 
ATOM   935  C CD2 . LEU B 1 18  ? 0.140   -10.700 16.204  1.00 14.57 ? 16  LEU B CD2 1 
ATOM   936  N N   . ARG B 1 19  ? -3.931  -10.581 13.682  1.00 13.34 ? 17  ARG B N   1 
ATOM   937  C CA  . ARG B 1 19  ? -3.835  -10.563 12.227  1.00 15.24 ? 17  ARG B CA  1 
ATOM   938  C C   . ARG B 1 19  ? -2.963  -9.382  11.871  1.00 13.99 ? 17  ARG B C   1 
ATOM   939  O O   . ARG B 1 19  ? -3.158  -8.290  12.424  1.00 14.86 ? 17  ARG B O   1 
ATOM   940  C CB  . ARG B 1 19  ? -5.238  -10.453 11.608  1.00 15.60 ? 17  ARG B CB  1 
ATOM   941  C CG  . ARG B 1 19  ? -5.269  -10.467 10.095  1.00 17.95 ? 17  ARG B CG  1 
ATOM   942  C CD  . ARG B 1 19  ? -6.678  -10.863 9.588   1.00 21.13 ? 17  ARG B CD  1 
ATOM   943  N NE  . ARG B 1 19  ? -7.650  -9.858  9.998   1.00 23.86 ? 17  ARG B NE  1 
ATOM   944  C CZ  . ARG B 1 19  ? -8.866  -10.123 10.473  1.00 25.89 ? 17  ARG B CZ  1 
ATOM   945  N NH1 . ARG B 1 19  ? -9.294  -11.379 10.596  1.00 27.95 ? 17  ARG B NH1 1 
ATOM   946  N NH2 . ARG B 1 19  ? -9.656  -9.109  10.806  1.00 26.05 ? 17  ARG B NH2 1 
ATOM   947  N N   . VAL B 1 20  ? -1.984  -9.592  10.983  1.00 13.05 ? 18  VAL B N   1 
ATOM   948  C CA  . VAL B 1 20  ? -1.085  -8.514  10.538  1.00 13.87 ? 18  VAL B CA  1 
ATOM   949  C C   . VAL B 1 20  ? -1.049  -8.573  9.020   1.00 14.41 ? 18  VAL B C   1 
ATOM   950  O O   . VAL B 1 20  ? -0.836  -9.617  8.443   1.00 15.14 ? 18  VAL B O   1 
ATOM   951  C CB  . VAL B 1 20  ? 0.356   -8.683  11.081  1.00 14.71 ? 18  VAL B CB  1 
ATOM   952  C CG1 . VAL B 1 20  ? 1.244   -7.514  10.642  1.00 15.44 ? 18  VAL B CG1 1 
ATOM   953  C CG2 . VAL B 1 20  ? 0.342   -8.809  12.591  1.00 15.95 ? 18  VAL B CG2 1 
ATOM   954  N N   . SER B 1 21  ? -1.307  -7.453  8.364   1.00 14.64 ? 19  SER B N   1 
ATOM   955  C CA  . SER B 1 21  ? -1.360  -7.486  6.924   1.00 14.23 ? 19  SER B CA  1 
ATOM   956  C C   . SER B 1 21  ? -0.883  -6.197  6.293   1.00 14.06 ? 19  SER B C   1 
ATOM   957  O O   . SER B 1 21  ? -0.838  -5.163  6.949   1.00 15.12 ? 19  SER B O   1 
ATOM   958  C CB  . SER B 1 21  ? -2.781  -7.792  6.426   1.00 15.59 ? 19  SER B CB  1 
ATOM   959  O OG  . SER B 1 21  ? -3.698  -6.768  6.809   1.00 15.93 ? 19  SER B OG  1 
ATOM   960  N N   . ILE B 1 22  ? -0.551  -6.303  5.013   1.00 14.98 ? 20  ILE B N   1 
ATOM   961  C CA  . ILE B 1 22  ? -0.278  -5.143  4.172   1.00 15.00 ? 20  ILE B CA  1 
ATOM   962  C C   . ILE B 1 22  ? -0.953  -5.343  2.815   1.00 16.18 ? 20  ILE B C   1 
ATOM   963  O O   . ILE B 1 22  ? -1.129  -6.475  2.347   1.00 14.93 ? 20  ILE B O   1 
ATOM   964  C CB  . ILE B 1 22  ? 1.255   -4.862  3.994   1.00 15.79 ? 20  ILE B CB  1 
ATOM   965  C CG1 . ILE B 1 22  ? 1.965   -6.072  3.415   1.00 14.42 ? 20  ILE B CG1 1 
ATOM   966  C CG2 . ILE B 1 22  ? 1.915   -4.403  5.303   1.00 15.89 ? 20  ILE B CG2 1 
ATOM   967  C CD1 . ILE B 1 22  ? 3.356   -5.759  2.897   1.00 16.02 ? 20  ILE B CD1 1 
ATOM   968  N N   . PRO B 1 23  ? -1.322  -4.225  2.146   1.00 16.94 ? 21  PRO B N   1 
ATOM   969  C CA  . PRO B 1 23  ? -1.799  -4.362  0.784   1.00 18.44 ? 21  PRO B CA  1 
ATOM   970  C C   . PRO B 1 23  ? -0.642  -4.728  -0.158  1.00 19.50 ? 21  PRO B C   1 
ATOM   971  O O   . PRO B 1 23  ? 0.494   -4.284  0.054   1.00 20.02 ? 21  PRO B O   1 
ATOM   972  C CB  . PRO B 1 23  ? -2.346  -2.954  0.472   1.00 18.34 ? 21  PRO B CB  1 
ATOM   973  C CG  . PRO B 1 23  ? -1.617  -2.049  1.377   1.00 19.19 ? 21  PRO B CG  1 
ATOM   974  C CD  . PRO B 1 23  ? -1.341  -2.825  2.627   1.00 17.48 ? 21  PRO B CD  1 
ATOM   975  N N   . ASP B 1 24  ? -0.932  -5.524  -1.174  1.00 21.10 ? 22  ASP B N   1 
ATOM   976  C CA  . ASP B 1 24  ? 0.077   -5.946  -2.131  1.00 23.85 ? 22  ASP B CA  1 
ATOM   977  C C   . ASP B 1 24  ? 0.514   -4.746  -2.981  1.00 25.34 ? 22  ASP B C   1 
ATOM   978  O O   . ASP B 1 24  ? -0.300  -3.874  -3.293  1.00 27.07 ? 22  ASP B O   1 
ATOM   979  C CB  . ASP B 1 24  ? -0.477  -7.076  -2.995  1.00 23.87 ? 22  ASP B CB  1 
ATOM   980  C CG  . ASP B 1 24  ? 0.606   -7.792  -3.810  1.00 25.55 ? 22  ASP B CG  1 
ATOM   981  O OD1 . ASP B 1 24  ? 1.810   -7.563  -3.583  1.00 26.47 ? 22  ASP B OD1 1 
ATOM   982  O OD2 . ASP B 1 24  ? 0.250   -8.616  -4.667  1.00 31.04 ? 22  ASP B OD2 1 
ATOM   983  N N   . ASP B 1 25  ? 1.808   -4.669  -3.286  1.00 26.94 ? 23  ASP B N   1 
ATOM   984  C CA  . ASP B 1 25  ? 2.323   -3.664  -4.231  1.00 28.02 ? 23  ASP B CA  1 
ATOM   985  C C   . ASP B 1 25  ? 3.348   -4.322  -5.158  1.00 28.40 ? 23  ASP B C   1 
ATOM   986  O O   . ASP B 1 25  ? 4.420   -3.770  -5.412  1.00 29.16 ? 23  ASP B O   1 
ATOM   987  C CB  . ASP B 1 25  ? 2.900   -2.434  -3.497  1.00 28.76 ? 23  ASP B CB  1 
ATOM   988  C CG  . ASP B 1 25  ? 3.134   -1.225  -4.432  1.00 32.24 ? 23  ASP B CG  1 
ATOM   989  O OD1 . ASP B 1 25  ? 2.506   -1.150  -5.514  1.00 33.34 ? 23  ASP B OD1 1 
ATOM   990  O OD2 . ASP B 1 25  ? 3.944   -0.333  -4.070  1.00 37.43 ? 23  ASP B OD2 1 
ATOM   991  N N   . GLY B 1 26  ? 3.005   -5.506  -5.658  1.00 28.19 ? 24  GLY B N   1 
ATOM   992  C CA  . GLY B 1 26  ? 3.915   -6.290  -6.495  1.00 27.84 ? 24  GLY B CA  1 
ATOM   993  C C   . GLY B 1 26  ? 5.065   -6.896  -5.693  1.00 27.61 ? 24  GLY B C   1 
ATOM   994  O O   . GLY B 1 26  ? 6.238   -6.717  -6.048  1.00 27.91 ? 24  GLY B O   1 
ATOM   995  N N   . PHE B 1 27  ? 4.727   -7.609  -4.614  1.00 26.42 ? 25  PHE B N   1 
ATOM   996  C CA  . PHE B 1 27  ? 5.709   -8.231  -3.715  1.00 25.19 ? 25  PHE B CA  1 
ATOM   997  C C   . PHE B 1 27  ? 5.886   -9.711  -3.968  1.00 24.18 ? 25  PHE B C   1 
ATOM   998  O O   . PHE B 1 27  ? 5.015   -10.339 -4.565  1.00 25.21 ? 25  PHE B O   1 
ATOM   999  C CB  . PHE B 1 27  ? 5.296   -8.064  -2.239  1.00 25.15 ? 25  PHE B CB  1 
ATOM   1000 C CG  . PHE B 1 27  ? 5.075   -6.636  -1.809  1.00 26.34 ? 25  PHE B CG  1 
ATOM   1001 C CD1 . PHE B 1 27  ? 5.907   -5.614  -2.256  1.00 27.52 ? 25  PHE B CD1 1 
ATOM   1002 C CD2 . PHE B 1 27  ? 4.033   -6.303  -0.920  1.00 26.65 ? 25  PHE B CD2 1 
ATOM   1003 C CE1 . PHE B 1 27  ? 5.716   -4.306  -1.875  1.00 27.59 ? 25  PHE B CE1 1 
ATOM   1004 C CE2 . PHE B 1 27  ? 3.830   -4.971  -0.530  1.00 25.43 ? 25  PHE B CE2 1 
ATOM   1005 C CZ  . PHE B 1 27  ? 4.676   -3.973  -0.995  1.00 29.22 ? 25  PHE B CZ  1 
ATOM   1006 N N   . SER B 1 28  ? 6.999   -10.275 -3.483  1.00 23.07 ? 26  SER B N   1 
ATOM   1007 C CA  . SER B 1 28  ? 7.279   -11.719 -3.525  1.00 22.65 ? 26  SER B CA  1 
ATOM   1008 C C   . SER B 1 28  ? 7.288   -12.400 -2.153  1.00 21.75 ? 26  SER B C   1 
ATOM   1009 O O   . SER B 1 28  ? 7.207   -13.632 -2.044  1.00 20.98 ? 26  SER B O   1 
ATOM   1010 C CB  . SER B 1 28  ? 8.620   -11.989 -4.208  1.00 24.71 ? 26  SER B CB  1 
ATOM   1011 O OG  . SER B 1 28  ? 8.632   -11.365 -5.476  1.00 27.80 ? 26  SER B OG  1 
ATOM   1012 N N   . LEU B 1 29  ? 7.436   -11.595 -1.102  1.00 19.91 ? 27  LEU B N   1 
ATOM   1013 C CA  . LEU B 1 29  ? 7.440   -12.147 0.269   1.00 18.12 ? 27  LEU B CA  1 
ATOM   1014 C C   . LEU B 1 29  ? 7.125   -11.002 1.233   1.00 16.46 ? 27  LEU B C   1 
ATOM   1015 O O   . LEU B 1 29  ? 7.473   -9.839  0.974   1.00 17.24 ? 27  LEU B O   1 
ATOM   1016 C CB  . LEU B 1 29  ? 8.777   -12.839 0.597   1.00 18.97 ? 27  LEU B CB  1 
ATOM   1017 C CG  . LEU B 1 29  ? 8.970   -13.524 1.954   1.00 16.69 ? 27  LEU B CG  1 
ATOM   1018 C CD1 . LEU B 1 29  ? 9.869   -14.746 1.877   1.00 21.19 ? 27  LEU B CD1 1 
ATOM   1019 C CD2 . LEU B 1 29  ? 9.605   -12.443 2.822   1.00 18.59 ? 27  LEU B CD2 1 
ATOM   1020 N N   . PHE B 1 30  ? 6.391   -11.327 2.302   1.00 14.56 ? 28  PHE B N   1 
ATOM   1021 C CA  . PHE B 1 30  ? 6.142   -10.431 3.405   1.00 12.94 ? 28  PHE B CA  1 
ATOM   1022 C C   . PHE B 1 30  ? 6.503   -11.196 4.665   1.00 12.95 ? 28  PHE B C   1 
ATOM   1023 O O   . PHE B 1 30  ? 5.960   -12.271 4.900   1.00 13.24 ? 28  PHE B O   1 
ATOM   1024 C CB  . PHE B 1 30  ? 4.641   -10.010 3.456   1.00 12.82 ? 28  PHE B CB  1 
ATOM   1025 C CG  . PHE B 1 30  ? 4.219   -9.329  4.737   1.00 12.96 ? 28  PHE B CG  1 
ATOM   1026 C CD1 . PHE B 1 30  ? 4.734   -8.066  5.089   1.00 13.83 ? 28  PHE B CD1 1 
ATOM   1027 C CD2 . PHE B 1 30  ? 3.255   -9.903  5.553   1.00 13.78 ? 28  PHE B CD2 1 
ATOM   1028 C CE1 . PHE B 1 30  ? 4.313   -7.396  6.252   1.00 17.12 ? 28  PHE B CE1 1 
ATOM   1029 C CE2 . PHE B 1 30  ? 2.817   -9.248  6.721   1.00 13.81 ? 28  PHE B CE2 1 
ATOM   1030 C CZ  . PHE B 1 30  ? 3.348   -8.017  7.088   1.00 15.79 ? 28  PHE B CZ  1 
ATOM   1031 N N   . ALA B 1 31  ? 7.432   -10.664 5.469   1.00 11.29 ? 29  ALA B N   1 
ATOM   1032 C CA  . ALA B 1 31  ? 7.791   -11.296 6.731   1.00 12.21 ? 29  ALA B CA  1 
ATOM   1033 C C   . ALA B 1 31  ? 7.451   -10.379 7.877   1.00 12.14 ? 29  ALA B C   1 
ATOM   1034 O O   . ALA B 1 31  ? 7.727   -9.173  7.827   1.00 12.59 ? 29  ALA B O   1 
ATOM   1035 C CB  . ALA B 1 31  ? 9.278   -11.627 6.783   1.00 12.54 ? 29  ALA B CB  1 
ATOM   1036 N N   . PHE B 1 32  ? 6.849   -10.966 8.915   1.00 11.33 ? 30  PHE B N   1 
ATOM   1037 C CA  . PHE B 1 32  ? 6.526   -10.269 10.142  1.00 10.31 ? 30  PHE B CA  1 
ATOM   1038 C C   . PHE B 1 32  ? 7.382   -10.754 11.306  1.00 9.66  ? 30  PHE B C   1 
ATOM   1039 O O   . PHE B 1 32  ? 7.501   -11.958 11.544  1.00 10.16 ? 30  PHE B O   1 
ATOM   1040 C CB  . PHE B 1 32  ? 5.031   -10.497 10.469  1.00 10.22 ? 30  PHE B CB  1 
ATOM   1041 C CG  . PHE B 1 32  ? 4.588   -9.920  11.792  1.00 10.93 ? 30  PHE B CG  1 
ATOM   1042 C CD1 . PHE B 1 32  ? 4.487   -8.524  11.964  1.00 12.62 ? 30  PHE B CD1 1 
ATOM   1043 C CD2 . PHE B 1 32  ? 4.265   -10.773 12.888  1.00 11.21 ? 30  PHE B CD2 1 
ATOM   1044 C CE1 . PHE B 1 32  ? 4.087   -7.971  13.222  1.00 13.71 ? 30  PHE B CE1 1 
ATOM   1045 C CE2 . PHE B 1 32  ? 3.859   -10.222 14.122  1.00 12.89 ? 30  PHE B CE2 1 
ATOM   1046 C CZ  . PHE B 1 32  ? 3.773   -8.830  14.281  1.00 13.63 ? 30  PHE B CZ  1 
ATOM   1047 N N   . HIS B 1 33  ? 7.990   -9.819  12.024  1.00 9.71  ? 31  HIS B N   1 
ATOM   1048 C CA  . HIS B 1 33  ? 8.745   -10.122 13.232  1.00 10.46 ? 31  HIS B CA  1 
ATOM   1049 C C   . HIS B 1 33  ? 8.099   -9.302  14.320  1.00 12.49 ? 31  HIS B C   1 
ATOM   1050 O O   . HIS B 1 33  ? 7.998   -8.062  14.188  1.00 11.70 ? 31  HIS B O   1 
ATOM   1051 C CB  . HIS B 1 33  ? 10.188  -9.642  13.057  1.00 11.51 ? 31  HIS B CB  1 
ATOM   1052 C CG  . HIS B 1 33  ? 10.946  -10.439 12.062  1.00 9.54  ? 31  HIS B CG  1 
ATOM   1053 N ND1 . HIS B 1 33  ? 11.615  -11.598 12.385  1.00 11.24 ? 31  HIS B ND1 1 
ATOM   1054 C CD2 . HIS B 1 33  ? 11.165  -10.220 10.746  1.00 10.55 ? 31  HIS B CD2 1 
ATOM   1055 C CE1 . HIS B 1 33  ? 12.197  -12.078 11.298  1.00 11.34 ? 31  HIS B CE1 1 
ATOM   1056 N NE2 . HIS B 1 33  ? 11.925  -11.271 10.286  1.00 11.30 ? 31  HIS B NE2 1 
ATOM   1057 N N   . GLY B 1 34  ? 7.644   -9.950  15.380  1.00 10.41 ? 32  GLY B N   1 
ATOM   1058 C CA  . GLY B 1 34  ? 6.941   -9.193  16.454  1.00 12.01 ? 32  GLY B CA  1 
ATOM   1059 C C   . GLY B 1 34  ? 7.227   -9.773  17.814  1.00 11.40 ? 32  GLY B C   1 
ATOM   1060 O O   . GLY B 1 34  ? 7.572   -10.955 17.952  1.00 11.66 ? 32  GLY B O   1 
ATOM   1061 N N   . LYS B 1 35  ? 7.126   -8.929  18.840  1.00 11.48 ? 33  LYS B N   1 
ATOM   1062 C CA  . LYS B 1 35  ? 7.255   -9.379  20.201  1.00 12.38 ? 33  LYS B CA  1 
ATOM   1063 C C   . LYS B 1 35  ? 6.121   -8.735  21.004  1.00 12.51 ? 33  LYS B C   1 
ATOM   1064 O O   . LYS B 1 35  ? 5.806   -7.540  20.836  1.00 13.39 ? 33  LYS B O   1 
ATOM   1065 C CB  . LYS B 1 35  ? 8.591   -8.908  20.742  1.00 12.42 ? 33  LYS B CB  1 
ATOM   1066 C CG  . LYS B 1 35  ? 9.816   -9.674  20.155  1.00 14.01 ? 33  LYS B CG  1 
ATOM   1067 C CD  . LYS B 1 35  ? 11.159  -9.068  20.623  1.00 15.53 ? 33  LYS B CD  1 
ATOM   1068 C CE  . LYS B 1 35  ? 11.459  -9.417  22.058  1.00 17.63 ? 33  LYS B CE  1 
ATOM   1069 N NZ  . LYS B 1 35  ? 12.766  -8.922  22.562  1.00 17.99 ? 33  LYS B NZ  1 
ATOM   1070 N N   . LEU B 1 36  ? 5.526   -9.536  21.873  1.00 12.29 ? 34  LEU B N   1 
ATOM   1071 C CA  . LEU B 1 36  ? 4.494   -9.088  22.802  1.00 12.86 ? 34  LEU B CA  1 
ATOM   1072 C C   . LEU B 1 36  ? 5.097   -8.505  24.072  1.00 13.56 ? 34  LEU B C   1 
ATOM   1073 O O   . LEU B 1 36  ? 5.811   -9.192  24.813  1.00 13.97 ? 34  LEU B O   1 
ATOM   1074 C CB  . LEU B 1 36  ? 3.559   -10.271 23.134  1.00 14.09 ? 34  LEU B CB  1 
ATOM   1075 C CG  . LEU B 1 36  ? 2.354   -9.942  24.024  1.00 14.92 ? 34  LEU B CG  1 
ATOM   1076 C CD1 . LEU B 1 36  ? 1.409   -8.872  23.441  1.00 16.52 ? 34  LEU B CD1 1 
ATOM   1077 C CD2 . LEU B 1 36  ? 1.608   -11.246 24.276  1.00 16.53 ? 34  LEU B CD2 1 
ATOM   1078 N N   . ASN B 1 37  ? 4.855   -7.214  24.281  1.00 14.13 ? 35  ASN B N   1 
ATOM   1079 C CA  . ASN B 1 37  ? 5.231   -6.520  25.532  1.00 15.59 ? 35  ASN B CA  1 
ATOM   1080 C C   . ASN B 1 37  ? 6.726   -6.512  25.871  1.00 16.47 ? 35  ASN B C   1 
ATOM   1081 O O   . ASN B 1 37  ? 7.127   -6.437  27.038  1.00 18.74 ? 35  ASN B O   1 
ATOM   1082 C CB  . ASN B 1 37  ? 4.395   -7.079  26.722  1.00 15.91 ? 35  ASN B CB  1 
ATOM   1083 C CG  . ASN B 1 37  ? 2.902   -6.750  26.592  1.00 18.72 ? 35  ASN B CG  1 
ATOM   1084 O OD1 . ASN B 1 37  ? 2.535   -5.621  26.231  1.00 18.55 ? 35  ASN B OD1 1 
ATOM   1085 N ND2 . ASN B 1 37  ? 2.038   -7.743  26.884  1.00 19.78 ? 35  ASN B ND2 1 
ATOM   1086 N N   . GLU B 1 38  ? 7.568   -6.616  24.843  1.00 16.75 ? 36  GLU B N   1 
ATOM   1087 C CA  . GLU B 1 38  ? 9.024   -6.500  24.995  1.00 15.95 ? 36  GLU B CA  1 
ATOM   1088 C C   . GLU B 1 38  ? 9.560   -5.945  23.683  1.00 16.50 ? 36  GLU B C   1 
ATOM   1089 O O   . GLU B 1 38  ? 9.135   -6.355  22.603  1.00 16.09 ? 36  GLU B O   1 
ATOM   1090 C CB  . GLU B 1 38  ? 9.712   -7.837  25.313  1.00 17.06 ? 36  GLU B CB  1 
ATOM   1091 C CG  . GLU B 1 38  ? 11.228  -7.728  25.495  1.00 18.73 ? 36  GLU B CG  1 
ATOM   1092 C CD  . GLU B 1 38  ? 11.899  -9.038  25.927  1.00 19.72 ? 36  GLU B CD  1 
ATOM   1093 O OE1 . GLU B 1 38  ? 11.748  -9.438  27.094  1.00 26.96 ? 36  GLU B OE1 1 
ATOM   1094 O OE2 . GLU B 1 38  ? 12.628  -9.658  25.143  1.00 21.65 ? 36  GLU B OE2 1 
ATOM   1095 N N   . GLU B 1 39  ? 10.488  -5.007  23.788  1.00 16.34 ? 37  GLU B N   1 
ATOM   1096 C CA  . GLU B 1 39  ? 11.001  -4.305  22.605  1.00 16.94 ? 37  GLU B CA  1 
ATOM   1097 C C   . GLU B 1 39  ? 11.972  -5.173  21.812  1.00 15.54 ? 37  GLU B C   1 
ATOM   1098 O O   . GLU B 1 39  ? 12.533  -6.139  22.339  1.00 16.21 ? 37  GLU B O   1 
ATOM   1099 C CB  . GLU B 1 39  ? 11.682  -2.985  22.984  1.00 17.92 ? 37  GLU B CB  1 
ATOM   1100 C CG  . GLU B 1 39  ? 10.743  -1.983  23.650  1.00 21.67 ? 37  GLU B CG  1 
ATOM   1101 C CD  . GLU B 1 39  ? 10.830  -0.581  23.051  1.00 26.85 ? 37  GLU B CD  1 
ATOM   1102 O OE1 . GLU B 1 39  ? 11.162  -0.452  21.858  1.00 28.65 ? 37  GLU B OE1 1 
ATOM   1103 O OE2 . GLU B 1 39  ? 10.549  0.396   23.783  1.00 30.35 ? 37  GLU B OE2 1 
ATOM   1104 N N   . MET B 1 40  ? 12.134  -4.804  20.543  1.00 15.61 ? 38  MET B N   1 
ATOM   1105 C CA  . MET B 1 40  ? 13.086  -5.441  19.646  1.00 15.05 ? 38  MET B CA  1 
ATOM   1106 C C   . MET B 1 40  ? 14.478  -4.852  19.833  1.00 16.31 ? 38  MET B C   1 
ATOM   1107 O O   . MET B 1 40  ? 14.605  -3.637  20.014  1.00 18.51 ? 38  MET B O   1 
ATOM   1108 C CB  . MET B 1 40  ? 12.631  -5.148  18.209  1.00 15.66 ? 38  MET B CB  1 
ATOM   1109 C CG  . MET B 1 40  ? 11.386  -5.891  17.753  1.00 14.67 ? 38  MET B CG  1 
ATOM   1110 S SD  . MET B 1 40  ? 11.824  -7.596  17.321  1.00 15.49 ? 38  MET B SD  1 
ATOM   1111 C CE  . MET B 1 40  ? 10.282  -8.135  16.551  1.00 13.46 ? 38  MET B CE  1 
ATOM   1112 N N   . ASP B 1 41  ? 15.503  -5.701  19.785  1.00 14.27 ? 39  ASP B N   1 
ATOM   1113 C CA  . ASP B 1 41  ? 16.905  -5.249  19.719  1.00 15.12 ? 39  ASP B CA  1 
ATOM   1114 C C   . ASP B 1 41  ? 17.447  -5.300  18.278  1.00 15.78 ? 39  ASP B C   1 
ATOM   1115 O O   . ASP B 1 41  ? 18.132  -6.254  17.902  1.00 17.16 ? 39  ASP B O   1 
ATOM   1116 C CB  . ASP B 1 41  ? 17.757  -6.109  20.639  1.00 15.15 ? 39  ASP B CB  1 
ATOM   1117 C CG  . ASP B 1 41  ? 19.220  -5.655  20.667  1.00 17.61 ? 39  ASP B CG  1 
ATOM   1118 O OD1 . ASP B 1 41  ? 19.416  -4.429  20.541  1.00 21.56 ? 39  ASP B OD1 1 
ATOM   1119 O OD2 . ASP B 1 41  ? 20.097  -6.523  20.800  1.00 17.01 ? 39  ASP B OD2 1 
ATOM   1120 N N   . GLY B 1 42  ? 17.153  -4.274  17.489  1.00 15.87 ? 40  GLY B N   1 
ATOM   1121 C CA  . GLY B 1 42  ? 17.536  -4.308  16.085  1.00 15.13 ? 40  GLY B CA  1 
ATOM   1122 C C   . GLY B 1 42  ? 16.646  -5.287  15.310  1.00 13.97 ? 40  GLY B C   1 
ATOM   1123 O O   . GLY B 1 42  ? 15.432  -5.429  15.608  1.00 13.89 ? 40  GLY B O   1 
ATOM   1124 N N   . LEU B 1 43  ? 17.265  -5.952  14.333  1.00 13.48 ? 41  LEU B N   1 
ATOM   1125 C CA  . LEU B 1 43  ? 16.577  -6.905  13.419  1.00 12.66 ? 41  LEU B CA  1 
ATOM   1126 C C   . LEU B 1 43  ? 16.473  -8.288  14.072  1.00 11.91 ? 41  LEU B C   1 
ATOM   1127 O O   . LEU B 1 43  ? 16.957  -9.314  13.572  1.00 11.47 ? 41  LEU B O   1 
ATOM   1128 C CB  . LEU B 1 43  ? 17.273  -6.957  12.049  1.00 12.58 ? 41  LEU B CB  1 
ATOM   1129 C CG  . LEU B 1 43  ? 17.203  -5.599  11.328  1.00 13.23 ? 41  LEU B CG  1 
ATOM   1130 C CD1 . LEU B 1 43  ? 17.832  -5.700  9.936   1.00 17.50 ? 41  LEU B CD1 1 
ATOM   1131 C CD2 . LEU B 1 43  ? 15.799  -4.996  11.233  1.00 14.67 ? 41  LEU B CD2 1 
ATOM   1132 N N   . GLU B 1 44  ? 15.790  -8.260  15.214  1.00 11.14 ? 42  GLU B N   1 
ATOM   1133 C CA  . GLU B 1 44  ? 15.592  -9.440  16.054  1.00 10.73 ? 42  GLU B CA  1 
ATOM   1134 C C   . GLU B 1 44  ? 14.536  -10.406 15.486  1.00 10.22 ? 42  GLU B C   1 
ATOM   1135 O O   . GLU B 1 44  ? 13.571  -10.002 14.813  1.00 11.74 ? 42  GLU B O   1 
ATOM   1136 C CB  . GLU B 1 44  ? 15.211  -8.962  17.468  1.00 11.13 ? 42  GLU B CB  1 
ATOM   1137 C CG  . GLU B 1 44  ? 14.885  -10.098 18.424  1.00 10.78 ? 42  GLU B CG  1 
ATOM   1138 C CD  . GLU B 1 44  ? 14.645  -9.612  19.846  1.00 11.38 ? 42  GLU B CD  1 
ATOM   1139 O OE1 . GLU B 1 44  ? 14.902  -8.430  20.176  1.00 13.51 ? 42  GLU B OE1 1 
ATOM   1140 O OE2 . GLU B 1 44  ? 14.199  -10.419 20.674  1.00 13.20 ? 42  GLU B OE2 1 
ATOM   1141 N N   . ALA B 1 45  ? 14.744  -11.685 15.796  1.00 10.24 ? 43  ALA B N   1 
ATOM   1142 C CA  . ALA B 1 45  ? 13.808  -12.736 15.371  1.00 11.16 ? 43  ALA B CA  1 
ATOM   1143 C C   . ALA B 1 45  ? 12.382  -12.457 15.856  1.00 11.69 ? 43  ALA B C   1 
ATOM   1144 O O   . ALA B 1 45  ? 11.466  -12.268 15.039  1.00 12.10 ? 43  ALA B O   1 
ATOM   1145 C CB  . ALA B 1 45  ? 14.293  -14.056 15.885  1.00 11.94 ? 43  ALA B CB  1 
ATOM   1146 N N   . GLY B 1 46  ? 12.208  -12.476 17.182  1.00 11.62 ? 44  GLY B N   1 
ATOM   1147 C CA  . GLY B 1 46  ? 10.922  -12.127 17.800  1.00 11.90 ? 44  GLY B CA  1 
ATOM   1148 C C   . GLY B 1 46  ? 10.137  -13.353 18.276  1.00 11.19 ? 44  GLY B C   1 
ATOM   1149 O O   . GLY B 1 46  ? 10.476  -14.514 18.012  1.00 11.72 ? 44  GLY B O   1 
ATOM   1150 N N   . HIS B 1 47  ? 9.088   -13.072 19.021  1.00 11.19 ? 45  HIS B N   1 
ATOM   1151 C CA  . HIS B 1 47  ? 8.133   -14.139 19.385  1.00 11.27 ? 45  HIS B CA  1 
ATOM   1152 C C   . HIS B 1 47  ? 7.446   -14.738 18.158  1.00 12.10 ? 45  HIS B C   1 
ATOM   1153 O O   . HIS B 1 47  ? 7.239   -15.941 18.105  1.00 12.86 ? 45  HIS B O   1 
ATOM   1154 C CB  . HIS B 1 47  ? 7.050   -13.575 20.301  1.00 12.85 ? 45  HIS B CB  1 
ATOM   1155 C CG  . HIS B 1 47  ? 7.569   -13.023 21.587  1.00 12.68 ? 45  HIS B CG  1 
ATOM   1156 N ND1 . HIS B 1 47  ? 6.777   -12.253 22.414  1.00 15.22 ? 45  HIS B ND1 1 
ATOM   1157 C CD2 . HIS B 1 47  ? 8.785   -13.087 22.187  1.00 12.88 ? 45  HIS B CD2 1 
ATOM   1158 C CE1 . HIS B 1 47  ? 7.478   -11.886 23.471  1.00 12.33 ? 45  HIS B CE1 1 
ATOM   1159 N NE2 . HIS B 1 47  ? 8.698   -12.381 23.363  1.00 14.87 ? 45  HIS B NE2 1 
ATOM   1160 N N   . TRP B 1 48  ? 7.049   -13.864 17.225  1.00 11.19 ? 46  TRP B N   1 
ATOM   1161 C CA  . TRP B 1 48  ? 6.569   -14.212 15.895  1.00 11.10 ? 46  TRP B CA  1 
ATOM   1162 C C   . TRP B 1 48  ? 7.649   -13.864 14.872  1.00 11.59 ? 46  TRP B C   1 
ATOM   1163 O O   . TRP B 1 48  ? 8.156   -12.729 14.831  1.00 11.55 ? 46  TRP B O   1 
ATOM   1164 C CB  . TRP B 1 48  ? 5.348   -13.362 15.544  1.00 12.15 ? 46  TRP B CB  1 
ATOM   1165 C CG  . TRP B 1 48  ? 4.138   -13.632 16.378  1.00 12.28 ? 46  TRP B CG  1 
ATOM   1166 C CD1 . TRP B 1 48  ? 3.253   -14.669 16.241  1.00 13.91 ? 46  TRP B CD1 1 
ATOM   1167 C CD2 . TRP B 1 48  ? 3.639   -12.804 17.427  1.00 11.14 ? 46  TRP B CD2 1 
ATOM   1168 N NE1 . TRP B 1 48  ? 2.249   -14.548 17.159  1.00 14.32 ? 46  TRP B NE1 1 
ATOM   1169 C CE2 . TRP B 1 48  ? 2.448   -13.414 17.908  1.00 11.98 ? 46  TRP B CE2 1 
ATOM   1170 C CE3 . TRP B 1 48  ? 4.073   -11.602 18.014  1.00 13.27 ? 46  TRP B CE3 1 
ATOM   1171 C CZ2 . TRP B 1 48  ? 1.698   -12.864 18.952  1.00 14.05 ? 46  TRP B CZ2 1 
ATOM   1172 C CZ3 . TRP B 1 48  ? 3.333   -11.067 19.064  1.00 15.47 ? 46  TRP B CZ3 1 
ATOM   1173 C CH2 . TRP B 1 48  ? 2.149   -11.704 19.518  1.00 13.72 ? 46  TRP B CH2 1 
ATOM   1174 N N   . ALA B 1 49  ? 7.982   -14.834 14.035  1.00 11.26 ? 47  ALA B N   1 
ATOM   1175 C CA  . ALA B 1 49  ? 8.927   -14.593 12.945  1.00 12.18 ? 47  ALA B CA  1 
ATOM   1176 C C   . ALA B 1 49  ? 8.471   -15.471 11.816  1.00 13.65 ? 47  ALA B C   1 
ATOM   1177 O O   . ALA B 1 49  ? 8.840   -16.642 11.770  1.00 16.59 ? 47  ALA B O   1 
ATOM   1178 C CB  . ALA B 1 49  ? 10.332  -14.936 13.389  1.00 13.93 ? 47  ALA B CB  1 
ATOM   1179 N N   . ARG B 1 50  ? 7.605   -14.921 10.959  1.00 12.92 ? 48  ARG B N   1 
ATOM   1180 C CA  . ARG B 1 50  ? 6.904   -15.743 9.960   1.00 13.73 ? 48  ARG B CA  1 
ATOM   1181 C C   . ARG B 1 50  ? 6.872   -15.079 8.612   1.00 13.20 ? 48  ARG B C   1 
ATOM   1182 O O   . ARG B 1 50  ? 6.687   -13.857 8.487   1.00 13.45 ? 48  ARG B O   1 
ATOM   1183 C CB  . ARG B 1 50  ? 5.471   -16.053 10.404  1.00 15.03 ? 48  ARG B CB  1 
ATOM   1184 C CG  . ARG B 1 50  ? 5.362   -16.799 11.723  1.00 19.70 ? 48  ARG B CG  1 
ATOM   1185 C CD  . ARG B 1 50  ? 5.819   -18.255 11.605  1.00 25.32 ? 48  ARG B CD  1 
ATOM   1186 N NE  . ARG B 1 50  ? 5.041   -18.971 10.608  1.00 27.81 ? 48  ARG B NE  1 
ATOM   1187 C CZ  . ARG B 1 50  ? 3.849   -19.517 10.833  1.00 31.24 ? 48  ARG B CZ  1 
ATOM   1188 N NH1 . ARG B 1 50  ? 3.272   -19.435 12.030  1.00 31.98 ? 48  ARG B NH1 1 
ATOM   1189 N NH2 . ARG B 1 50  ? 3.225   -20.142 9.838   1.00 33.71 ? 48  ARG B NH2 1 
ATOM   1190 N N   . ASP B 1 51  ? 7.037   -15.917 7.592   1.00 12.04 ? 49  ASP B N   1 
ATOM   1191 C CA  . ASP B 1 51  ? 7.056   -15.494 6.211   1.00 13.20 ? 49  ASP B CA  1 
ATOM   1192 C C   . ASP B 1 51  ? 5.779   -15.904 5.516   1.00 13.01 ? 49  ASP B C   1 
ATOM   1193 O O   . ASP B 1 51  ? 5.288   -17.044 5.682   1.00 14.59 ? 49  ASP B O   1 
ATOM   1194 C CB  . ASP B 1 51  ? 8.190   -16.196 5.487   1.00 11.87 ? 49  ASP B CB  1 
ATOM   1195 C CG  . ASP B 1 51  ? 9.559   -15.826 6.002   1.00 15.21 ? 49  ASP B CG  1 
ATOM   1196 O OD1 . ASP B 1 51  ? 9.896   -14.632 5.950   1.00 18.61 ? 49  ASP B OD1 1 
ATOM   1197 O OD2 . ASP B 1 51  ? 10.305  -16.749 6.396   1.00 13.10 ? 49  ASP B OD2 1 
ATOM   1198 N N   . ILE B 1 52  ? 5.232   -14.943 4.780   1.00 13.59 ? 50  ILE B N   1 
ATOM   1199 C CA  . ILE B 1 52  ? 4.046   -15.163 3.956   1.00 14.25 ? 50  ILE B CA  1 
ATOM   1200 C C   . ILE B 1 52  ? 4.526   -15.054 2.517   1.00 14.45 ? 50  ILE B C   1 
ATOM   1201 O O   . ILE B 1 52  ? 5.127   -14.052 2.118   1.00 12.83 ? 50  ILE B O   1 
ATOM   1202 C CB  . ILE B 1 52  ? 3.001   -14.071 4.244   1.00 13.07 ? 50  ILE B CB  1 
ATOM   1203 C CG1 . ILE B 1 52  ? 2.632   -14.034 5.735   1.00 14.60 ? 50  ILE B CG1 1 
ATOM   1204 C CG2 . ILE B 1 52  ? 1.751   -14.229 3.332   1.00 14.43 ? 50  ILE B CG2 1 
ATOM   1205 C CD1 . ILE B 1 52  ? 2.045   -15.367 6.302   1.00 17.47 ? 50  ILE B CD1 1 
ATOM   1206 N N   . THR B 1 53  ? 4.242   -16.075 1.713   1.00 16.61 ? 51  THR B N   1 
ATOM   1207 C CA  . THR B 1 53  ? 4.733   -16.100 0.335   1.00 19.04 ? 51  THR B CA  1 
ATOM   1208 C C   . THR B 1 53  ? 3.590   -16.131 -0.688  1.00 20.44 ? 51  THR B C   1 
ATOM   1209 O O   . THR B 1 53  ? 3.836   -16.204 -1.883  1.00 21.06 ? 51  THR B O   1 
ATOM   1210 C CB  . THR B 1 53  ? 5.689   -17.317 0.097   1.00 18.57 ? 51  THR B CB  1 
ATOM   1211 O OG1 . THR B 1 53  ? 5.041   -18.531 0.517   1.00 21.16 ? 51  THR B OG1 1 
ATOM   1212 C CG2 . THR B 1 53  ? 7.010   -17.125 0.877   1.00 19.61 ? 51  THR B CG2 1 
ATOM   1213 N N   . LYS B 1 54  ? 2.353   -16.055 -0.219  1.00 21.49 ? 52  LYS B N   1 
ATOM   1214 C CA  . LYS B 1 54  ? 1.186   -16.075 -1.126  1.00 24.14 ? 52  LYS B CA  1 
ATOM   1215 C C   . LYS B 1 54  ? 0.262   -14.932 -0.701  1.00 23.77 ? 52  LYS B C   1 
ATOM   1216 O O   . LYS B 1 54  ? -0.221  -14.954 0.431   1.00 25.02 ? 52  LYS B O   1 
ATOM   1217 C CB  . LYS B 1 54  ? 0.452   -17.416 -0.983  1.00 25.43 ? 52  LYS B CB  1 
ATOM   1218 C CG  . LYS B 1 54  ? -0.446  -17.798 -2.153  1.00 29.20 ? 52  LYS B CG  1 
ATOM   1219 C CD  . LYS B 1 54  ? -1.322  -19.035 -1.851  1.00 33.93 ? 52  LYS B CD  1 
ATOM   1220 C CE  . LYS B 1 54  ? -0.536  -20.335 -1.909  1.00 36.80 ? 52  LYS B CE  1 
ATOM   1221 N NZ  . LYS B 1 54  ? -0.456  -20.916 -3.297  1.00 38.72 ? 52  LYS B NZ  1 
ATOM   1222 N N   . PRO B 1 55  ? 0.032   -13.931 -1.583  1.00 23.56 ? 53  PRO B N   1 
ATOM   1223 C CA  . PRO B 1 55  ? -1.012  -12.953 -1.268  1.00 23.20 ? 53  PRO B CA  1 
ATOM   1224 C C   . PRO B 1 55  ? -2.399  -13.572 -1.431  1.00 22.77 ? 53  PRO B C   1 
ATOM   1225 O O   . PRO B 1 55  ? -2.572  -14.562 -2.173  1.00 23.24 ? 53  PRO B O   1 
ATOM   1226 C CB  . PRO B 1 55  ? -0.806  -11.860 -2.319  1.00 23.80 ? 53  PRO B CB  1 
ATOM   1227 C CG  . PRO B 1 55  ? -0.236  -12.602 -3.502  1.00 23.89 ? 53  PRO B CG  1 
ATOM   1228 C CD  . PRO B 1 55  ? 0.643   -13.668 -2.902  1.00 23.99 ? 53  PRO B CD  1 
ATOM   1229 N N   . LYS B 1 56  ? -3.359  -13.016 -0.701  1.00 21.49 ? 54  LYS B N   1 
ATOM   1230 C CA  . LYS B 1 56  ? -4.758  -13.398 -0.846  1.00 21.71 ? 54  LYS B CA  1 
ATOM   1231 C C   . LYS B 1 56  ? -5.589  -12.140 -0.777  1.00 21.49 ? 54  LYS B C   1 
ATOM   1232 O O   . LYS B 1 56  ? -5.358  -11.274 0.073   1.00 19.87 ? 54  LYS B O   1 
ATOM   1233 C CB  . LYS B 1 56  ? -5.182  -14.401 0.240   1.00 22.28 ? 54  LYS B CB  1 
ATOM   1234 C CG  . LYS B 1 56  ? -4.267  -15.613 0.399   1.00 26.18 ? 54  LYS B CG  1 
ATOM   1235 C CD  . LYS B 1 56  ? -4.530  -16.682 -0.646  1.00 30.22 ? 54  LYS B CD  1 
ATOM   1236 C CE  . LYS B 1 56  ? -6.010  -17.047 -0.714  1.00 34.06 ? 54  LYS B CE  1 
ATOM   1237 N NZ  . LYS B 1 56  ? -6.231  -18.300 -1.487  0.50 33.77 ? 54  LYS B NZ  1 
ATOM   1238 N N   . GLU B 1 57  ? -6.552  -12.024 -1.692  1.00 22.44 ? 55  GLU B N   1 
ATOM   1239 C CA  . GLU B 1 57  ? -7.503  -10.906 -1.664  1.00 22.63 ? 55  GLU B CA  1 
ATOM   1240 C C   . GLU B 1 57  ? -6.778  -9.565  -1.675  1.00 21.87 ? 55  GLU B C   1 
ATOM   1241 O O   . GLU B 1 57  ? -7.202  -8.611  -1.019  1.00 23.10 ? 55  GLU B O   1 
ATOM   1242 C CB  . GLU B 1 57  ? -8.444  -11.014 -0.444  1.00 23.94 ? 55  GLU B CB  1 
ATOM   1243 C CG  . GLU B 1 57  ? -9.175  -12.349 -0.329  1.00 28.93 ? 55  GLU B CG  1 
ATOM   1244 C CD  . GLU B 1 57  ? -10.316 -12.321 0.675   1.00 34.01 ? 55  GLU B CD  1 
ATOM   1245 O OE1 . GLU B 1 57  ? -11.365 -11.721 0.364   1.00 38.22 ? 55  GLU B OE1 1 
ATOM   1246 O OE2 . GLU B 1 57  ? -10.165 -12.904 1.770   1.00 37.87 ? 55  GLU B OE2 1 
ATOM   1247 N N   . GLY B 1 58  ? -5.674  -9.518  -2.415  1.00 20.05 ? 56  GLY B N   1 
ATOM   1248 C CA  . GLY B 1 58  ? -4.907  -8.280  -2.589  1.00 19.74 ? 56  GLY B CA  1 
ATOM   1249 C C   . GLY B 1 58  ? -4.055  -7.885  -1.389  1.00 18.44 ? 56  GLY B C   1 
ATOM   1250 O O   . GLY B 1 58  ? -3.568  -6.751  -1.321  1.00 19.42 ? 56  GLY B O   1 
ATOM   1251 N N   . ARG B 1 59  ? -3.843  -8.814  -0.444  1.00 17.20 ? 57  ARG B N   1 
ATOM   1252 C CA  . ARG B 1 59  ? -3.090  -8.506  0.770   1.00 15.96 ? 57  ARG B CA  1 
ATOM   1253 C C   . ARG B 1 59  ? -2.143  -9.662  1.137   1.00 15.38 ? 57  ARG B C   1 
ATOM   1254 O O   . ARG B 1 59  ? -2.319  -10.798 0.677   1.00 15.58 ? 57  ARG B O   1 
ATOM   1255 C CB  . ARG B 1 59  ? -4.032  -8.218  1.950   1.00 15.29 ? 57  ARG B CB  1 
ATOM   1256 C CG  . ARG B 1 59  ? -4.937  -6.973  1.742   1.00 16.28 ? 57  ARG B CG  1 
ATOM   1257 C CD  . ARG B 1 59  ? -5.823  -6.657  2.992   1.00 15.93 ? 57  ARG B CD  1 
ATOM   1258 N NE  . ARG B 1 59  ? -5.058  -6.123  4.094   1.00 16.62 ? 57  ARG B NE  1 
ATOM   1259 C CZ  . ARG B 1 59  ? -4.604  -4.876  4.140   1.00 16.63 ? 57  ARG B CZ  1 
ATOM   1260 N NH1 . ARG B 1 59  ? -4.887  -4.050  3.137   1.00 18.41 ? 57  ARG B NH1 1 
ATOM   1261 N NH2 . ARG B 1 59  ? -3.885  -4.441  5.160   1.00 15.88 ? 57  ARG B NH2 1 
ATOM   1262 N N   . TRP B 1 60  ? -1.132  -9.340  1.928   1.00 15.03 ? 58  TRP B N   1 
ATOM   1263 C CA  . TRP B 1 60  ? -0.242  -10.320 2.516   1.00 14.53 ? 58  TRP B CA  1 
ATOM   1264 C C   . TRP B 1 60  ? -0.601  -10.331 3.973   1.00 14.35 ? 58  TRP B C   1 
ATOM   1265 O O   . TRP B 1 60  ? -0.487  -9.318  4.640   1.00 13.83 ? 58  TRP B O   1 
ATOM   1266 C CB  . TRP B 1 60  ? 1.213   -9.884  2.334   1.00 13.84 ? 58  TRP B CB  1 
ATOM   1267 C CG  . TRP B 1 60  ? 1.562   -9.812  0.890   1.00 15.89 ? 58  TRP B CG  1 
ATOM   1268 C CD1 . TRP B 1 60  ? 1.181   -8.833  0.002   1.00 17.46 ? 58  TRP B CD1 1 
ATOM   1269 C CD2 . TRP B 1 60  ? 2.324   -10.757 0.141   1.00 14.39 ? 58  TRP B CD2 1 
ATOM   1270 N NE1 . TRP B 1 60  ? 1.691   -9.102  -1.240  1.00 18.05 ? 58  TRP B NE1 1 
ATOM   1271 C CE2 . TRP B 1 60  ? 2.391   -10.280 -1.188  1.00 18.31 ? 58  TRP B CE2 1 
ATOM   1272 C CE3 . TRP B 1 60  ? 2.996   -11.942 0.469   1.00 15.70 ? 58  TRP B CE3 1 
ATOM   1273 C CZ2 . TRP B 1 60  ? 3.074   -10.965 -2.192  1.00 16.72 ? 58  TRP B CZ2 1 
ATOM   1274 C CZ3 . TRP B 1 60  ? 3.679   -12.620 -0.533  1.00 15.76 ? 58  TRP B CZ3 1 
ATOM   1275 C CH2 . TRP B 1 60  ? 3.713   -12.131 -1.847  1.00 16.14 ? 58  TRP B CH2 1 
ATOM   1276 N N   . THR B 1 61  ? -1.087  -11.469 4.451   1.00 14.58 ? 59  THR B N   1 
ATOM   1277 C CA  . THR B 1 61  ? -1.639  -11.521 5.787   1.00 14.85 ? 59  THR B CA  1 
ATOM   1278 C C   . THR B 1 61  ? -1.015  -12.663 6.589   1.00 14.96 ? 59  THR B C   1 
ATOM   1279 O O   . THR B 1 61  ? -0.940  -13.802 6.109   1.00 15.76 ? 59  THR B O   1 
ATOM   1280 C CB  . THR B 1 61  ? -3.160  -11.770 5.720   1.00 15.18 ? 59  THR B CB  1 
ATOM   1281 O OG1 . THR B 1 61  ? -3.746  -10.776 4.882   1.00 15.51 ? 59  THR B OG1 1 
ATOM   1282 C CG2 . THR B 1 61  ? -3.779  -11.665 7.119   1.00 14.22 ? 59  THR B CG2 1 
ATOM   1283 N N   . PHE B 1 62  ? -0.559  -12.303 7.782   1.00 15.59 ? 60  PHE B N   1 
ATOM   1284 C CA  . PHE B 1 62  ? -0.119  -13.226 8.801   1.00 15.95 ? 60  PHE B CA  1 
ATOM   1285 C C   . PHE B 1 62  ? -1.212  -13.371 9.856   1.00 16.27 ? 60  PHE B C   1 
ATOM   1286 O O   . PHE B 1 62  ? -1.785  -12.386 10.293  1.00 16.17 ? 60  PHE B O   1 
ATOM   1287 C CB  . PHE B 1 62  ? 1.171   -12.744 9.480   1.00 16.30 ? 60  PHE B CB  1 
ATOM   1288 C CG  . PHE B 1 62  ? 1.509   -13.536 10.701  1.00 17.42 ? 60  PHE B CG  1 
ATOM   1289 C CD1 . PHE B 1 62  ? 1.750   -14.909 10.605  1.00 22.26 ? 60  PHE B CD1 1 
ATOM   1290 C CD2 . PHE B 1 62  ? 1.477   -12.943 11.948  1.00 19.84 ? 60  PHE B CD2 1 
ATOM   1291 C CE1 . PHE B 1 62  ? 2.026   -15.666 11.756  1.00 24.19 ? 60  PHE B CE1 1 
ATOM   1292 C CE2 . PHE B 1 62  ? 1.739   -13.700 13.112  1.00 20.63 ? 60  PHE B CE2 1 
ATOM   1293 C CZ  . PHE B 1 62  ? 2.009   -15.046 13.009  1.00 24.64 ? 60  PHE B CZ  1 
ATOM   1294 N N   . ARG B 1 63  ? -1.473  -14.600 10.298  1.00 16.23 ? 61  ARG B N   1 
ATOM   1295 C CA  . ARG B 1 63  ? -2.488  -14.841 11.322  1.00 17.39 ? 61  ARG B CA  1 
ATOM   1296 C C   . ARG B 1 63  ? -1.915  -15.740 12.401  1.00 16.91 ? 61  ARG B C   1 
ATOM   1297 O O   . ARG B 1 63  ? -1.328  -16.795 12.107  1.00 18.27 ? 61  ARG B O   1 
ATOM   1298 C CB  . ARG B 1 63  ? -3.702  -15.527 10.726  1.00 18.27 ? 61  ARG B CB  1 
ATOM   1299 C CG  . ARG B 1 63  ? -4.506  -14.661 9.802   1.00 21.79 ? 61  ARG B CG  1 
ATOM   1300 C CD  . ARG B 1 63  ? -5.845  -15.279 9.508   1.00 27.78 ? 61  ARG B CD  1 
ATOM   1301 N NE  . ARG B 1 63  ? -6.549  -14.509 8.494   1.00 27.68 ? 61  ARG B NE  1 
ATOM   1302 C CZ  . ARG B 1 63  ? -6.230  -14.499 7.201   1.00 30.42 ? 61  ARG B CZ  1 
ATOM   1303 N NH1 . ARG B 1 63  ? -5.200  -15.220 6.752   1.00 32.29 ? 61  ARG B NH1 1 
ATOM   1304 N NH2 . ARG B 1 63  ? -6.933  -13.742 6.363   1.00 30.71 ? 61  ARG B NH2 1 
ATOM   1305 N N   . ASP B 1 64  ? -2.074  -15.311 13.643  1.00 16.03 ? 62  ASP B N   1 
ATOM   1306 C CA  . ASP B 1 64  ? -1.911  -16.199 14.795  1.00 15.47 ? 62  ASP B CA  1 
ATOM   1307 C C   . ASP B 1 64  ? -3.301  -16.393 15.379  1.00 16.44 ? 62  ASP B C   1 
ATOM   1308 O O   . ASP B 1 64  ? -3.908  -15.445 15.893  1.00 17.78 ? 62  ASP B O   1 
ATOM   1309 C CB  . ASP B 1 64  ? -0.938  -15.604 15.796  1.00 14.94 ? 62  ASP B CB  1 
ATOM   1310 C CG  . ASP B 1 64  ? -0.785  -16.465 17.041  1.00 17.55 ? 62  ASP B CG  1 
ATOM   1311 O OD1 . ASP B 1 64  ? 0.180   -16.287 17.781  1.00 15.85 ? 62  ASP B OD1 1 
ATOM   1312 O OD2 . ASP B 1 64  ? -1.678  -17.314 17.297  1.00 20.77 ? 62  ASP B OD2 1 
ATOM   1313 N N   . ARG B 1 65  ? -3.806  -17.616 15.285  1.00 17.61 ? 63  ARG B N   1 
ATOM   1314 C CA  . ARG B 1 65  ? -5.188  -17.894 15.675  1.00 19.22 ? 63  ARG B CA  1 
ATOM   1315 C C   . ARG B 1 65  ? -5.329  -18.204 17.164  1.00 19.87 ? 63  ARG B C   1 
ATOM   1316 O O   . ARG B 1 65  ? -6.454  -18.379 17.645  1.00 21.57 ? 63  ARG B O   1 
ATOM   1317 C CB  . ARG B 1 65  ? -5.745  -19.028 14.799  1.00 21.05 ? 63  ARG B CB  1 
ATOM   1318 C CG  . ARG B 1 65  ? -5.921  -18.580 13.349  1.00 23.89 ? 63  ARG B CG  1 
ATOM   1319 C CD  . ARG B 1 65  ? -6.393  -19.675 12.401  1.00 27.86 ? 63  ARG B CD  1 
ATOM   1320 N NE  . ARG B 1 65  ? -7.185  -19.113 11.298  1.00 32.64 ? 63  ARG B NE  1 
ATOM   1321 C CZ  . ARG B 1 65  ? -6.704  -18.705 10.119  1.00 35.15 ? 63  ARG B CZ  1 
ATOM   1322 N NH1 . ARG B 1 65  ? -5.405  -18.768 9.845   1.00 37.25 ? 63  ARG B NH1 1 
ATOM   1323 N NH2 . ARG B 1 65  ? -7.537  -18.216 9.203   1.00 35.94 ? 63  ARG B NH2 1 
ATOM   1324 N N   . ASN B 1 66  ? -4.221  -18.240 17.906  1.00 19.00 ? 64  ASN B N   1 
ATOM   1325 C CA  . ASN B 1 66  ? -4.252  -18.725 19.295  1.00 19.27 ? 64  ASN B CA  1 
ATOM   1326 C C   . ASN B 1 66  ? -3.966  -17.691 20.350  1.00 18.02 ? 64  ASN B C   1 
ATOM   1327 O O   . ASN B 1 66  ? -4.344  -17.859 21.522  1.00 18.34 ? 64  ASN B O   1 
ATOM   1328 C CB  . ASN B 1 66  ? -3.223  -19.843 19.546  1.00 20.07 ? 64  ASN B CB  1 
ATOM   1329 C CG  . ASN B 1 66  ? -3.392  -21.050 18.657  1.00 23.94 ? 64  ASN B CG  1 
ATOM   1330 O OD1 . ASN B 1 66  ? -4.473  -21.340 18.121  1.00 26.09 ? 64  ASN B OD1 1 
ATOM   1331 N ND2 . ASN B 1 66  ? -2.295  -21.799 18.520  1.00 26.47 ? 64  ASN B ND2 1 
ATOM   1332 N N   . VAL B 1 67  ? -3.218  -16.640 19.998  1.00 16.10 ? 65  VAL B N   1 
ATOM   1333 C CA  . VAL B 1 67  ? -2.813  -15.711 21.017  1.00 16.12 ? 65  VAL B CA  1 
ATOM   1334 C C   . VAL B 1 67  ? -4.004  -14.962 21.593  1.00 18.12 ? 65  VAL B C   1 
ATOM   1335 O O   . VAL B 1 67  ? -4.846  -14.470 20.827  1.00 18.35 ? 65  VAL B O   1 
ATOM   1336 C CB  . VAL B 1 67  ? -1.718  -14.717 20.518  1.00 15.72 ? 65  VAL B CB  1 
ATOM   1337 C CG1 . VAL B 1 67  ? -2.244  -13.829 19.378  1.00 18.00 ? 65  VAL B CG1 1 
ATOM   1338 C CG2 . VAL B 1 67  ? -1.173  -13.921 21.694  1.00 15.66 ? 65  VAL B CG2 1 
ATOM   1339 N N   . LYS B 1 68  ? -4.071  -14.914 22.928  1.00 18.08 ? 66  LYS B N   1 
ATOM   1340 C CA  . LYS B 1 68  ? -5.155  -14.190 23.596  1.00 19.75 ? 66  LYS B CA  1 
ATOM   1341 C C   . LYS B 1 68  ? -4.648  -12.815 23.987  1.00 18.93 ? 66  LYS B C   1 
ATOM   1342 O O   . LYS B 1 68  ? -4.072  -12.610 25.061  1.00 19.46 ? 66  LYS B O   1 
ATOM   1343 C CB  . LYS B 1 68  ? -5.755  -14.979 24.780  1.00 21.29 ? 66  LYS B CB  1 
ATOM   1344 C CG  . LYS B 1 68  ? -7.191  -14.528 25.028  1.00 24.77 ? 66  LYS B CG  1 
ATOM   1345 C CD  . LYS B 1 68  ? -7.781  -15.001 26.351  1.00 29.45 ? 66  LYS B CD  1 
ATOM   1346 C CE  . LYS B 1 68  ? -9.190  -14.437 26.512  1.00 30.33 ? 66  LYS B CE  1 
ATOM   1347 N NZ  . LYS B 1 68  ? -10.095 -14.849 25.375  1.00 31.68 ? 66  LYS B NZ  1 
ATOM   1348 N N   . LEU B 1 69  ? -4.829  -11.859 23.068  1.00 18.57 ? 67  LEU B N   1 
ATOM   1349 C CA  . LEU B 1 69  ? -4.445  -10.480 23.367  1.00 17.34 ? 67  LEU B CA  1 
ATOM   1350 C C   . LEU B 1 69  ? -5.459  -9.837  24.312  1.00 17.82 ? 67  LEU B C   1 
ATOM   1351 O O   . LEU B 1 69  ? -6.631  -10.205 24.301  1.00 18.42 ? 67  LEU B O   1 
ATOM   1352 C CB  . LEU B 1 69  ? -4.282  -9.621  22.095  1.00 16.42 ? 67  LEU B CB  1 
ATOM   1353 C CG  . LEU B 1 69  ? -3.174  -10.148 21.159  1.00 15.55 ? 67  LEU B CG  1 
ATOM   1354 C CD1 . LEU B 1 69  ? -3.286  -9.474  19.786  1.00 15.61 ? 67  LEU B CD1 1 
ATOM   1355 C CD2 . LEU B 1 69  ? -1.780  -9.987  21.736  1.00 16.05 ? 67  LEU B CD2 1 
ATOM   1356 N N   . LYS B 1 70  ? -4.960  -8.901  25.106  1.00 18.61 ? 68  LYS B N   1 
ATOM   1357 C CA  . LYS B 1 70  ? -5.805  -8.106  25.990  1.00 19.51 ? 68  LYS B CA  1 
ATOM   1358 C C   . LYS B 1 70  ? -5.618  -6.628  25.724  1.00 18.57 ? 68  LYS B C   1 
ATOM   1359 O O   . LYS B 1 70  ? -4.572  -6.192  25.241  1.00 17.53 ? 68  LYS B O   1 
ATOM   1360 C CB  . LYS B 1 70  ? -5.572  -8.468  27.463  1.00 21.50 ? 68  LYS B CB  1 
ATOM   1361 C CG  . LYS B 1 70  ? -4.206  -8.208  28.061  1.00 23.76 ? 68  LYS B CG  1 
ATOM   1362 C CD  . LYS B 1 70  ? -4.009  -9.152  29.277  1.00 29.22 ? 68  LYS B CD  1 
ATOM   1363 C CE  . LYS B 1 70  ? -2.611  -9.066  29.898  1.00 31.07 ? 68  LYS B CE  1 
ATOM   1364 N NZ  . LYS B 1 70  ? -1.502  -9.329  28.922  1.00 32.24 ? 68  LYS B NZ  1 
ATOM   1365 N N   . LEU B 1 71  ? -6.653  -5.836  26.020  1.00 17.16 ? 69  LEU B N   1 
ATOM   1366 C CA  . LEU B 1 71  ? -6.517  -4.404  25.841  1.00 17.35 ? 69  LEU B CA  1 
ATOM   1367 C C   . LEU B 1 71  ? -5.304  -3.934  26.630  1.00 16.74 ? 69  LEU B C   1 
ATOM   1368 O O   . LEU B 1 71  ? -5.081  -4.353  27.801  1.00 18.39 ? 69  LEU B O   1 
ATOM   1369 C CB  . LEU B 1 71  ? -7.775  -3.690  26.362  1.00 16.08 ? 69  LEU B CB  1 
ATOM   1370 C CG  . LEU B 1 71  ? -9.076  -4.059  25.635  1.00 17.57 ? 69  LEU B CG  1 
ATOM   1371 C CD1 . LEU B 1 71  ? -10.228 -3.232  26.251  1.00 18.10 ? 69  LEU B CD1 1 
ATOM   1372 C CD2 . LEU B 1 71  ? -8.975  -3.890  24.129  1.00 18.81 ? 69  LEU B CD2 1 
ATOM   1373 N N   . GLY B 1 72  ? -4.477  -3.105  26.000  1.00 17.52 ? 70  GLY B N   1 
ATOM   1374 C CA  . GLY B 1 72  ? -3.294  -2.549  26.652  1.00 16.41 ? 70  GLY B CA  1 
ATOM   1375 C C   . GLY B 1 72  ? -1.982  -3.259  26.313  1.00 17.24 ? 70  GLY B C   1 
ATOM   1376 O O   . GLY B 1 72  ? -0.891  -2.718  26.552  1.00 17.79 ? 70  GLY B O   1 
ATOM   1377 N N   . ASP B 1 73  ? -2.107  -4.457  25.763  1.00 16.88 ? 71  ASP B N   1 
ATOM   1378 C CA  . ASP B 1 73  ? -0.940  -5.203  25.238  1.00 16.47 ? 71  ASP B CA  1 
ATOM   1379 C C   . ASP B 1 73  ? -0.284  -4.365  24.144  1.00 16.38 ? 71  ASP B C   1 
ATOM   1380 O O   . ASP B 1 73  ? -0.980  -3.658  23.408  1.00 16.19 ? 71  ASP B O   1 
ATOM   1381 C CB  . ASP B 1 73  ? -1.371  -6.550  24.669  1.00 15.91 ? 71  ASP B CB  1 
ATOM   1382 C CG  . ASP B 1 73  ? -1.429  -7.671  25.724  1.00 15.39 ? 71  ASP B CG  1 
ATOM   1383 O OD1 . ASP B 1 73  ? -0.852  -7.520  26.815  1.00 19.89 ? 71  ASP B OD1 1 
ATOM   1384 O OD2 . ASP B 1 73  ? -2.091  -8.683  25.433  1.00 18.63 ? 71  ASP B OD2 1 
ATOM   1385 N N   . LYS B 1 74  ? 1.043   -4.453  24.063  1.00 14.80 ? 72  LYS B N   1 
ATOM   1386 C CA  . LYS B 1 74  ? 1.772   -3.792  23.010  1.00 15.77 ? 72  LYS B CA  1 
ATOM   1387 C C   . LYS B 1 74  ? 2.531   -4.823  22.194  1.00 14.19 ? 72  LYS B C   1 
ATOM   1388 O O   . LYS B 1 74  ? 3.048   -5.807  22.750  1.00 14.56 ? 72  LYS B O   1 
ATOM   1389 C CB  . LYS B 1 74  ? 2.749   -2.793  23.588  1.00 16.48 ? 72  LYS B CB  1 
ATOM   1390 C CG  . LYS B 1 74  ? 2.059   -1.611  24.307  1.00 17.97 ? 72  LYS B CG  1 
ATOM   1391 C CD  . LYS B 1 74  ? 3.090   -0.618  24.795  1.00 21.86 ? 72  LYS B CD  1 
ATOM   1392 C CE  . LYS B 1 74  ? 3.538   0.308   23.662  1.00 24.57 ? 72  LYS B CE  1 
ATOM   1393 N NZ  . LYS B 1 74  ? 4.636   1.213   24.135  1.00 26.98 ? 72  LYS B NZ  1 
ATOM   1394 N N   . ILE B 1 75  ? 2.604   -4.566  20.898  1.00 13.15 ? 73  ILE B N   1 
ATOM   1395 C CA  . ILE B 1 75  ? 3.462   -5.379  20.002  1.00 13.38 ? 73  ILE B CA  1 
ATOM   1396 C C   . ILE B 1 75  ? 4.499   -4.462  19.383  1.00 13.26 ? 73  ILE B C   1 
ATOM   1397 O O   . ILE B 1 75  ? 4.148   -3.428  18.771  1.00 13.79 ? 73  ILE B O   1 
ATOM   1398 C CB  . ILE B 1 75  ? 2.657   -6.108  18.937  1.00 13.00 ? 73  ILE B CB  1 
ATOM   1399 C CG1 . ILE B 1 75  ? 1.695   -7.122  19.608  1.00 14.92 ? 73  ILE B CG1 1 
ATOM   1400 C CG2 . ILE B 1 75  ? 3.634   -6.893  18.026  1.00 14.78 ? 73  ILE B CG2 1 
ATOM   1401 C CD1 . ILE B 1 75  ? 0.881   -7.953  18.686  1.00 16.92 ? 73  ILE B CD1 1 
ATOM   1402 N N   . TYR B 1 76  ? 5.760   -4.847  19.568  1.00 12.85 ? 74  TYR B N   1 
ATOM   1403 C CA  . TYR B 1 76  ? 6.902   -4.214  18.923  1.00 13.22 ? 74  TYR B CA  1 
ATOM   1404 C C   . TYR B 1 76  ? 7.297   -5.083  17.737  1.00 12.53 ? 74  TYR B C   1 
ATOM   1405 O O   . TYR B 1 76  ? 7.446   -6.313  17.876  1.00 12.64 ? 74  TYR B O   1 
ATOM   1406 C CB  . TYR B 1 76  ? 8.052   -4.040  19.944  1.00 13.13 ? 74  TYR B CB  1 
ATOM   1407 C CG  . TYR B 1 76  ? 7.672   -3.208  21.158  1.00 15.53 ? 74  TYR B CG  1 
ATOM   1408 C CD1 . TYR B 1 76  ? 7.743   -1.822  21.091  1.00 17.39 ? 74  TYR B CD1 1 
ATOM   1409 C CD2 . TYR B 1 76  ? 7.239   -3.812  22.340  1.00 17.21 ? 74  TYR B CD2 1 
ATOM   1410 C CE1 . TYR B 1 76  ? 7.369   -1.042  22.187  1.00 18.49 ? 74  TYR B CE1 1 
ATOM   1411 C CE2 . TYR B 1 76  ? 6.890   -3.038  23.456  1.00 19.36 ? 74  TYR B CE2 1 
ATOM   1412 C CZ  . TYR B 1 76  ? 6.960   -1.660  23.351  1.00 21.52 ? 74  TYR B CZ  1 
ATOM   1413 O OH  . TYR B 1 76  ? 6.620   -0.857  24.436  1.00 24.01 ? 74  TYR B OH  1 
ATOM   1414 N N   . PHE B 1 77  ? 7.468   -4.454  16.571  1.00 10.44 ? 75  PHE B N   1 
ATOM   1415 C CA  . PHE B 1 77  ? 7.627   -5.271  15.386  1.00 10.89 ? 75  PHE B CA  1 
ATOM   1416 C C   . PHE B 1 77  ? 8.454   -4.604  14.336  1.00 11.33 ? 75  PHE B C   1 
ATOM   1417 O O   . PHE B 1 77  ? 8.750   -3.407  14.398  1.00 13.27 ? 75  PHE B O   1 
ATOM   1418 C CB  . PHE B 1 77  ? 6.248   -5.676  14.823  1.00 11.23 ? 75  PHE B CB  1 
ATOM   1419 C CG  . PHE B 1 77  ? 5.459   -4.515  14.281  1.00 11.21 ? 75  PHE B CG  1 
ATOM   1420 C CD1 . PHE B 1 77  ? 5.565   -4.181  12.923  1.00 12.98 ? 75  PHE B CD1 1 
ATOM   1421 C CD2 . PHE B 1 77  ? 4.659   -3.726  15.117  1.00 11.33 ? 75  PHE B CD2 1 
ATOM   1422 C CE1 . PHE B 1 77  ? 4.875   -3.095  12.363  1.00 12.70 ? 75  PHE B CE1 1 
ATOM   1423 C CE2 . PHE B 1 77  ? 3.927   -2.656  14.577  1.00 11.55 ? 75  PHE B CE2 1 
ATOM   1424 C CZ  . PHE B 1 77  ? 4.042   -2.332  13.180  1.00 13.42 ? 75  PHE B CZ  1 
ATOM   1425 N N   . TRP B 1 78  ? 8.816   -5.426  13.348  1.00 10.49 ? 76  TRP B N   1 
ATOM   1426 C CA  . TRP B 1 78  ? 9.361   -4.937  12.086  1.00 10.57 ? 76  TRP B CA  1 
ATOM   1427 C C   . TRP B 1 78  ? 8.944   -5.890  10.997  1.00 10.93 ? 76  TRP B C   1 
ATOM   1428 O O   . TRP B 1 78  ? 8.639   -7.054  11.282  1.00 11.38 ? 76  TRP B O   1 
ATOM   1429 C CB  . TRP B 1 78  ? 10.886  -4.727  12.146  1.00 11.46 ? 76  TRP B CB  1 
ATOM   1430 C CG  . TRP B 1 78  ? 11.744  -5.930  12.386  1.00 8.63  ? 76  TRP B CG  1 
ATOM   1431 C CD1 . TRP B 1 78  ? 12.026  -6.500  13.581  1.00 10.64 ? 76  TRP B CD1 1 
ATOM   1432 C CD2 . TRP B 1 78  ? 12.438  -6.718  11.396  1.00 10.49 ? 76  TRP B CD2 1 
ATOM   1433 N NE1 . TRP B 1 78  ? 12.886  -7.575  13.430  1.00 10.07 ? 76  TRP B NE1 1 
ATOM   1434 C CE2 . TRP B 1 78  ? 13.183  -7.710  12.102  1.00 9.69  ? 76  TRP B CE2 1 
ATOM   1435 C CE3 . TRP B 1 78  ? 12.569  -6.630  9.999   1.00 11.00 ? 76  TRP B CE3 1 
ATOM   1436 C CZ2 . TRP B 1 78  ? 13.983  -8.657  11.460  1.00 10.14 ? 76  TRP B CZ2 1 
ATOM   1437 C CZ3 . TRP B 1 78  ? 13.407  -7.583  9.355   1.00 9.53  ? 76  TRP B CZ3 1 
ATOM   1438 C CH2 . TRP B 1 78  ? 14.091  -8.560  10.089  1.00 11.13 ? 76  TRP B CH2 1 
ATOM   1439 N N   . THR B 1 79  ? 8.880   -5.392  9.762   1.00 11.71 ? 77  THR B N   1 
ATOM   1440 C CA  . THR B 1 79  ? 8.494   -6.233  8.643   1.00 10.70 ? 77  THR B CA  1 
ATOM   1441 C C   . THR B 1 79  ? 9.570   -6.213  7.570   1.00 11.83 ? 77  THR B C   1 
ATOM   1442 O O   . THR B 1 79  ? 10.408  -5.288  7.534   1.00 13.20 ? 77  THR B O   1 
ATOM   1443 C CB  . THR B 1 79  ? 7.175   -5.805  7.974   1.00 11.11 ? 77  THR B CB  1 
ATOM   1444 O OG1 . THR B 1 79  ? 7.381   -4.499  7.389   1.00 12.93 ? 77  THR B OG1 1 
ATOM   1445 C CG2 . THR B 1 79  ? 6.005   -5.712  8.970   1.00 12.75 ? 77  THR B CG2 1 
ATOM   1446 N N   . TYR B 1 80  ? 9.513   -7.195  6.682   1.00 12.73 ? 78  TYR B N   1 
ATOM   1447 C CA  . TYR B 1 80  ? 10.448  -7.258  5.556   1.00 13.62 ? 78  TYR B CA  1 
ATOM   1448 C C   . TYR B 1 80  ? 9.631   -7.640  4.330   1.00 14.26 ? 78  TYR B C   1 
ATOM   1449 O O   . TYR B 1 80  ? 8.837   -8.567  4.389   1.00 14.88 ? 78  TYR B O   1 
ATOM   1450 C CB  . TYR B 1 80  ? 11.554  -8.277  5.831   1.00 13.75 ? 78  TYR B CB  1 
ATOM   1451 C CG  . TYR B 1 80  ? 12.557  -8.463  4.709   1.00 16.99 ? 78  TYR B CG  1 
ATOM   1452 C CD1 . TYR B 1 80  ? 13.286  -7.383  4.223   1.00 21.19 ? 78  TYR B CD1 1 
ATOM   1453 C CD2 . TYR B 1 80  ? 12.810  -9.735  4.180   1.00 21.49 ? 78  TYR B CD2 1 
ATOM   1454 C CE1 . TYR B 1 80  ? 14.246  -7.550  3.204   1.00 23.31 ? 78  TYR B CE1 1 
ATOM   1455 C CE2 . TYR B 1 80  ? 13.756  -9.911  3.169   1.00 24.54 ? 78  TYR B CE2 1 
ATOM   1456 C CZ  . TYR B 1 80  ? 14.450  -8.817  2.693   1.00 24.29 ? 78  TYR B CZ  1 
ATOM   1457 O OH  . TYR B 1 80  ? 15.370  -9.008  1.690   1.00 28.28 ? 78  TYR B OH  1 
ATOM   1458 N N   . VAL B 1 81  ? 9.809   -6.905  3.229   1.00 14.54 ? 79  VAL B N   1 
ATOM   1459 C CA  . VAL B 1 81  ? 9.143   -7.221  1.965   1.00 17.25 ? 79  VAL B CA  1 
ATOM   1460 C C   . VAL B 1 81  ? 10.199  -7.309  0.851   1.00 17.34 ? 79  VAL B C   1 
ATOM   1461 O O   . VAL B 1 81  ? 11.190  -6.608  0.904   1.00 17.36 ? 79  VAL B O   1 
ATOM   1462 C CB  . VAL B 1 81  ? 8.070   -6.168  1.625   1.00 17.98 ? 79  VAL B CB  1 
ATOM   1463 C CG1 . VAL B 1 81  ? 8.656   -4.788  1.480   1.00 20.35 ? 79  VAL B CG1 1 
ATOM   1464 C CG2 . VAL B 1 81  ? 7.351   -6.530  0.376   1.00 23.58 ? 79  VAL B CG2 1 
ATOM   1465 N N   . ILE B 1 82  ? 9.987   -8.205  -0.113  1.00 18.62 ? 80  ILE B N   1 
ATOM   1466 C CA  . ILE B 1 82  ? 10.841  -8.270  -1.313  1.00 19.78 ? 80  ILE B CA  1 
ATOM   1467 C C   . ILE B 1 82  ? 9.985   -7.835  -2.483  1.00 20.51 ? 80  ILE B C   1 
ATOM   1468 O O   . ILE B 1 82  ? 8.914   -8.407  -2.687  1.00 21.13 ? 80  ILE B O   1 
ATOM   1469 C CB  . ILE B 1 82  ? 11.379  -9.667  -1.577  1.00 20.27 ? 80  ILE B CB  1 
ATOM   1470 C CG1 . ILE B 1 82  ? 12.273  -10.134 -0.434  1.00 20.90 ? 80  ILE B CG1 1 
ATOM   1471 C CG2 . ILE B 1 82  ? 12.198  -9.705  -2.909  1.00 21.89 ? 80  ILE B CG2 1 
ATOM   1472 C CD1 . ILE B 1 82  ? 12.631  -11.561 -0.538  1.00 23.45 ? 80  ILE B CD1 1 
ATOM   1473 N N   . LYS B 1 83  ? 10.452  -6.810  -3.202  1.00 20.58 ? 81  LYS B N   1 
ATOM   1474 C CA  . LYS B 1 83  ? 9.744   -6.211  -4.337  1.00 21.23 ? 81  LYS B CA  1 
ATOM   1475 C C   . LYS B 1 83  ? 10.721  -6.121  -5.499  1.00 22.27 ? 81  LYS B C   1 
ATOM   1476 O O   . LYS B 1 83  ? 11.742  -5.445  -5.390  1.00 21.64 ? 81  LYS B O   1 
ATOM   1477 C CB  . LYS B 1 83  ? 9.242   -4.820  -3.990  1.00 21.95 ? 81  LYS B CB  1 
ATOM   1478 C CG  . LYS B 1 83  ? 8.481   -4.129  -5.125  1.00 23.41 ? 81  LYS B CG  1 
ATOM   1479 C CD  . LYS B 1 83  ? 8.156   -2.690  -4.785  1.00 27.40 ? 81  LYS B CD  1 
ATOM   1480 C CE  . LYS B 1 83  ? 7.746   -1.880  -6.008  1.00 31.37 ? 81  LYS B CE  1 
ATOM   1481 N NZ  . LYS B 1 83  ? 6.495   -2.383  -6.638  1.00 32.55 ? 81  LYS B NZ  1 
ATOM   1482 N N   . ASP B 1 84  ? 10.404  -6.801  -6.597  1.00 23.56 ? 82  ASP B N   1 
ATOM   1483 C CA  . ASP B 1 84  ? 11.278  -6.770  -7.792  1.00 24.12 ? 82  ASP B CA  1 
ATOM   1484 C C   . ASP B 1 84  ? 12.725  -7.102  -7.392  1.00 23.33 ? 82  ASP B C   1 
ATOM   1485 O O   . ASP B 1 84  ? 13.650  -6.454  -7.886  1.00 23.60 ? 82  ASP B O   1 
ATOM   1486 C CB  . ASP B 1 84  ? 11.275  -5.368  -8.435  1.00 25.23 ? 82  ASP B CB  1 
ATOM   1487 C CG  . ASP B 1 84  ? 9.884   -4.843  -8.780  1.00 28.53 ? 82  ASP B CG  1 
ATOM   1488 O OD1 . ASP B 1 84  ? 9.007   -5.637  -9.176  1.00 31.66 ? 82  ASP B OD1 1 
ATOM   1489 O OD2 . ASP B 1 84  ? 9.681   -3.604  -8.676  1.00 33.45 ? 82  ASP B OD2 1 
ATOM   1490 N N   . GLY B 1 85  ? 12.912  -8.071  -6.487  1.00 22.03 ? 83  GLY B N   1 
ATOM   1491 C CA  . GLY B 1 85  ? 14.239  -8.539  -6.046  1.00 21.72 ? 83  GLY B CA  1 
ATOM   1492 C C   . GLY B 1 85  ? 15.013  -7.650  -5.071  1.00 20.45 ? 83  GLY B C   1 
ATOM   1493 O O   . GLY B 1 85  ? 16.173  -7.968  -4.721  1.00 22.35 ? 83  GLY B O   1 
ATOM   1494 N N   . LEU B 1 86  ? 14.383  -6.568  -4.616  1.00 19.41 ? 84  LEU B N   1 
ATOM   1495 C CA  . LEU B 1 86  ? 14.997  -5.659  -3.645  1.00 19.07 ? 84  LEU B CA  1 
ATOM   1496 C C   . LEU B 1 86  ? 14.237  -5.746  -2.327  1.00 18.78 ? 84  LEU B C   1 
ATOM   1497 O O   . LEU B 1 86  ? 13.005  -5.911  -2.326  1.00 19.61 ? 84  LEU B O   1 
ATOM   1498 C CB  . LEU B 1 86  ? 14.950  -4.213  -4.116  1.00 19.25 ? 84  LEU B CB  1 
ATOM   1499 C CG  . LEU B 1 86  ? 15.637  -3.899  -5.458  1.00 20.10 ? 84  LEU B CG  1 
ATOM   1500 C CD1 . LEU B 1 86  ? 15.465  -2.418  -5.811  1.00 22.78 ? 84  LEU B CD1 1 
ATOM   1501 C CD2 . LEU B 1 86  ? 17.101  -4.306  -5.432  1.00 23.29 ? 84  LEU B CD2 1 
ATOM   1502 N N   . GLY B 1 87  ? 14.979  -5.615  -1.227  1.00 17.36 ? 85  GLY B N   1 
ATOM   1503 C CA  . GLY B 1 87  ? 14.429  -5.739  0.120   1.00 17.12 ? 85  GLY B CA  1 
ATOM   1504 C C   . GLY B 1 87  ? 14.104  -4.413  0.773   1.00 17.14 ? 85  GLY B C   1 
ATOM   1505 O O   . GLY B 1 87  ? 14.854  -3.434  0.657   1.00 17.02 ? 85  GLY B O   1 
ATOM   1506 N N   . TYR B 1 88  ? 13.014  -4.399  1.534   1.00 15.51 ? 86  TYR B N   1 
ATOM   1507 C CA  . TYR B 1 88  ? 12.540  -3.206  2.230   1.00 14.87 ? 86  TYR B CA  1 
ATOM   1508 C C   . TYR B 1 88  ? 12.023  -3.624  3.580   1.00 15.52 ? 86  TYR B C   1 
ATOM   1509 O O   . TYR B 1 88  ? 11.539  -4.747  3.738   1.00 16.72 ? 86  TYR B O   1 
ATOM   1510 C CB  . TYR B 1 88  ? 11.412  -2.492  1.447   1.00 14.65 ? 86  TYR B CB  1 
ATOM   1511 C CG  . TYR B 1 88  ? 11.843  -2.060  0.058   1.00 17.11 ? 86  TYR B CG  1 
ATOM   1512 C CD1 . TYR B 1 88  ? 12.502  -0.838  -0.123  1.00 19.57 ? 86  TYR B CD1 1 
ATOM   1513 C CD2 . TYR B 1 88  ? 11.648  -2.894  -1.033  1.00 18.33 ? 86  TYR B CD2 1 
ATOM   1514 C CE1 . TYR B 1 88  ? 12.930  -0.441  -1.361  1.00 21.23 ? 86  TYR B CE1 1 
ATOM   1515 C CE2 . TYR B 1 88  ? 12.074  -2.494  -2.300  1.00 20.33 ? 86  TYR B CE2 1 
ATOM   1516 C CZ  . TYR B 1 88  ? 12.691  -1.273  -2.440  1.00 20.84 ? 86  TYR B CZ  1 
ATOM   1517 O OH  . TYR B 1 88  ? 13.139  -0.896  -3.689  1.00 23.20 ? 86  TYR B OH  1 
ATOM   1518 N N   . ARG B 1 89  ? 12.112  -2.702  4.529   1.00 14.69 ? 87  ARG B N   1 
ATOM   1519 C CA  . ARG B 1 89  ? 11.573  -2.956  5.876   1.00 14.46 ? 87  ARG B CA  1 
ATOM   1520 C C   . ARG B 1 89  ? 10.668  -1.838  6.365   1.00 14.33 ? 87  ARG B C   1 
ATOM   1521 O O   . ARG B 1 89  ? 10.852  -0.636  6.026   1.00 16.33 ? 87  ARG B O   1 
ATOM   1522 C CB  . ARG B 1 89  ? 12.727  -3.033  6.862   1.00 14.01 ? 87  ARG B CB  1 
ATOM   1523 C CG  . ARG B 1 89  ? 13.698  -4.178  6.649   1.00 14.09 ? 87  ARG B CG  1 
ATOM   1524 C CD  . ARG B 1 89  ? 14.763  -4.224  7.773   1.00 15.38 ? 87  ARG B CD  1 
ATOM   1525 N NE  . ARG B 1 89  ? 15.236  -2.868  8.080   1.00 14.38 ? 87  ARG B NE  1 
ATOM   1526 C CZ  . ARG B 1 89  ? 16.175  -2.222  7.396   1.00 17.43 ? 87  ARG B CZ  1 
ATOM   1527 N NH1 . ARG B 1 89  ? 16.862  -2.824  6.439   1.00 17.25 ? 87  ARG B NH1 1 
ATOM   1528 N NH2 . ARG B 1 89  ? 16.443  -0.976  7.723   1.00 16.75 ? 87  ARG B NH2 1 
ATOM   1529 N N   . GLN B 1 90  ? 9.695   -2.211  7.203   1.00 13.25 ? 88  GLN B N   1 
ATOM   1530 C CA  . GLN B 1 90  ? 9.103   -1.254  8.131   1.00 12.99 ? 88  GLN B CA  1 
ATOM   1531 C C   . GLN B 1 90  ? 9.804   -1.453  9.455   1.00 14.15 ? 88  GLN B C   1 
ATOM   1532 O O   . GLN B 1 90  ? 9.680   -2.505  10.073  1.00 13.18 ? 88  GLN B O   1 
ATOM   1533 C CB  . GLN B 1 90  ? 7.606   -1.474  8.325   1.00 12.90 ? 88  GLN B CB  1 
ATOM   1534 C CG  . GLN B 1 90  ? 7.008   -0.447  9.285   1.00 14.21 ? 88  GLN B CG  1 
ATOM   1535 C CD  . GLN B 1 90  ? 5.550   -0.674  9.617   1.00 16.09 ? 88  GLN B CD  1 
ATOM   1536 O OE1 . GLN B 1 90  ? 4.862   -1.472  8.985   1.00 15.79 ? 88  GLN B OE1 1 
ATOM   1537 N NE2 . GLN B 1 90  ? 5.046   0.107   10.569  1.00 18.15 ? 88  GLN B NE2 1 
ATOM   1538 N N   . ASP B 1 91  ? 10.571  -0.464  9.881   1.00 13.74 ? 89  ASP B N   1 
ATOM   1539 C CA  . ASP B 1 91  ? 11.294  -0.486  11.143  1.00 13.64 ? 89  ASP B CA  1 
ATOM   1540 C C   . ASP B 1 91  ? 10.539  0.164   12.299  1.00 14.36 ? 89  ASP B C   1 
ATOM   1541 O O   . ASP B 1 91  ? 9.627   0.973   12.097  1.00 14.50 ? 89  ASP B O   1 
ATOM   1542 C CB  . ASP B 1 91  ? 12.649  0.203   10.963  1.00 14.73 ? 89  ASP B CB  1 
ATOM   1543 C CG  . ASP B 1 91  ? 13.540  -0.545  10.003  1.00 14.77 ? 89  ASP B CG  1 
ATOM   1544 O OD1 . ASP B 1 91  ? 13.783  -1.738  10.236  1.00 14.60 ? 89  ASP B OD1 1 
ATOM   1545 O OD2 . ASP B 1 91  ? 14.031  0.089   9.023   1.00 16.69 ? 89  ASP B OD2 1 
ATOM   1546 N N   . ASN B 1 92  ? 10.899  -0.251  13.509  1.00 14.22 ? 90  ASN B N   1 
ATOM   1547 C CA  . ASN B 1 92  ? 10.461  0.420   14.729  1.00 16.22 ? 90  ASN B CA  1 
ATOM   1548 C C   . ASN B 1 92  ? 8.936   0.472   14.872  1.00 16.98 ? 90  ASN B C   1 
ATOM   1549 O O   . ASN B 1 92  ? 8.321   1.498   15.241  1.00 17.27 ? 90  ASN B O   1 
ATOM   1550 C CB  . ASN B 1 92  ? 11.117  1.803   14.787  1.00 18.71 ? 90  ASN B CB  1 
ATOM   1551 C CG  . ASN B 1 92  ? 12.631  1.710   14.766  1.00 21.58 ? 90  ASN B CG  1 
ATOM   1552 O OD1 . ASN B 1 92  ? 13.232  1.012   15.593  1.00 27.41 ? 90  ASN B OD1 1 
ATOM   1553 N ND2 . ASN B 1 92  ? 13.248  2.382   13.819  1.00 27.80 ? 90  ASN B ND2 1 
ATOM   1554 N N   . GLY B 1 93  ? 8.305   -0.645  14.521  1.00 15.20 ? 91  GLY B N   1 
ATOM   1555 C CA  . GLY B 1 93  ? 6.862   -0.771  14.643  1.00 14.93 ? 91  GLY B CA  1 
ATOM   1556 C C   . GLY B 1 93  ? 6.449   -0.873  16.099  1.00 14.31 ? 91  GLY B C   1 
ATOM   1557 O O   . GLY B 1 93  ? 7.113   -1.542  16.890  1.00 13.80 ? 91  GLY B O   1 
ATOM   1558 N N   . GLU B 1 94  ? 5.378   -0.158  16.450  1.00 15.33 ? 92  GLU B N   1 
ATOM   1559 C CA  . GLU B 1 94  ? 4.864   -0.138  17.813  1.00 16.94 ? 92  GLU B CA  1 
ATOM   1560 C C   . GLU B 1 94  ? 3.363   0.001   17.698  1.00 17.37 ? 92  GLU B C   1 
ATOM   1561 O O   . GLU B 1 94  ? 2.848   0.885   16.976  1.00 18.84 ? 92  GLU B O   1 
ATOM   1562 C CB  . GLU B 1 94  ? 5.480   1.026   18.612  1.00 17.99 ? 92  GLU B CB  1 
ATOM   1563 C CG  . GLU B 1 94  ? 5.127   1.058   20.095  1.00 22.62 ? 92  GLU B CG  1 
ATOM   1564 C CD  . GLU B 1 94  ? 5.870   2.175   20.839  1.00 26.79 ? 92  GLU B CD  1 
ATOM   1565 O OE1 . GLU B 1 94  ? 6.740   2.834   20.234  1.00 31.86 ? 92  GLU B OE1 1 
ATOM   1566 O OE2 . GLU B 1 94  ? 5.572   2.422   22.030  1.00 31.73 ? 92  GLU B OE2 1 
ATOM   1567 N N   . TRP B 1 95  ? 2.655   -0.918  18.361  1.00 16.15 ? 93  TRP B N   1 
ATOM   1568 C CA  . TRP B 1 95  ? 1.212   -0.980  18.321  1.00 16.06 ? 93  TRP B CA  1 
ATOM   1569 C C   . TRP B 1 95  ? 0.672   -1.377  19.672  1.00 16.25 ? 93  TRP B C   1 
ATOM   1570 O O   . TRP B 1 95  ? 1.194   -2.284  20.313  1.00 17.04 ? 93  TRP B O   1 
ATOM   1571 C CB  . TRP B 1 95  ? 0.776   -2.025  17.308  1.00 16.34 ? 93  TRP B CB  1 
ATOM   1572 C CG  . TRP B 1 95  ? -0.713  -2.235  17.175  1.00 17.69 ? 93  TRP B CG  1 
ATOM   1573 C CD1 . TRP B 1 95  ? -1.644  -1.348  16.692  1.00 18.90 ? 93  TRP B CD1 1 
ATOM   1574 C CD2 . TRP B 1 95  ? -1.418  -3.447  17.432  1.00 17.49 ? 93  TRP B CD2 1 
ATOM   1575 N NE1 . TRP B 1 95  ? -2.898  -1.935  16.662  1.00 19.69 ? 93  TRP B NE1 1 
ATOM   1576 C CE2 . TRP B 1 95  ? -2.794  -3.218  17.126  1.00 17.86 ? 93  TRP B CE2 1 
ATOM   1577 C CE3 . TRP B 1 95  ? -1.035  -4.699  17.914  1.00 18.76 ? 93  TRP B CE3 1 
ATOM   1578 C CZ2 . TRP B 1 95  ? -3.767  -4.214  17.245  1.00 16.99 ? 93  TRP B CZ2 1 
ATOM   1579 C CZ3 . TRP B 1 95  ? -2.009  -5.690  18.046  1.00 19.55 ? 93  TRP B CZ3 1 
ATOM   1580 C CH2 . TRP B 1 95  ? -3.361  -5.435  17.718  1.00 18.33 ? 93  TRP B CH2 1 
ATOM   1581 N N   . THR B 1 96  ? -0.331  -0.633  20.133  1.00 15.46 ? 94  THR B N   1 
ATOM   1582 C CA  . THR B 1 96  ? -1.059  -0.962  21.348  1.00 15.54 ? 94  THR B CA  1 
ATOM   1583 C C   . THR B 1 96  ? -2.447  -1.462  21.005  1.00 16.05 ? 94  THR B C   1 
ATOM   1584 O O   . THR B 1 96  ? -3.144  -0.854  20.171  1.00 15.61 ? 94  THR B O   1 
ATOM   1585 C CB  . THR B 1 96  ? -1.178  0.295   22.238  1.00 15.44 ? 94  THR B CB  1 
ATOM   1586 O OG1 . THR B 1 96  ? 0.119   0.794   22.561  1.00 18.57 ? 94  THR B OG1 1 
ATOM   1587 C CG2 . THR B 1 96  ? -1.983  0.008   23.533  1.00 15.71 ? 94  THR B CG2 1 
ATOM   1588 N N   . VAL B 1 97  ? -2.862  -2.551  21.668  1.00 15.45 ? 95  VAL B N   1 
ATOM   1589 C CA  . VAL B 1 97  ? -4.219  -3.092  21.523  1.00 16.54 ? 95  VAL B CA  1 
ATOM   1590 C C   . VAL B 1 97  ? -5.178  -2.171  22.266  1.00 16.63 ? 95  VAL B C   1 
ATOM   1591 O O   . VAL B 1 97  ? -5.097  -2.058  23.498  1.00 18.24 ? 95  VAL B O   1 
ATOM   1592 C CB  . VAL B 1 97  ? -4.363  -4.512  22.109  1.00 16.67 ? 95  VAL B CB  1 
ATOM   1593 C CG1 . VAL B 1 97  ? -5.724  -5.016  21.830  1.00 17.20 ? 95  VAL B CG1 1 
ATOM   1594 C CG2 . VAL B 1 97  ? -3.302  -5.484  21.443  1.00 17.55 ? 95  VAL B CG2 1 
ATOM   1595 N N   . THR B 1 98  ? -6.045  -1.507  21.514  1.00 17.10 ? 96  THR B N   1 
ATOM   1596 C CA  . THR B 1 98  ? -6.987  -0.551  22.122  1.00 17.42 ? 96  THR B CA  1 
ATOM   1597 C C   . THR B 1 98  ? -8.413  -1.004  21.890  1.00 18.51 ? 96  THR B C   1 
ATOM   1598 O O   . THR B 1 98  ? -9.330  -0.533  22.563  1.00 17.88 ? 96  THR B O   1 
ATOM   1599 C CB  . THR B 1 98  ? -6.803  0.886   21.568  1.00 17.52 ? 96  THR B CB  1 
ATOM   1600 O OG1 . THR B 1 98  ? -7.067  0.897   20.169  1.00 19.05 ? 96  THR B OG1 1 
ATOM   1601 C CG2 . THR B 1 98  ? -5.415  1.458   21.829  1.00 18.30 ? 96  THR B CG2 1 
ATOM   1602 N N   . GLU B 1 99  ? -8.604  -1.887  20.926  1.00 19.43 ? 97  GLU B N   1 
ATOM   1603 C CA  . GLU B 1 99  ? -9.897  -2.475  20.599  1.00 20.41 ? 97  GLU B CA  1 
ATOM   1604 C C   . GLU B 1 99  ? -9.707  -3.808  19.906  1.00 21.46 ? 97  GLU B C   1 
ATOM   1605 O O   . GLU B 1 99  ? -8.630  -4.073  19.370  1.00 22.01 ? 97  GLU B O   1 
ATOM   1606 C CB  . GLU B 1 99  ? -10.693 -1.510  19.710  1.00 20.77 ? 97  GLU B CB  1 
ATOM   1607 C CG  . GLU B 1 99  ? -10.101 -1.336  18.303  1.00 25.37 ? 97  GLU B CG  1 
ATOM   1608 C CD  . GLU B 1 99  ? -10.835 -0.257  17.520  1.00 30.04 ? 97  GLU B CD  1 
ATOM   1609 O OE1 . GLU B 1 99  ? -11.469 -0.584  16.500  1.00 32.67 ? 97  GLU B OE1 1 
ATOM   1610 O OE2 . GLU B 1 99  ? -10.790 0.917   17.948  1.00 35.63 ? 97  GLU B OE2 1 
ATOM   1611 N N   . PHE B 1 100 ? -10.736 -4.645  19.910  1.00 21.72 ? 98  PHE B N   1 
ATOM   1612 C CA  . PHE B 1 100 ? -10.761 -5.867  19.112  1.00 22.29 ? 98  PHE B CA  1 
ATOM   1613 C C   . PHE B 1 100 ? -11.591 -5.732  17.852  1.00 24.97 ? 98  PHE B C   1 
ATOM   1614 O O   . PHE B 1 100 ? -12.541 -4.942  17.789  1.00 25.61 ? 98  PHE B O   1 
ATOM   1615 C CB  . PHE B 1 100 ? -11.356 -7.021  19.936  1.00 21.61 ? 98  PHE B CB  1 
ATOM   1616 C CG  . PHE B 1 100 ? -10.570 -7.362  21.171  1.00 19.30 ? 98  PHE B CG  1 
ATOM   1617 C CD1 . PHE B 1 100 ? -9.482  -8.249  21.101  1.00 18.61 ? 98  PHE B CD1 1 
ATOM   1618 C CD2 . PHE B 1 100 ? -10.946 -6.850  22.408  1.00 18.44 ? 98  PHE B CD2 1 
ATOM   1619 C CE1 . PHE B 1 100 ? -8.749  -8.579  22.240  1.00 19.04 ? 98  PHE B CE1 1 
ATOM   1620 C CE2 . PHE B 1 100 ? -10.224 -7.174  23.565  1.00 20.87 ? 98  PHE B CE2 1 
ATOM   1621 C CZ  . PHE B 1 100 ? -9.105  -8.054  23.480  1.00 18.88 ? 98  PHE B CZ  1 
ATOM   1622 N N   . VAL B 1 101 ? -11.246 -6.529  16.850  1.00 26.26 ? 99  VAL B N   1 
ATOM   1623 C CA  . VAL B 1 101 ? -12.160 -6.770  15.749  1.00 29.05 ? 99  VAL B CA  1 
ATOM   1624 C C   . VAL B 1 101 ? -12.774 -8.186  15.806  1.00 30.41 ? 99  VAL B C   1 
ATOM   1625 O O   . VAL B 1 101 ? -12.387 -9.030  16.640  1.00 32.35 ? 99  VAL B O   1 
ATOM   1626 C CB  . VAL B 1 101 ? -11.500 -6.493  14.410  1.00 29.02 ? 99  VAL B CB  1 
ATOM   1627 C CG1 . VAL B 1 101 ? -11.112 -5.026  14.347  1.00 29.65 ? 99  VAL B CG1 1 
ATOM   1628 C CG2 . VAL B 1 101 ? -10.273 -7.380  14.203  1.00 29.16 ? 99  VAL B CG2 1 
HETATM 1629 O O   . HOH C 2 .   ? 0.408   11.878  2.022   1.00 30.53 ? 107 HOH A O   1 
HETATM 1630 O O   . HOH C 2 .   ? -1.267  7.847   -4.527  1.00 23.23 ? 108 HOH A O   1 
HETATM 1631 O O   . HOH C 2 .   ? 3.565   5.412   -7.252  1.00 23.88 ? 109 HOH A O   1 
HETATM 1632 O O   . HOH C 2 .   ? -3.847  0.474   -11.471 1.00 14.26 ? 110 HOH A O   1 
HETATM 1633 O O   . HOH C 2 .   ? 3.081   1.352   -10.596 1.00 32.91 ? 111 HOH A O   1 
HETATM 1634 O O   . HOH C 2 .   ? 2.275   -1.271  -17.216 1.00 20.66 ? 112 HOH A O   1 
HETATM 1635 O O   . HOH C 2 .   ? 5.287   -0.378  -16.940 1.00 24.08 ? 113 HOH A O   1 
HETATM 1636 O O   . HOH C 2 .   ? -1.149  2.080   -23.205 1.00 19.14 ? 114 HOH A O   1 
HETATM 1637 O O   . HOH C 2 .   ? -7.670  -1.347  -9.617  1.00 22.98 ? 115 HOH A O   1 
HETATM 1638 O O   . HOH C 2 .   ? -9.714  -3.514  -9.346  1.00 36.57 ? 116 HOH A O   1 
HETATM 1639 O O   . HOH C 2 .   ? -11.767 0.227   -8.306  1.00 20.30 ? 117 HOH A O   1 
HETATM 1640 O O   . HOH C 2 .   ? -12.915 2.969   -8.101  1.00 21.53 ? 118 HOH A O   1 
HETATM 1641 O O   . HOH C 2 .   ? -8.414  -2.259  0.393   1.00 21.56 ? 119 HOH A O   1 
HETATM 1642 O O   . HOH C 2 .   ? -13.743 -0.265  -0.253  1.00 31.26 ? 120 HOH A O   1 
HETATM 1643 O O   . HOH C 2 .   ? 1.634   2.118   -32.157 1.00 33.98 ? 121 HOH A O   1 
HETATM 1644 O O   . HOH C 2 .   ? -11.591 13.055  -16.609 1.00 46.52 ? 122 HOH A O   1 
HETATM 1645 O O   . HOH C 2 .   ? 12.551  2.171   -16.067 1.00 40.35 ? 123 HOH A O   1 
HETATM 1646 O O   . HOH C 2 .   ? -11.581 0.404   3.147   1.00 27.70 ? 124 HOH A O   1 
HETATM 1647 O O   . HOH C 2 .   ? -14.089 3.791   1.703   1.00 24.25 ? 125 HOH A O   1 
HETATM 1648 O O   . HOH C 2 .   ? -4.438  1.079   1.662   1.00 23.36 ? 126 HOH A O   1 
HETATM 1649 O O   . HOH C 2 .   ? -12.615 6.376   7.445   1.00 26.86 ? 127 HOH A O   1 
HETATM 1650 O O   . HOH C 2 .   ? -12.920 8.905   4.725   1.00 14.14 ? 128 HOH A O   1 
HETATM 1651 O O   . HOH C 2 .   ? -1.792  -1.181  -5.237  1.00 30.64 ? 129 HOH A O   1 
HETATM 1652 O O   . HOH C 2 .   ? 2.593   -3.210  -15.328 1.00 37.96 ? 130 HOH A O   1 
HETATM 1653 O O   . HOH C 2 .   ? -6.475  -5.468  -22.576 1.00 31.71 ? 131 HOH A O   1 
HETATM 1654 O O   . HOH C 2 .   ? -7.662  -1.521  -24.375 1.00 28.80 ? 132 HOH A O   1 
HETATM 1655 O O   . HOH C 2 .   ? 7.356   20.623  -17.083 1.00 30.33 ? 133 HOH A O   1 
HETATM 1656 O O   . HOH C 2 .   ? -8.384  12.935  -17.827 1.00 29.76 ? 134 HOH A O   1 
HETATM 1657 O O   . HOH C 2 .   ? -8.552  18.797  -11.550 1.00 35.28 ? 135 HOH A O   1 
HETATM 1658 O O   . HOH C 2 .   ? -9.898  16.687  -10.945 1.00 39.14 ? 136 HOH A O   1 
HETATM 1659 O O   . HOH C 2 .   ? -13.513 3.851   -10.787 1.00 32.81 ? 137 HOH A O   1 
HETATM 1660 O O   . HOH C 2 .   ? -13.193 -0.645  -10.658 1.00 35.67 ? 138 HOH A O   1 
HETATM 1661 O O   . HOH C 2 .   ? 4.954   4.878   -9.663  1.00 40.39 ? 139 HOH A O   1 
HETATM 1662 O O   . HOH C 2 .   ? -16.492 8.574   3.726   1.00 35.02 ? 140 HOH A O   1 
HETATM 1663 O O   . HOH C 2 .   ? -15.413 9.732   8.323   1.00 27.25 ? 141 HOH A O   1 
HETATM 1664 O O   . HOH C 2 .   ? -10.927 6.627   10.652  1.00 33.16 ? 142 HOH A O   1 
HETATM 1665 O O   . HOH C 2 .   ? -16.882 8.319   -1.313  1.00 28.85 ? 143 HOH A O   1 
HETATM 1666 O O   . HOH C 2 .   ? -7.575  17.031  -6.500  1.00 27.60 ? 144 HOH A O   1 
HETATM 1667 O O   . HOH C 2 .   ? 7.900   -5.322  -21.845 1.00 40.19 ? 145 HOH A O   1 
HETATM 1668 O O   . HOH C 2 .   ? 9.686   17.741  -18.219 1.00 29.53 ? 146 HOH A O   1 
HETATM 1669 O O   . HOH C 2 .   ? 7.234   16.270  -12.097 1.00 22.34 ? 147 HOH A O   1 
HETATM 1670 O O   . HOH C 2 .   ? 8.420   20.610  -22.222 1.00 38.69 ? 148 HOH A O   1 
HETATM 1671 O O   . HOH C 2 .   ? 3.405   23.142  -17.398 1.00 18.09 ? 149 HOH A O   1 
HETATM 1672 O O   . HOH C 2 .   ? 2.584   24.915  -19.342 1.00 20.63 ? 150 HOH A O   1 
HETATM 1673 O O   . HOH C 2 .   ? 8.976   21.351  -13.072 1.00 38.68 ? 151 HOH A O   1 
HETATM 1674 O O   . HOH C 2 .   ? 6.813   21.573  -9.086  1.00 30.77 ? 152 HOH A O   1 
HETATM 1675 O O   . HOH C 2 .   ? 7.469   24.080  -8.086  1.00 27.34 ? 153 HOH A O   1 
HETATM 1676 O O   . HOH C 2 .   ? -4.472  22.067  -9.075  1.00 25.75 ? 154 HOH A O   1 
HETATM 1677 O O   . HOH C 2 .   ? 3.830   17.002  -6.475  1.00 25.00 ? 155 HOH A O   1 
HETATM 1678 O O   . HOH C 2 .   ? 4.491   18.594  -8.530  1.00 34.65 ? 156 HOH A O   1 
HETATM 1679 O O   . HOH C 2 .   ? 3.264   1.684   -28.032 1.00 29.45 ? 157 HOH A O   1 
HETATM 1680 O O   . HOH C 2 .   ? -7.928  -2.075  4.305   1.00 37.48 ? 158 HOH A O   1 
HETATM 1681 O O   . HOH C 2 .   ? 3.326   22.866  -21.252 1.00 28.69 ? 159 HOH A O   1 
HETATM 1682 O O   . HOH C 2 .   ? -11.647 6.182   -20.714 1.00 35.76 ? 160 HOH A O   1 
HETATM 1683 O O   . HOH C 2 .   ? -13.358 14.751  -11.786 1.00 29.56 ? 161 HOH A O   1 
HETATM 1684 O O   . HOH C 2 .   ? -13.201 18.187  -8.557  1.00 22.90 ? 162 HOH A O   1 
HETATM 1685 O O   . HOH C 2 .   ? -16.253 7.919   -8.981  1.00 28.75 ? 163 HOH A O   1 
HETATM 1686 O O   . HOH C 2 .   ? -9.328  -5.279  -6.749  1.00 34.45 ? 164 HOH A O   1 
HETATM 1687 O O   . HOH C 2 .   ? -16.802 4.694   0.009   1.00 44.35 ? 165 HOH A O   1 
HETATM 1688 O O   . HOH C 2 .   ? -15.616 6.535   5.059   1.00 41.03 ? 166 HOH A O   1 
HETATM 1689 O O   . HOH C 2 .   ? -8.581  -3.198  -22.656 1.00 37.09 ? 167 HOH A O   1 
HETATM 1690 O O   . HOH C 2 .   ? -7.994  0.215   -21.079 1.00 32.77 ? 168 HOH A O   1 
HETATM 1691 O O   . HOH C 2 .   ? -8.903  -2.405  -20.189 1.00 41.17 ? 169 HOH A O   1 
HETATM 1692 O O   . HOH C 2 .   ? -11.480 3.402   -26.073 1.00 39.27 ? 170 HOH A O   1 
HETATM 1693 O O   . HOH C 2 .   ? 8.806   19.961  -18.937 1.00 30.32 ? 171 HOH A O   1 
HETATM 1694 O O   . HOH C 2 .   ? -12.248 -6.158  -1.442  1.00 42.08 ? 172 HOH A O   1 
HETATM 1695 O O   . HOH C 2 .   ? -8.743  -5.082  -2.907  1.00 32.15 ? 173 HOH A O   1 
HETATM 1696 O O   . HOH C 2 .   ? -6.349  -4.443  -3.751  1.00 23.01 ? 174 HOH A O   1 
HETATM 1697 O O   . HOH C 2 .   ? -14.766 -1.302  -2.735  1.00 24.79 ? 175 HOH A O   1 
HETATM 1698 O O   . HOH C 2 .   ? -4.853  6.902   -21.629 1.00 31.44 ? 176 HOH A O   1 
HETATM 1699 O O   . HOH C 2 .   ? 4.363   15.636  -9.437  1.00 30.80 ? 177 HOH A O   1 
HETATM 1700 O O   . HOH C 2 .   ? -7.567  11.751  8.071   1.00 18.58 ? 178 HOH A O   1 
HETATM 1701 O O   . HOH C 2 .   ? -10.665 13.646  10.713  1.00 19.73 ? 179 HOH A O   1 
HETATM 1702 O O   . HOH C 2 .   ? -8.532  9.942   9.983   1.00 24.49 ? 180 HOH A O   1 
HETATM 1703 O O   . HOH C 2 .   ? -6.720  7.981   10.018  1.00 37.81 ? 181 HOH A O   1 
HETATM 1704 O O   . HOH C 2 .   ? -11.960 11.619  12.481  1.00 20.38 ? 182 HOH A O   1 
HETATM 1705 O O   . HOH C 2 .   ? -7.552  18.882  4.575   1.00 25.21 ? 183 HOH A O   1 
HETATM 1706 O O   . HOH C 2 .   ? -6.327  20.779  3.334   1.00 37.01 ? 184 HOH A O   1 
HETATM 1707 O O   . HOH C 2 .   ? -0.287  15.994  2.014   1.00 22.79 ? 185 HOH A O   1 
HETATM 1708 O O   . HOH C 2 .   ? 5.884   9.852   -5.546  1.00 25.71 ? 186 HOH A O   1 
HETATM 1709 O O   . HOH C 2 .   ? 6.710   8.003   -8.332  1.00 35.68 ? 187 HOH A O   1 
HETATM 1710 O O   . HOH C 2 .   ? 6.451   14.317  -10.671 1.00 35.15 ? 188 HOH A O   1 
HETATM 1711 O O   . HOH C 2 .   ? 9.073   3.478   -13.293 1.00 30.43 ? 189 HOH A O   1 
HETATM 1712 O O   . HOH C 2 .   ? 7.820   0.696   -15.068 1.00 29.47 ? 190 HOH A O   1 
HETATM 1713 O O   . HOH C 2 .   ? 4.533   -6.328  -22.234 1.00 36.44 ? 191 HOH A O   1 
HETATM 1714 O O   . HOH C 2 .   ? -0.084  -7.462  -24.373 1.00 29.27 ? 192 HOH A O   1 
HETATM 1715 O O   . HOH C 2 .   ? -4.488  -0.007  7.386   1.00 31.45 ? 193 HOH A O   1 
HETATM 1716 O O   . HOH D 2 .   ? -9.200  -7.383  26.967  1.00 19.54 ? 109 HOH B O   1 
HETATM 1717 O O   . HOH D 2 .   ? -9.793  -10.185 26.649  1.00 27.54 ? 110 HOH B O   1 
HETATM 1718 O O   . HOH D 2 .   ? -2.174  -11.170 26.149  1.00 31.21 ? 111 HOH B O   1 
HETATM 1719 O O   . HOH D 2 .   ? -1.857  -15.602 4.428   1.00 30.80 ? 112 HOH B O   1 
HETATM 1720 O O   . HOH D 2 .   ? -4.278  -12.078 2.596   1.00 22.73 ? 113 HOH B O   1 
HETATM 1721 O O   . HOH D 2 .   ? -5.861  -13.902 3.852   1.00 32.23 ? 114 HOH B O   1 
HETATM 1722 O O   . HOH D 2 .   ? -1.741  -13.592 2.497   1.00 17.35 ? 115 HOH B O   1 
HETATM 1723 O O   . HOH D 2 .   ? 2.183   -18.027 2.716   1.00 25.91 ? 116 HOH B O   1 
HETATM 1724 O O   . HOH D 2 .   ? 7.324   -18.770 8.203   1.00 24.87 ? 117 HOH B O   1 
HETATM 1725 O O   . HOH D 2 .   ? 6.734   -17.421 14.665  1.00 23.14 ? 118 HOH B O   1 
HETATM 1726 O O   . HOH D 2 .   ? 12.140  -16.660 17.326  1.00 20.37 ? 119 HOH B O   1 
HETATM 1727 O O   . HOH D 2 .   ? 14.868  -16.591 18.134  1.00 28.12 ? 120 HOH B O   1 
HETATM 1728 O O   . HOH D 2 .   ? -5.245  -1.085  2.996   1.00 26.29 ? 121 HOH B O   1 
HETATM 1729 O O   . HOH D 2 .   ? -3.597  -1.569  5.227   1.00 22.33 ? 122 HOH B O   1 
HETATM 1730 O O   . HOH D 2 .   ? -6.532  -4.183  0.644   1.00 24.46 ? 123 HOH B O   1 
HETATM 1731 O O   . HOH D 2 .   ? 1.645   3.433   4.561   1.00 32.23 ? 124 HOH B O   1 
HETATM 1732 O O   . HOH D 2 .   ? -5.547  -20.263 22.471  1.00 42.32 ? 125 HOH B O   1 
HETATM 1733 O O   . HOH D 2 .   ? 3.773   -13.600 -5.414  1.00 51.70 ? 126 HOH B O   1 
HETATM 1734 O O   . HOH D 2 .   ? -3.891  -19.068 7.688   1.00 38.59 ? 127 HOH B O   1 
HETATM 1735 O O   . HOH D 2 .   ? 0.379   -18.826 13.461  1.00 34.63 ? 128 HOH B O   1 
HETATM 1736 O O   . HOH D 2 .   ? -4.800  -4.342  -1.470  1.00 20.00 ? 129 HOH B O   1 
HETATM 1737 O O   . HOH D 2 .   ? -2.904  -3.015  -3.150  1.00 25.82 ? 130 HOH B O   1 
HETATM 1738 O O   . HOH D 2 .   ? 4.909   -3.298  6.886   1.00 15.21 ? 131 HOH B O   1 
HETATM 1739 O O   . HOH D 2 .   ? -1.141  -0.295  4.837   1.00 28.67 ? 132 HOH B O   1 
HETATM 1740 O O   . HOH D 2 .   ? 2.095   -0.020  11.336  1.00 19.35 ? 133 HOH B O   1 
HETATM 1741 O O   . HOH D 2 .   ? 2.417   3.103   11.382  1.00 35.98 ? 134 HOH B O   1 
HETATM 1742 O O   . HOH D 2 .   ? -1.771  0.521   8.407   1.00 33.77 ? 135 HOH B O   1 
HETATM 1743 O O   . HOH D 2 .   ? -4.382  -7.158  9.348   1.00 17.02 ? 136 HOH B O   1 
HETATM 1744 O O   . HOH D 2 .   ? -5.681  -8.844  5.545   1.00 22.64 ? 137 HOH B O   1 
HETATM 1745 O O   . HOH D 2 .   ? -7.468  -4.456  16.869  1.00 17.13 ? 138 HOH B O   1 
HETATM 1746 O O   . HOH D 2 .   ? -6.475  -11.426 20.707  1.00 17.47 ? 139 HOH B O   1 
HETATM 1747 O O   . HOH D 2 .   ? 16.106  -6.515  -8.979  1.00 34.77 ? 140 HOH B O   1 
HETATM 1748 O O   . HOH D 2 .   ? 5.482   3.816   9.146   1.00 35.48 ? 141 HOH B O   1 
HETATM 1749 O O   . HOH D 2 .   ? -2.178  -1.162  12.801  1.00 31.30 ? 142 HOH B O   1 
HETATM 1750 O O   . HOH D 2 .   ? -9.575  -3.765  12.215  1.00 31.95 ? 143 HOH B O   1 
HETATM 1751 O O   . HOH D 2 .   ? -5.975  -14.451 13.026  1.00 27.68 ? 144 HOH B O   1 
HETATM 1752 O O   . HOH D 2 .   ? -2.544  -19.691 13.728  1.00 30.44 ? 145 HOH B O   1 
HETATM 1753 O O   . HOH D 2 .   ? 1.848   -18.147 15.873  1.00 23.96 ? 146 HOH B O   1 
HETATM 1754 O O   . HOH D 2 .   ? -8.838  -11.756 24.254  1.00 27.76 ? 147 HOH B O   1 
HETATM 1755 O O   . HOH D 2 .   ? -6.515  -5.093  29.955  1.00 33.74 ? 148 HOH B O   1 
HETATM 1756 O O   . HOH D 2 .   ? 5.939   -2.502  26.621  1.00 34.69 ? 149 HOH B O   1 
HETATM 1757 O O   . HOH D 2 .   ? 15.421  -1.737  21.605  1.00 34.33 ? 150 HOH B O   1 
HETATM 1758 O O   . HOH D 2 .   ? 13.727  -3.277  15.343  1.00 32.17 ? 151 HOH B O   1 
HETATM 1759 O O   . HOH D 2 .   ? -0.762  -16.907 8.792   1.00 24.38 ? 152 HOH B O   1 
HETATM 1760 O O   . HOH D 2 .   ? 5.669   -15.186 -3.596  1.00 33.80 ? 153 HOH B O   1 
HETATM 1761 O O   . HOH D 2 .   ? -8.396  -6.339  -0.451  1.00 34.38 ? 154 HOH B O   1 
HETATM 1762 O O   . HOH D 2 .   ? 6.592   -5.122  -8.176  1.00 40.36 ? 155 HOH B O   1 
HETATM 1763 O O   . HOH D 2 .   ? 17.553  -6.851  1.385   1.00 37.04 ? 156 HOH B O   1 
HETATM 1764 O O   . HOH D 2 .   ? -4.472  0.839   18.656  1.00 29.75 ? 157 HOH B O   1 
HETATM 1765 O O   . HOH D 2 .   ? -11.265 -15.717 17.999  1.00 24.22 ? 158 HOH B O   1 
HETATM 1766 O O   . HOH D 2 .   ? -14.101 -13.643 16.065  1.00 41.47 ? 159 HOH B O   1 
HETATM 1767 O O   . HOH D 2 .   ? -8.071  -15.253 15.235  1.00 31.88 ? 160 HOH B O   1 
HETATM 1768 O O   . HOH D 2 .   ? 11.895  -2.826  -6.332  1.00 35.82 ? 161 HOH B O   1 
HETATM 1769 O O   . HOH D 2 .   ? 12.446  -8.013  -10.497 1.00 38.06 ? 162 HOH B O   1 
HETATM 1770 O O   . HOH D 2 .   ? 0.911   -20.728 16.703  1.00 35.36 ? 163 HOH B O   1 
HETATM 1771 O O   . HOH D 2 .   ? 1.690   2.177   20.738  1.00 35.10 ? 164 HOH B O   1 
HETATM 1772 O O   . HOH D 2 .   ? 8.373   -8.928  -6.399  1.00 27.04 ? 165 HOH B O   1 
HETATM 1773 O O   . HOH D 2 .   ? 2.412   -9.454  -5.949  1.00 29.98 ? 166 HOH B O   1 
HETATM 1774 O O   . HOH D 2 .   ? -2.133  -9.112  -4.964  1.00 35.92 ? 167 HOH B O   1 
HETATM 1775 O O   . HOH D 2 .   ? -4.023  -11.342 -3.884  1.00 28.77 ? 168 HOH B O   1 
HETATM 1776 O O   . HOH D 2 .   ? 4.565   -13.783 23.235  1.00 18.87 ? 169 HOH B O   1 
HETATM 1777 O O   . HOH D 2 .   ? 4.713   -11.870 26.138  1.00 28.75 ? 170 HOH B O   1 
HETATM 1778 O O   . HOH D 2 .   ? 2.843   -10.232 27.909  1.00 31.78 ? 171 HOH B O   1 
HETATM 1779 O O   . HOH D 2 .   ? 2.401   -14.454 21.718  1.00 21.05 ? 172 HOH B O   1 
HETATM 1780 O O   . HOH D 2 .   ? 10.087  -8.297  28.667  1.00 41.15 ? 173 HOH B O   1 
HETATM 1781 O O   . HOH D 2 .   ? 10.100  -11.914 25.725  1.00 25.14 ? 174 HOH B O   1 
HETATM 1782 O O   . HOH D 2 .   ? 11.362  -3.812  26.312  1.00 27.38 ? 175 HOH B O   1 
HETATM 1783 O O   . HOH D 2 .   ? 11.152  -2.196  19.789  1.00 19.33 ? 176 HOH B O   1 
HETATM 1784 O O   . HOH D 2 .   ? 11.027  -2.947  15.802  1.00 22.49 ? 177 HOH B O   1 
HETATM 1785 O O   . HOH D 2 .   ? 13.367  -2.182  13.059  1.00 20.56 ? 178 HOH B O   1 
HETATM 1786 O O   . HOH D 2 .   ? 13.502  -1.157  18.639  1.00 35.72 ? 179 HOH B O   1 
HETATM 1787 O O   . HOH D 2 .   ? 16.133  -1.454  18.344  1.00 31.71 ? 180 HOH B O   1 
HETATM 1788 O O   . HOH D 2 .   ? 9.716   -1.321  17.702  1.00 21.23 ? 181 HOH B O   1 
HETATM 1789 O O   . HOH D 2 .   ? 10.065  1.344   18.535  1.00 32.98 ? 182 HOH B O   1 
HETATM 1790 O O   . HOH D 2 .   ? 16.245  -8.646  22.672  1.00 19.23 ? 183 HOH B O   1 
HETATM 1791 O O   . HOH D 2 .   ? 18.054  -8.495  -7.389  1.00 31.12 ? 184 HOH B O   1 
HETATM 1792 O O   . HOH D 2 .   ? -6.309  -2.026  18.703  1.00 19.40 ? 185 HOH B O   1 
HETATM 1793 O O   . HOH D 2 .   ? -5.682  -0.138  25.582  1.00 19.96 ? 186 HOH B O   1 
HETATM 1794 O O   . HOH D 2 .   ? -9.429  2.238   19.774  1.00 29.38 ? 187 HOH B O   1 
HETATM 1795 O O   . HOH D 2 .   ? -8.414  0.298   24.907  1.00 19.62 ? 188 HOH B O   1 
HETATM 1796 O O   . HOH D 2 .   ? -1.034  1.908   18.640  1.00 25.45 ? 189 HOH B O   1 
HETATM 1797 O O   . HOH D 2 .   ? 4.943   2.027   14.338  1.00 20.16 ? 190 HOH B O   1 
HETATM 1798 O O   . HOH D 2 .   ? 6.924   1.826   12.114  1.00 19.53 ? 191 HOH B O   1 
HETATM 1799 O O   . HOH D 2 .   ? 11.924  1.261   7.545   1.00 23.91 ? 192 HOH B O   1 
HETATM 1800 O O   . HOH D 2 .   ? 13.813  -0.445  3.885   1.00 20.99 ? 193 HOH B O   1 
HETATM 1801 O O   . HOH D 2 .   ? 17.911  -5.648  -1.229  1.00 24.06 ? 194 HOH B O   1 
# 
loop_
_pdbx_poly_seq_scheme.asym_id 
_pdbx_poly_seq_scheme.entity_id 
_pdbx_poly_seq_scheme.seq_id 
_pdbx_poly_seq_scheme.mon_id 
_pdbx_poly_seq_scheme.ndb_seq_num 
_pdbx_poly_seq_scheme.pdb_seq_num 
_pdbx_poly_seq_scheme.auth_seq_num 
_pdbx_poly_seq_scheme.pdb_mon_id 
_pdbx_poly_seq_scheme.auth_mon_id 
_pdbx_poly_seq_scheme.pdb_strand_id 
_pdbx_poly_seq_scheme.pdb_ins_code 
_pdbx_poly_seq_scheme.hetero 
A 1 1   GLY 1   -1  ?   ?   ?   A . n 
A 1 2   SER 2   0   ?   ?   ?   A . n 
A 1 3   TYR 3   1   ?   ?   ?   A . n 
A 1 4   VAL 4   2   2   VAL VAL A . n 
A 1 5   VAL 5   3   3   VAL VAL A . n 
A 1 6   PRO 6   4   4   PRO PRO A . n 
A 1 7   SER 7   5   5   SER SER A . n 
A 1 8   ALA 8   6   6   ALA ALA A . n 
A 1 9   LYS 9   7   7   LYS LYS A . n 
A 1 10  LEU 10  8   8   LEU LEU A . n 
A 1 11  GLU 11  9   9   GLU GLU A . n 
A 1 12  ALA 12  10  10  ALA ALA A . n 
A 1 13  ILE 13  11  11  ILE ILE A . n 
A 1 14  TYR 14  12  12  TYR TYR A . n 
A 1 15  PRO 15  13  13  PRO PRO A . n 
A 1 16  LYS 16  14  14  LYS LYS A . n 
A 1 17  GLY 17  15  15  GLY GLY A . n 
A 1 18  LEU 18  16  16  LEU LEU A . n 
A 1 19  ARG 19  17  17  ARG ARG A . n 
A 1 20  VAL 20  18  18  VAL VAL A . n 
A 1 21  SER 21  19  19  SER SER A . n 
A 1 22  ILE 22  20  20  ILE ILE A . n 
A 1 23  PRO 23  21  21  PRO PRO A . n 
A 1 24  ASP 24  22  22  ASP ASP A . n 
A 1 25  ASP 25  23  23  ASP ASP A . n 
A 1 26  GLY 26  24  24  GLY GLY A . n 
A 1 27  PHE 27  25  25  PHE PHE A . n 
A 1 28  SER 28  26  26  SER SER A . n 
A 1 29  LEU 29  27  27  LEU LEU A . n 
A 1 30  PHE 30  28  28  PHE PHE A . n 
A 1 31  ALA 31  29  29  ALA ALA A . n 
A 1 32  PHE 32  30  30  PHE PHE A . n 
A 1 33  HIS 33  31  31  HIS HIS A . n 
A 1 34  GLY 34  32  32  GLY GLY A . n 
A 1 35  LYS 35  33  33  LYS LYS A . n 
A 1 36  LEU 36  34  34  LEU LEU A . n 
A 1 37  ASN 37  35  35  ASN ASN A . n 
A 1 38  GLU 38  36  36  GLU GLU A . n 
A 1 39  GLU 39  37  37  GLU GLU A . n 
A 1 40  MET 40  38  38  MET MET A . n 
A 1 41  ASP 41  39  39  ASP ASP A . n 
A 1 42  GLY 42  40  40  GLY GLY A . n 
A 1 43  LEU 43  41  41  LEU LEU A . n 
A 1 44  GLU 44  42  42  GLU GLU A . n 
A 1 45  ALA 45  43  43  ALA ALA A . n 
A 1 46  GLY 46  44  44  GLY GLY A . n 
A 1 47  HIS 47  45  45  HIS HIS A . n 
A 1 48  TRP 48  46  46  TRP TRP A . n 
A 1 49  ALA 49  47  47  ALA ALA A . n 
A 1 50  ARG 50  48  48  ARG ARG A . n 
A 1 51  ASP 51  49  49  ASP ASP A . n 
A 1 52  ILE 52  50  50  ILE ILE A . n 
A 1 53  THR 53  51  51  THR THR A . n 
A 1 54  LYS 54  52  52  LYS LYS A . n 
A 1 55  PRO 55  53  53  PRO PRO A . n 
A 1 56  LYS 56  54  54  LYS LYS A . n 
A 1 57  GLU 57  55  55  GLU GLU A . n 
A 1 58  GLY 58  56  56  GLY GLY A . n 
A 1 59  ARG 59  57  57  ARG ARG A . n 
A 1 60  TRP 60  58  58  TRP TRP A . n 
A 1 61  THR 61  59  59  THR THR A . n 
A 1 62  PHE 62  60  60  PHE PHE A . n 
A 1 63  ARG 63  61  61  ARG ARG A . n 
A 1 64  ASP 64  62  62  ASP ASP A . n 
A 1 65  ARG 65  63  63  ARG ARG A . n 
A 1 66  ASN 66  64  64  ASN ASN A . n 
A 1 67  VAL 67  65  65  VAL VAL A . n 
A 1 68  LYS 68  66  66  LYS LYS A . n 
A 1 69  LEU 69  67  67  LEU LEU A . n 
A 1 70  LYS 70  68  68  LYS LYS A . n 
A 1 71  LEU 71  69  69  LEU LEU A . n 
A 1 72  GLY 72  70  70  GLY GLY A . n 
A 1 73  ASP 73  71  71  ASP ASP A . n 
A 1 74  LYS 74  72  72  LYS LYS A . n 
A 1 75  ILE 75  73  73  ILE ILE A . n 
A 1 76  TYR 76  74  74  TYR TYR A . n 
A 1 77  PHE 77  75  75  PHE PHE A . n 
A 1 78  TRP 78  76  76  TRP TRP A . n 
A 1 79  THR 79  77  77  THR THR A . n 
A 1 80  TYR 80  78  78  TYR TYR A . n 
A 1 81  VAL 81  79  79  VAL VAL A . n 
A 1 82  ILE 82  80  80  ILE ILE A . n 
A 1 83  LYS 83  81  81  LYS LYS A . n 
A 1 84  ASP 84  82  82  ASP ASP A . n 
A 1 85  GLY 85  83  83  GLY GLY A . n 
A 1 86  LEU 86  84  84  LEU LEU A . n 
A 1 87  GLY 87  85  85  GLY GLY A . n 
A 1 88  TYR 88  86  86  TYR TYR A . n 
A 1 89  ARG 89  87  87  ARG ARG A . n 
A 1 90  GLN 90  88  88  GLN GLN A . n 
A 1 91  ASP 91  89  89  ASP ASP A . n 
A 1 92  ASN 92  90  90  ASN ASN A . n 
A 1 93  GLY 93  91  91  GLY GLY A . n 
A 1 94  GLU 94  92  92  GLU GLU A . n 
A 1 95  TRP 95  93  93  TRP TRP A . n 
A 1 96  THR 96  94  94  THR THR A . n 
A 1 97  VAL 97  95  95  VAL VAL A . n 
A 1 98  THR 98  96  96  THR THR A . n 
A 1 99  GLU 99  97  97  GLU GLU A . n 
A 1 100 PHE 100 98  98  PHE PHE A . n 
A 1 101 VAL 101 99  99  VAL VAL A . n 
A 1 102 ASN 102 100 100 ASN ASN A . n 
A 1 103 GLU 103 101 ?   ?   ?   A . n 
A 1 104 ASP 104 102 ?   ?   ?   A . n 
A 1 105 GLY 105 103 ?   ?   ?   A . n 
A 1 106 THR 106 104 ?   ?   ?   A . n 
B 1 1   GLY 1   -1  ?   ?   ?   B . n 
B 1 2   SER 2   0   ?   ?   ?   B . n 
B 1 3   TYR 3   1   1   TYR TYR B . n 
B 1 4   VAL 4   2   2   VAL VAL B . n 
B 1 5   VAL 5   3   3   VAL VAL B . n 
B 1 6   PRO 6   4   4   PRO PRO B . n 
B 1 7   SER 7   5   5   SER SER B . n 
B 1 8   ALA 8   6   6   ALA ALA B . n 
B 1 9   LYS 9   7   7   LYS LYS B . n 
B 1 10  LEU 10  8   8   LEU LEU B . n 
B 1 11  GLU 11  9   9   GLU GLU B . n 
B 1 12  ALA 12  10  10  ALA ALA B . n 
B 1 13  ILE 13  11  11  ILE ILE B . n 
B 1 14  TYR 14  12  12  TYR TYR B . n 
B 1 15  PRO 15  13  13  PRO PRO B . n 
B 1 16  LYS 16  14  14  LYS LYS B . n 
B 1 17  GLY 17  15  15  GLY GLY B . n 
B 1 18  LEU 18  16  16  LEU LEU B . n 
B 1 19  ARG 19  17  17  ARG ARG B . n 
B 1 20  VAL 20  18  18  VAL VAL B . n 
B 1 21  SER 21  19  19  SER SER B . n 
B 1 22  ILE 22  20  20  ILE ILE B . n 
B 1 23  PRO 23  21  21  PRO PRO B . n 
B 1 24  ASP 24  22  22  ASP ASP B . n 
B 1 25  ASP 25  23  23  ASP ASP B . n 
B 1 26  GLY 26  24  24  GLY GLY B . n 
B 1 27  PHE 27  25  25  PHE PHE B . n 
B 1 28  SER 28  26  26  SER SER B . n 
B 1 29  LEU 29  27  27  LEU LEU B . n 
B 1 30  PHE 30  28  28  PHE PHE B . n 
B 1 31  ALA 31  29  29  ALA ALA B . n 
B 1 32  PHE 32  30  30  PHE PHE B . n 
B 1 33  HIS 33  31  31  HIS HIS B . n 
B 1 34  GLY 34  32  32  GLY GLY B . n 
B 1 35  LYS 35  33  33  LYS LYS B . n 
B 1 36  LEU 36  34  34  LEU LEU B . n 
B 1 37  ASN 37  35  35  ASN ASN B . n 
B 1 38  GLU 38  36  36  GLU GLU B . n 
B 1 39  GLU 39  37  37  GLU GLU B . n 
B 1 40  MET 40  38  38  MET MET B . n 
B 1 41  ASP 41  39  39  ASP ASP B . n 
B 1 42  GLY 42  40  40  GLY GLY B . n 
B 1 43  LEU 43  41  41  LEU LEU B . n 
B 1 44  GLU 44  42  42  GLU GLU B . n 
B 1 45  ALA 45  43  43  ALA ALA B . n 
B 1 46  GLY 46  44  44  GLY GLY B . n 
B 1 47  HIS 47  45  45  HIS HIS B . n 
B 1 48  TRP 48  46  46  TRP TRP B . n 
B 1 49  ALA 49  47  47  ALA ALA B . n 
B 1 50  ARG 50  48  48  ARG ARG B . n 
B 1 51  ASP 51  49  49  ASP ASP B . n 
B 1 52  ILE 52  50  50  ILE ILE B . n 
B 1 53  THR 53  51  51  THR THR B . n 
B 1 54  LYS 54  52  52  LYS LYS B . n 
B 1 55  PRO 55  53  53  PRO PRO B . n 
B 1 56  LYS 56  54  54  LYS LYS B . n 
B 1 57  GLU 57  55  55  GLU GLU B . n 
B 1 58  GLY 58  56  56  GLY GLY B . n 
B 1 59  ARG 59  57  57  ARG ARG B . n 
B 1 60  TRP 60  58  58  TRP TRP B . n 
B 1 61  THR 61  59  59  THR THR B . n 
B 1 62  PHE 62  60  60  PHE PHE B . n 
B 1 63  ARG 63  61  61  ARG ARG B . n 
B 1 64  ASP 64  62  62  ASP ASP B . n 
B 1 65  ARG 65  63  63  ARG ARG B . n 
B 1 66  ASN 66  64  64  ASN ASN B . n 
B 1 67  VAL 67  65  65  VAL VAL B . n 
B 1 68  LYS 68  66  66  LYS LYS B . n 
B 1 69  LEU 69  67  67  LEU LEU B . n 
B 1 70  LYS 70  68  68  LYS LYS B . n 
B 1 71  LEU 71  69  69  LEU LEU B . n 
B 1 72  GLY 72  70  70  GLY GLY B . n 
B 1 73  ASP 73  71  71  ASP ASP B . n 
B 1 74  LYS 74  72  72  LYS LYS B . n 
B 1 75  ILE 75  73  73  ILE ILE B . n 
B 1 76  TYR 76  74  74  TYR TYR B . n 
B 1 77  PHE 77  75  75  PHE PHE B . n 
B 1 78  TRP 78  76  76  TRP TRP B . n 
B 1 79  THR 79  77  77  THR THR B . n 
B 1 80  TYR 80  78  78  TYR TYR B . n 
B 1 81  VAL 81  79  79  VAL VAL B . n 
B 1 82  ILE 82  80  80  ILE ILE B . n 
B 1 83  LYS 83  81  81  LYS LYS B . n 
B 1 84  ASP 84  82  82  ASP ASP B . n 
B 1 85  GLY 85  83  83  GLY GLY B . n 
B 1 86  LEU 86  84  84  LEU LEU B . n 
B 1 87  GLY 87  85  85  GLY GLY B . n 
B 1 88  TYR 88  86  86  TYR TYR B . n 
B 1 89  ARG 89  87  87  ARG ARG B . n 
B 1 90  GLN 90  88  88  GLN GLN B . n 
B 1 91  ASP 91  89  89  ASP ASP B . n 
B 1 92  ASN 92  90  90  ASN ASN B . n 
B 1 93  GLY 93  91  91  GLY GLY B . n 
B 1 94  GLU 94  92  92  GLU GLU B . n 
B 1 95  TRP 95  93  93  TRP TRP B . n 
B 1 96  THR 96  94  94  THR THR B . n 
B 1 97  VAL 97  95  95  VAL VAL B . n 
B 1 98  THR 98  96  96  THR THR B . n 
B 1 99  GLU 99  97  97  GLU GLU B . n 
B 1 100 PHE 100 98  98  PHE PHE B . n 
B 1 101 VAL 101 99  99  VAL VAL B . n 
B 1 102 ASN 102 100 ?   ?   ?   B . n 
B 1 103 GLU 103 101 ?   ?   ?   B . n 
B 1 104 ASP 104 102 ?   ?   ?   B . n 
B 1 105 GLY 105 103 ?   ?   ?   B . n 
B 1 106 THR 106 104 ?   ?   ?   B . n 
# 
loop_
_pdbx_nonpoly_scheme.asym_id 
_pdbx_nonpoly_scheme.entity_id 
_pdbx_nonpoly_scheme.mon_id 
_pdbx_nonpoly_scheme.ndb_seq_num 
_pdbx_nonpoly_scheme.pdb_seq_num 
_pdbx_nonpoly_scheme.auth_seq_num 
_pdbx_nonpoly_scheme.pdb_mon_id 
_pdbx_nonpoly_scheme.auth_mon_id 
_pdbx_nonpoly_scheme.pdb_strand_id 
_pdbx_nonpoly_scheme.pdb_ins_code 
C 2 HOH 1  107 107 HOH HOH A . 
C 2 HOH 2  108 108 HOH HOH A . 
C 2 HOH 3  109 109 HOH HOH A . 
C 2 HOH 4  110 110 HOH HOH A . 
C 2 HOH 5  111 111 HOH HOH A . 
C 2 HOH 6  112 112 HOH HOH A . 
C 2 HOH 7  113 113 HOH HOH A . 
C 2 HOH 8  114 114 HOH HOH A . 
C 2 HOH 9  115 115 HOH HOH A . 
C 2 HOH 10 116 116 HOH HOH A . 
C 2 HOH 11 117 117 HOH HOH A . 
C 2 HOH 12 118 118 HOH HOH A . 
C 2 HOH 13 119 119 HOH HOH A . 
C 2 HOH 14 120 120 HOH HOH A . 
C 2 HOH 15 121 121 HOH HOH A . 
C 2 HOH 16 122 122 HOH HOH A . 
C 2 HOH 17 123 123 HOH HOH A . 
C 2 HOH 18 124 124 HOH HOH A . 
C 2 HOH 19 125 125 HOH HOH A . 
C 2 HOH 20 126 126 HOH HOH A . 
C 2 HOH 21 127 127 HOH HOH A . 
C 2 HOH 22 128 128 HOH HOH A . 
C 2 HOH 23 129 129 HOH HOH A . 
C 2 HOH 24 130 130 HOH HOH A . 
C 2 HOH 25 131 131 HOH HOH A . 
C 2 HOH 26 132 132 HOH HOH A . 
C 2 HOH 27 133 133 HOH HOH A . 
C 2 HOH 28 134 134 HOH HOH A . 
C 2 HOH 29 135 135 HOH HOH A . 
C 2 HOH 30 136 136 HOH HOH A . 
C 2 HOH 31 137 137 HOH HOH A . 
C 2 HOH 32 138 138 HOH HOH A . 
C 2 HOH 33 139 139 HOH HOH A . 
C 2 HOH 34 140 140 HOH HOH A . 
C 2 HOH 35 141 141 HOH HOH A . 
C 2 HOH 36 142 142 HOH HOH A . 
C 2 HOH 37 143 143 HOH HOH A . 
C 2 HOH 38 144 144 HOH HOH A . 
C 2 HOH 39 145 145 HOH HOH A . 
C 2 HOH 40 146 146 HOH HOH A . 
C 2 HOH 41 147 147 HOH HOH A . 
C 2 HOH 42 148 148 HOH HOH A . 
C 2 HOH 43 149 149 HOH HOH A . 
C 2 HOH 44 150 150 HOH HOH A . 
C 2 HOH 45 151 151 HOH HOH A . 
C 2 HOH 46 152 152 HOH HOH A . 
C 2 HOH 47 153 153 HOH HOH A . 
C 2 HOH 48 154 154 HOH HOH A . 
C 2 HOH 49 155 155 HOH HOH A . 
C 2 HOH 50 156 156 HOH HOH A . 
C 2 HOH 51 157 157 HOH HOH A . 
C 2 HOH 52 158 158 HOH HOH A . 
C 2 HOH 53 159 159 HOH HOH A . 
C 2 HOH 54 160 160 HOH HOH A . 
C 2 HOH 55 161 161 HOH HOH A . 
C 2 HOH 56 162 162 HOH HOH A . 
C 2 HOH 57 163 163 HOH HOH A . 
C 2 HOH 58 164 164 HOH HOH A . 
C 2 HOH 59 165 165 HOH HOH A . 
C 2 HOH 60 166 166 HOH HOH A . 
C 2 HOH 61 167 167 HOH HOH A . 
C 2 HOH 62 168 168 HOH HOH A . 
C 2 HOH 63 169 169 HOH HOH A . 
C 2 HOH 64 170 170 HOH HOH A . 
C 2 HOH 65 171 171 HOH HOH A . 
C 2 HOH 66 172 172 HOH HOH A . 
C 2 HOH 67 173 173 HOH HOH A . 
C 2 HOH 68 174 174 HOH HOH A . 
C 2 HOH 69 175 175 HOH HOH A . 
C 2 HOH 70 176 176 HOH HOH A . 
C 2 HOH 71 177 177 HOH HOH A . 
C 2 HOH 72 178 178 HOH HOH A . 
C 2 HOH 73 179 179 HOH HOH A . 
C 2 HOH 74 180 180 HOH HOH A . 
C 2 HOH 75 181 181 HOH HOH A . 
C 2 HOH 76 182 182 HOH HOH A . 
C 2 HOH 77 183 183 HOH HOH A . 
C 2 HOH 78 184 184 HOH HOH A . 
C 2 HOH 79 185 185 HOH HOH A . 
C 2 HOH 80 186 186 HOH HOH A . 
C 2 HOH 81 187 187 HOH HOH A . 
C 2 HOH 82 188 188 HOH HOH A . 
C 2 HOH 83 189 189 HOH HOH A . 
C 2 HOH 84 190 190 HOH HOH A . 
C 2 HOH 85 191 191 HOH HOH A . 
C 2 HOH 86 192 192 HOH HOH A . 
C 2 HOH 87 193 193 HOH HOH A . 
D 2 HOH 1  109 109 HOH HOH B . 
D 2 HOH 2  110 110 HOH HOH B . 
D 2 HOH 3  111 111 HOH HOH B . 
D 2 HOH 4  112 112 HOH HOH B . 
D 2 HOH 5  113 113 HOH HOH B . 
D 2 HOH 6  114 114 HOH HOH B . 
D 2 HOH 7  115 115 HOH HOH B . 
D 2 HOH 8  116 116 HOH HOH B . 
D 2 HOH 9  117 117 HOH HOH B . 
D 2 HOH 10 118 118 HOH HOH B . 
D 2 HOH 11 119 119 HOH HOH B . 
D 2 HOH 12 120 120 HOH HOH B . 
D 2 HOH 13 121 121 HOH HOH B . 
D 2 HOH 14 122 122 HOH HOH B . 
D 2 HOH 15 123 123 HOH HOH B . 
D 2 HOH 16 124 124 HOH HOH B . 
D 2 HOH 17 125 125 HOH HOH B . 
D 2 HOH 18 126 126 HOH HOH B . 
D 2 HOH 19 127 127 HOH HOH B . 
D 2 HOH 20 128 128 HOH HOH B . 
D 2 HOH 21 129 129 HOH HOH B . 
D 2 HOH 22 130 130 HOH HOH B . 
D 2 HOH 23 131 131 HOH HOH B . 
D 2 HOH 24 132 132 HOH HOH B . 
D 2 HOH 25 133 133 HOH HOH B . 
D 2 HOH 26 134 134 HOH HOH B . 
D 2 HOH 27 135 135 HOH HOH B . 
D 2 HOH 28 136 136 HOH HOH B . 
D 2 HOH 29 137 137 HOH HOH B . 
D 2 HOH 30 138 138 HOH HOH B . 
D 2 HOH 31 139 139 HOH HOH B . 
D 2 HOH 32 140 140 HOH HOH B . 
D 2 HOH 33 141 141 HOH HOH B . 
D 2 HOH 34 142 142 HOH HOH B . 
D 2 HOH 35 143 143 HOH HOH B . 
D 2 HOH 36 144 144 HOH HOH B . 
D 2 HOH 37 145 145 HOH HOH B . 
D 2 HOH 38 146 146 HOH HOH B . 
D 2 HOH 39 147 147 HOH HOH B . 
D 2 HOH 40 148 148 HOH HOH B . 
D 2 HOH 41 149 149 HOH HOH B . 
D 2 HOH 42 150 150 HOH HOH B . 
D 2 HOH 43 151 151 HOH HOH B . 
D 2 HOH 44 152 152 HOH HOH B . 
D 2 HOH 45 153 153 HOH HOH B . 
D 2 HOH 46 154 154 HOH HOH B . 
D 2 HOH 47 155 155 HOH HOH B . 
D 2 HOH 48 156 156 HOH HOH B . 
D 2 HOH 49 157 157 HOH HOH B . 
D 2 HOH 50 158 158 HOH HOH B . 
D 2 HOH 51 159 159 HOH HOH B . 
D 2 HOH 52 160 160 HOH HOH B . 
D 2 HOH 53 161 161 HOH HOH B . 
D 2 HOH 54 162 162 HOH HOH B . 
D 2 HOH 55 163 163 HOH HOH B . 
D 2 HOH 56 164 164 HOH HOH B . 
D 2 HOH 57 165 165 HOH HOH B . 
D 2 HOH 58 166 166 HOH HOH B . 
D 2 HOH 59 167 167 HOH HOH B . 
D 2 HOH 60 168 168 HOH HOH B . 
D 2 HOH 61 169 169 HOH HOH B . 
D 2 HOH 62 170 170 HOH HOH B . 
D 2 HOH 63 171 171 HOH HOH B . 
D 2 HOH 64 172 172 HOH HOH B . 
D 2 HOH 65 173 173 HOH HOH B . 
D 2 HOH 66 174 174 HOH HOH B . 
D 2 HOH 67 175 175 HOH HOH B . 
D 2 HOH 68 176 176 HOH HOH B . 
D 2 HOH 69 177 177 HOH HOH B . 
D 2 HOH 70 178 178 HOH HOH B . 
D 2 HOH 71 179 179 HOH HOH B . 
D 2 HOH 72 180 180 HOH HOH B . 
D 2 HOH 73 181 181 HOH HOH B . 
D 2 HOH 74 182 182 HOH HOH B . 
D 2 HOH 75 183 183 HOH HOH B . 
D 2 HOH 76 184 184 HOH HOH B . 
D 2 HOH 77 185 185 HOH HOH B . 
D 2 HOH 78 186 186 HOH HOH B . 
D 2 HOH 79 187 187 HOH HOH B . 
D 2 HOH 80 188 188 HOH HOH B . 
D 2 HOH 81 189 189 HOH HOH B . 
D 2 HOH 82 190 190 HOH HOH B . 
D 2 HOH 83 191 191 HOH HOH B . 
D 2 HOH 84 192 192 HOH HOH B . 
D 2 HOH 85 193 193 HOH HOH B . 
D 2 HOH 86 194 194 HOH HOH B . 
# 
loop_
_pdbx_struct_assembly.id 
_pdbx_struct_assembly.details 
_pdbx_struct_assembly.method_details 
_pdbx_struct_assembly.oligomeric_details 
_pdbx_struct_assembly.oligomeric_count 
1 author_and_software_defined_assembly PISA monomeric 1 
2 author_and_software_defined_assembly PISA monomeric 1 
# 
loop_
_pdbx_struct_assembly_gen.assembly_id 
_pdbx_struct_assembly_gen.oper_expression 
_pdbx_struct_assembly_gen.asym_id_list 
1 1 A,C 
2 1 B,D 
# 
_pdbx_struct_oper_list.id                   1 
_pdbx_struct_oper_list.type                 'identity operation' 
_pdbx_struct_oper_list.name                 1_555 
_pdbx_struct_oper_list.symmetry_operation   x,y,z 
_pdbx_struct_oper_list.matrix[1][1]         1.0000000000 
_pdbx_struct_oper_list.matrix[1][2]         0.0000000000 
_pdbx_struct_oper_list.matrix[1][3]         0.0000000000 
_pdbx_struct_oper_list.vector[1]            0.0000000000 
_pdbx_struct_oper_list.matrix[2][1]         0.0000000000 
_pdbx_struct_oper_list.matrix[2][2]         1.0000000000 
_pdbx_struct_oper_list.matrix[2][3]         0.0000000000 
_pdbx_struct_oper_list.vector[2]            0.0000000000 
_pdbx_struct_oper_list.matrix[3][1]         0.0000000000 
_pdbx_struct_oper_list.matrix[3][2]         0.0000000000 
_pdbx_struct_oper_list.matrix[3][3]         1.0000000000 
_pdbx_struct_oper_list.vector[3]            0.0000000000 
# 
loop_
_pdbx_audit_revision_history.ordinal 
_pdbx_audit_revision_history.data_content_type 
_pdbx_audit_revision_history.major_revision 
_pdbx_audit_revision_history.minor_revision 
_pdbx_audit_revision_history.revision_date 
1 'Structure model' 1 0 2011-06-22 
2 'Structure model' 1 1 2011-07-13 
3 'Structure model' 1 2 2013-06-19 
4 'Structure model' 1 3 2023-11-01 
# 
_pdbx_audit_revision_details.ordinal             1 
_pdbx_audit_revision_details.revision_ordinal    1 
_pdbx_audit_revision_details.data_content_type   'Structure model' 
_pdbx_audit_revision_details.provider            repository 
_pdbx_audit_revision_details.type                'Initial release' 
_pdbx_audit_revision_details.description         ? 
_pdbx_audit_revision_details.details             ? 
# 
loop_
_pdbx_audit_revision_group.ordinal 
_pdbx_audit_revision_group.revision_ordinal 
_pdbx_audit_revision_group.data_content_type 
_pdbx_audit_revision_group.group 
1 2 'Structure model' 'Version format compliance' 
2 3 'Structure model' 'Database references'       
3 4 'Structure model' 'Data collection'           
4 4 'Structure model' 'Database references'       
5 4 'Structure model' 'Refinement description'    
# 
loop_
_pdbx_audit_revision_category.ordinal 
_pdbx_audit_revision_category.revision_ordinal 
_pdbx_audit_revision_category.data_content_type 
_pdbx_audit_revision_category.category 
1 4 'Structure model' chem_comp_atom                
2 4 'Structure model' chem_comp_bond                
3 4 'Structure model' database_2                    
4 4 'Structure model' pdbx_initial_refinement_model 
5 4 'Structure model' struct_ref_seq_dif            
# 
loop_
_pdbx_audit_revision_item.ordinal 
_pdbx_audit_revision_item.revision_ordinal 
_pdbx_audit_revision_item.data_content_type 
_pdbx_audit_revision_item.item 
1 4 'Structure model' '_database_2.pdbx_DOI'                
2 4 'Structure model' '_database_2.pdbx_database_accession' 
3 4 'Structure model' '_struct_ref_seq_dif.details'         
# 
loop_
_software.name 
_software.classification 
_software.version 
_software.citation_id 
_software.pdbx_ordinal 
HKL-2000  'data collection' .        ? 1 
MOLREP    phasing           .        ? 2 
REFMAC    refinement        5.5.0109 ? 3 
DENZO     'data reduction'  .        ? 4 
SCALEPACK 'data scaling'    .        ? 5 
# 
_pdbx_validate_torsion.id              1 
_pdbx_validate_torsion.PDB_model_num   1 
_pdbx_validate_torsion.auth_comp_id    ASP 
_pdbx_validate_torsion.auth_asym_id    A 
_pdbx_validate_torsion.auth_seq_id     23 
_pdbx_validate_torsion.PDB_ins_code    ? 
_pdbx_validate_torsion.label_alt_id    ? 
_pdbx_validate_torsion.phi             -144.96 
_pdbx_validate_torsion.psi             59.57 
# 
loop_
_pdbx_unobs_or_zero_occ_residues.id 
_pdbx_unobs_or_zero_occ_residues.PDB_model_num 
_pdbx_unobs_or_zero_occ_residues.polymer_flag 
_pdbx_unobs_or_zero_occ_residues.occupancy_flag 
_pdbx_unobs_or_zero_occ_residues.auth_asym_id 
_pdbx_unobs_or_zero_occ_residues.auth_comp_id 
_pdbx_unobs_or_zero_occ_residues.auth_seq_id 
_pdbx_unobs_or_zero_occ_residues.PDB_ins_code 
_pdbx_unobs_or_zero_occ_residues.label_asym_id 
_pdbx_unobs_or_zero_occ_residues.label_comp_id 
_pdbx_unobs_or_zero_occ_residues.label_seq_id 
1  1 Y 1 A GLY -1  ? A GLY 1   
2  1 Y 1 A SER 0   ? A SER 2   
3  1 Y 1 A TYR 1   ? A TYR 3   
4  1 Y 1 A GLU 101 ? A GLU 103 
5  1 Y 1 A ASP 102 ? A ASP 104 
6  1 Y 1 A GLY 103 ? A GLY 105 
7  1 Y 1 A THR 104 ? A THR 106 
8  1 Y 1 B GLY -1  ? B GLY 1   
9  1 Y 1 B SER 0   ? B SER 2   
10 1 Y 1 B ASN 100 ? B ASN 102 
11 1 Y 1 B GLU 101 ? B GLU 103 
12 1 Y 1 B ASP 102 ? B ASP 104 
13 1 Y 1 B GLY 103 ? B GLY 105 
14 1 Y 1 B THR 104 ? B THR 106 
# 
loop_
_chem_comp_atom.comp_id 
_chem_comp_atom.atom_id 
_chem_comp_atom.type_symbol 
_chem_comp_atom.pdbx_aromatic_flag 
_chem_comp_atom.pdbx_stereo_config 
_chem_comp_atom.pdbx_ordinal 
ALA N    N N N 1   
ALA CA   C N S 2   
ALA C    C N N 3   
ALA O    O N N 4   
ALA CB   C N N 5   
ALA OXT  O N N 6   
ALA H    H N N 7   
ALA H2   H N N 8   
ALA HA   H N N 9   
ALA HB1  H N N 10  
ALA HB2  H N N 11  
ALA HB3  H N N 12  
ALA HXT  H N N 13  
ARG N    N N N 14  
ARG CA   C N S 15  
ARG C    C N N 16  
ARG O    O N N 17  
ARG CB   C N N 18  
ARG CG   C N N 19  
ARG CD   C N N 20  
ARG NE   N N N 21  
ARG CZ   C N N 22  
ARG NH1  N N N 23  
ARG NH2  N N N 24  
ARG OXT  O N N 25  
ARG H    H N N 26  
ARG H2   H N N 27  
ARG HA   H N N 28  
ARG HB2  H N N 29  
ARG HB3  H N N 30  
ARG HG2  H N N 31  
ARG HG3  H N N 32  
ARG HD2  H N N 33  
ARG HD3  H N N 34  
ARG HE   H N N 35  
ARG HH11 H N N 36  
ARG HH12 H N N 37  
ARG HH21 H N N 38  
ARG HH22 H N N 39  
ARG HXT  H N N 40  
ASN N    N N N 41  
ASN CA   C N S 42  
ASN C    C N N 43  
ASN O    O N N 44  
ASN CB   C N N 45  
ASN CG   C N N 46  
ASN OD1  O N N 47  
ASN ND2  N N N 48  
ASN OXT  O N N 49  
ASN H    H N N 50  
ASN H2   H N N 51  
ASN HA   H N N 52  
ASN HB2  H N N 53  
ASN HB3  H N N 54  
ASN HD21 H N N 55  
ASN HD22 H N N 56  
ASN HXT  H N N 57  
ASP N    N N N 58  
ASP CA   C N S 59  
ASP C    C N N 60  
ASP O    O N N 61  
ASP CB   C N N 62  
ASP CG   C N N 63  
ASP OD1  O N N 64  
ASP OD2  O N N 65  
ASP OXT  O N N 66  
ASP H    H N N 67  
ASP H2   H N N 68  
ASP HA   H N N 69  
ASP HB2  H N N 70  
ASP HB3  H N N 71  
ASP HD2  H N N 72  
ASP HXT  H N N 73  
GLN N    N N N 74  
GLN CA   C N S 75  
GLN C    C N N 76  
GLN O    O N N 77  
GLN CB   C N N 78  
GLN CG   C N N 79  
GLN CD   C N N 80  
GLN OE1  O N N 81  
GLN NE2  N N N 82  
GLN OXT  O N N 83  
GLN H    H N N 84  
GLN H2   H N N 85  
GLN HA   H N N 86  
GLN HB2  H N N 87  
GLN HB3  H N N 88  
GLN HG2  H N N 89  
GLN HG3  H N N 90  
GLN HE21 H N N 91  
GLN HE22 H N N 92  
GLN HXT  H N N 93  
GLU N    N N N 94  
GLU CA   C N S 95  
GLU C    C N N 96  
GLU O    O N N 97  
GLU CB   C N N 98  
GLU CG   C N N 99  
GLU CD   C N N 100 
GLU OE1  O N N 101 
GLU OE2  O N N 102 
GLU OXT  O N N 103 
GLU H    H N N 104 
GLU H2   H N N 105 
GLU HA   H N N 106 
GLU HB2  H N N 107 
GLU HB3  H N N 108 
GLU HG2  H N N 109 
GLU HG3  H N N 110 
GLU HE2  H N N 111 
GLU HXT  H N N 112 
GLY N    N N N 113 
GLY CA   C N N 114 
GLY C    C N N 115 
GLY O    O N N 116 
GLY OXT  O N N 117 
GLY H    H N N 118 
GLY H2   H N N 119 
GLY HA2  H N N 120 
GLY HA3  H N N 121 
GLY HXT  H N N 122 
HIS N    N N N 123 
HIS CA   C N S 124 
HIS C    C N N 125 
HIS O    O N N 126 
HIS CB   C N N 127 
HIS CG   C Y N 128 
HIS ND1  N Y N 129 
HIS CD2  C Y N 130 
HIS CE1  C Y N 131 
HIS NE2  N Y N 132 
HIS OXT  O N N 133 
HIS H    H N N 134 
HIS H2   H N N 135 
HIS HA   H N N 136 
HIS HB2  H N N 137 
HIS HB3  H N N 138 
HIS HD1  H N N 139 
HIS HD2  H N N 140 
HIS HE1  H N N 141 
HIS HE2  H N N 142 
HIS HXT  H N N 143 
HOH O    O N N 144 
HOH H1   H N N 145 
HOH H2   H N N 146 
ILE N    N N N 147 
ILE CA   C N S 148 
ILE C    C N N 149 
ILE O    O N N 150 
ILE CB   C N S 151 
ILE CG1  C N N 152 
ILE CG2  C N N 153 
ILE CD1  C N N 154 
ILE OXT  O N N 155 
ILE H    H N N 156 
ILE H2   H N N 157 
ILE HA   H N N 158 
ILE HB   H N N 159 
ILE HG12 H N N 160 
ILE HG13 H N N 161 
ILE HG21 H N N 162 
ILE HG22 H N N 163 
ILE HG23 H N N 164 
ILE HD11 H N N 165 
ILE HD12 H N N 166 
ILE HD13 H N N 167 
ILE HXT  H N N 168 
LEU N    N N N 169 
LEU CA   C N S 170 
LEU C    C N N 171 
LEU O    O N N 172 
LEU CB   C N N 173 
LEU CG   C N N 174 
LEU CD1  C N N 175 
LEU CD2  C N N 176 
LEU OXT  O N N 177 
LEU H    H N N 178 
LEU H2   H N N 179 
LEU HA   H N N 180 
LEU HB2  H N N 181 
LEU HB3  H N N 182 
LEU HG   H N N 183 
LEU HD11 H N N 184 
LEU HD12 H N N 185 
LEU HD13 H N N 186 
LEU HD21 H N N 187 
LEU HD22 H N N 188 
LEU HD23 H N N 189 
LEU HXT  H N N 190 
LYS N    N N N 191 
LYS CA   C N S 192 
LYS C    C N N 193 
LYS O    O N N 194 
LYS CB   C N N 195 
LYS CG   C N N 196 
LYS CD   C N N 197 
LYS CE   C N N 198 
LYS NZ   N N N 199 
LYS OXT  O N N 200 
LYS H    H N N 201 
LYS H2   H N N 202 
LYS HA   H N N 203 
LYS HB2  H N N 204 
LYS HB3  H N N 205 
LYS HG2  H N N 206 
LYS HG3  H N N 207 
LYS HD2  H N N 208 
LYS HD3  H N N 209 
LYS HE2  H N N 210 
LYS HE3  H N N 211 
LYS HZ1  H N N 212 
LYS HZ2  H N N 213 
LYS HZ3  H N N 214 
LYS HXT  H N N 215 
MET N    N N N 216 
MET CA   C N S 217 
MET C    C N N 218 
MET O    O N N 219 
MET CB   C N N 220 
MET CG   C N N 221 
MET SD   S N N 222 
MET CE   C N N 223 
MET OXT  O N N 224 
MET H    H N N 225 
MET H2   H N N 226 
MET HA   H N N 227 
MET HB2  H N N 228 
MET HB3  H N N 229 
MET HG2  H N N 230 
MET HG3  H N N 231 
MET HE1  H N N 232 
MET HE2  H N N 233 
MET HE3  H N N 234 
MET HXT  H N N 235 
PHE N    N N N 236 
PHE CA   C N S 237 
PHE C    C N N 238 
PHE O    O N N 239 
PHE CB   C N N 240 
PHE CG   C Y N 241 
PHE CD1  C Y N 242 
PHE CD2  C Y N 243 
PHE CE1  C Y N 244 
PHE CE2  C Y N 245 
PHE CZ   C Y N 246 
PHE OXT  O N N 247 
PHE H    H N N 248 
PHE H2   H N N 249 
PHE HA   H N N 250 
PHE HB2  H N N 251 
PHE HB3  H N N 252 
PHE HD1  H N N 253 
PHE HD2  H N N 254 
PHE HE1  H N N 255 
PHE HE2  H N N 256 
PHE HZ   H N N 257 
PHE HXT  H N N 258 
PRO N    N N N 259 
PRO CA   C N S 260 
PRO C    C N N 261 
PRO O    O N N 262 
PRO CB   C N N 263 
PRO CG   C N N 264 
PRO CD   C N N 265 
PRO OXT  O N N 266 
PRO H    H N N 267 
PRO HA   H N N 268 
PRO HB2  H N N 269 
PRO HB3  H N N 270 
PRO HG2  H N N 271 
PRO HG3  H N N 272 
PRO HD2  H N N 273 
PRO HD3  H N N 274 
PRO HXT  H N N 275 
SER N    N N N 276 
SER CA   C N S 277 
SER C    C N N 278 
SER O    O N N 279 
SER CB   C N N 280 
SER OG   O N N 281 
SER OXT  O N N 282 
SER H    H N N 283 
SER H2   H N N 284 
SER HA   H N N 285 
SER HB2  H N N 286 
SER HB3  H N N 287 
SER HG   H N N 288 
SER HXT  H N N 289 
THR N    N N N 290 
THR CA   C N S 291 
THR C    C N N 292 
THR O    O N N 293 
THR CB   C N R 294 
THR OG1  O N N 295 
THR CG2  C N N 296 
THR OXT  O N N 297 
THR H    H N N 298 
THR H2   H N N 299 
THR HA   H N N 300 
THR HB   H N N 301 
THR HG1  H N N 302 
THR HG21 H N N 303 
THR HG22 H N N 304 
THR HG23 H N N 305 
THR HXT  H N N 306 
TRP N    N N N 307 
TRP CA   C N S 308 
TRP C    C N N 309 
TRP O    O N N 310 
TRP CB   C N N 311 
TRP CG   C Y N 312 
TRP CD1  C Y N 313 
TRP CD2  C Y N 314 
TRP NE1  N Y N 315 
TRP CE2  C Y N 316 
TRP CE3  C Y N 317 
TRP CZ2  C Y N 318 
TRP CZ3  C Y N 319 
TRP CH2  C Y N 320 
TRP OXT  O N N 321 
TRP H    H N N 322 
TRP H2   H N N 323 
TRP HA   H N N 324 
TRP HB2  H N N 325 
TRP HB3  H N N 326 
TRP HD1  H N N 327 
TRP HE1  H N N 328 
TRP HE3  H N N 329 
TRP HZ2  H N N 330 
TRP HZ3  H N N 331 
TRP HH2  H N N 332 
TRP HXT  H N N 333 
TYR N    N N N 334 
TYR CA   C N S 335 
TYR C    C N N 336 
TYR O    O N N 337 
TYR CB   C N N 338 
TYR CG   C Y N 339 
TYR CD1  C Y N 340 
TYR CD2  C Y N 341 
TYR CE1  C Y N 342 
TYR CE2  C Y N 343 
TYR CZ   C Y N 344 
TYR OH   O N N 345 
TYR OXT  O N N 346 
TYR H    H N N 347 
TYR H2   H N N 348 
TYR HA   H N N 349 
TYR HB2  H N N 350 
TYR HB3  H N N 351 
TYR HD1  H N N 352 
TYR HD2  H N N 353 
TYR HE1  H N N 354 
TYR HE2  H N N 355 
TYR HH   H N N 356 
TYR HXT  H N N 357 
VAL N    N N N 358 
VAL CA   C N S 359 
VAL C    C N N 360 
VAL O    O N N 361 
VAL CB   C N N 362 
VAL CG1  C N N 363 
VAL CG2  C N N 364 
VAL OXT  O N N 365 
VAL H    H N N 366 
VAL H2   H N N 367 
VAL HA   H N N 368 
VAL HB   H N N 369 
VAL HG11 H N N 370 
VAL HG12 H N N 371 
VAL HG13 H N N 372 
VAL HG21 H N N 373 
VAL HG22 H N N 374 
VAL HG23 H N N 375 
VAL HXT  H N N 376 
# 
loop_
_chem_comp_bond.comp_id 
_chem_comp_bond.atom_id_1 
_chem_comp_bond.atom_id_2 
_chem_comp_bond.value_order 
_chem_comp_bond.pdbx_aromatic_flag 
_chem_comp_bond.pdbx_stereo_config 
_chem_comp_bond.pdbx_ordinal 
ALA N   CA   sing N N 1   
ALA N   H    sing N N 2   
ALA N   H2   sing N N 3   
ALA CA  C    sing N N 4   
ALA CA  CB   sing N N 5   
ALA CA  HA   sing N N 6   
ALA C   O    doub N N 7   
ALA C   OXT  sing N N 8   
ALA CB  HB1  sing N N 9   
ALA CB  HB2  sing N N 10  
ALA CB  HB3  sing N N 11  
ALA OXT HXT  sing N N 12  
ARG N   CA   sing N N 13  
ARG N   H    sing N N 14  
ARG N   H2   sing N N 15  
ARG CA  C    sing N N 16  
ARG CA  CB   sing N N 17  
ARG CA  HA   sing N N 18  
ARG C   O    doub N N 19  
ARG C   OXT  sing N N 20  
ARG CB  CG   sing N N 21  
ARG CB  HB2  sing N N 22  
ARG CB  HB3  sing N N 23  
ARG CG  CD   sing N N 24  
ARG CG  HG2  sing N N 25  
ARG CG  HG3  sing N N 26  
ARG CD  NE   sing N N 27  
ARG CD  HD2  sing N N 28  
ARG CD  HD3  sing N N 29  
ARG NE  CZ   sing N N 30  
ARG NE  HE   sing N N 31  
ARG CZ  NH1  sing N N 32  
ARG CZ  NH2  doub N N 33  
ARG NH1 HH11 sing N N 34  
ARG NH1 HH12 sing N N 35  
ARG NH2 HH21 sing N N 36  
ARG NH2 HH22 sing N N 37  
ARG OXT HXT  sing N N 38  
ASN N   CA   sing N N 39  
ASN N   H    sing N N 40  
ASN N   H2   sing N N 41  
ASN CA  C    sing N N 42  
ASN CA  CB   sing N N 43  
ASN CA  HA   sing N N 44  
ASN C   O    doub N N 45  
ASN C   OXT  sing N N 46  
ASN CB  CG   sing N N 47  
ASN CB  HB2  sing N N 48  
ASN CB  HB3  sing N N 49  
ASN CG  OD1  doub N N 50  
ASN CG  ND2  sing N N 51  
ASN ND2 HD21 sing N N 52  
ASN ND2 HD22 sing N N 53  
ASN OXT HXT  sing N N 54  
ASP N   CA   sing N N 55  
ASP N   H    sing N N 56  
ASP N   H2   sing N N 57  
ASP CA  C    sing N N 58  
ASP CA  CB   sing N N 59  
ASP CA  HA   sing N N 60  
ASP C   O    doub N N 61  
ASP C   OXT  sing N N 62  
ASP CB  CG   sing N N 63  
ASP CB  HB2  sing N N 64  
ASP CB  HB3  sing N N 65  
ASP CG  OD1  doub N N 66  
ASP CG  OD2  sing N N 67  
ASP OD2 HD2  sing N N 68  
ASP OXT HXT  sing N N 69  
GLN N   CA   sing N N 70  
GLN N   H    sing N N 71  
GLN N   H2   sing N N 72  
GLN CA  C    sing N N 73  
GLN CA  CB   sing N N 74  
GLN CA  HA   sing N N 75  
GLN C   O    doub N N 76  
GLN C   OXT  sing N N 77  
GLN CB  CG   sing N N 78  
GLN CB  HB2  sing N N 79  
GLN CB  HB3  sing N N 80  
GLN CG  CD   sing N N 81  
GLN CG  HG2  sing N N 82  
GLN CG  HG3  sing N N 83  
GLN CD  OE1  doub N N 84  
GLN CD  NE2  sing N N 85  
GLN NE2 HE21 sing N N 86  
GLN NE2 HE22 sing N N 87  
GLN OXT HXT  sing N N 88  
GLU N   CA   sing N N 89  
GLU N   H    sing N N 90  
GLU N   H2   sing N N 91  
GLU CA  C    sing N N 92  
GLU CA  CB   sing N N 93  
GLU CA  HA   sing N N 94  
GLU C   O    doub N N 95  
GLU C   OXT  sing N N 96  
GLU CB  CG   sing N N 97  
GLU CB  HB2  sing N N 98  
GLU CB  HB3  sing N N 99  
GLU CG  CD   sing N N 100 
GLU CG  HG2  sing N N 101 
GLU CG  HG3  sing N N 102 
GLU CD  OE1  doub N N 103 
GLU CD  OE2  sing N N 104 
GLU OE2 HE2  sing N N 105 
GLU OXT HXT  sing N N 106 
GLY N   CA   sing N N 107 
GLY N   H    sing N N 108 
GLY N   H2   sing N N 109 
GLY CA  C    sing N N 110 
GLY CA  HA2  sing N N 111 
GLY CA  HA3  sing N N 112 
GLY C   O    doub N N 113 
GLY C   OXT  sing N N 114 
GLY OXT HXT  sing N N 115 
HIS N   CA   sing N N 116 
HIS N   H    sing N N 117 
HIS N   H2   sing N N 118 
HIS CA  C    sing N N 119 
HIS CA  CB   sing N N 120 
HIS CA  HA   sing N N 121 
HIS C   O    doub N N 122 
HIS C   OXT  sing N N 123 
HIS CB  CG   sing N N 124 
HIS CB  HB2  sing N N 125 
HIS CB  HB3  sing N N 126 
HIS CG  ND1  sing Y N 127 
HIS CG  CD2  doub Y N 128 
HIS ND1 CE1  doub Y N 129 
HIS ND1 HD1  sing N N 130 
HIS CD2 NE2  sing Y N 131 
HIS CD2 HD2  sing N N 132 
HIS CE1 NE2  sing Y N 133 
HIS CE1 HE1  sing N N 134 
HIS NE2 HE2  sing N N 135 
HIS OXT HXT  sing N N 136 
HOH O   H1   sing N N 137 
HOH O   H2   sing N N 138 
ILE N   CA   sing N N 139 
ILE N   H    sing N N 140 
ILE N   H2   sing N N 141 
ILE CA  C    sing N N 142 
ILE CA  CB   sing N N 143 
ILE CA  HA   sing N N 144 
ILE C   O    doub N N 145 
ILE C   OXT  sing N N 146 
ILE CB  CG1  sing N N 147 
ILE CB  CG2  sing N N 148 
ILE CB  HB   sing N N 149 
ILE CG1 CD1  sing N N 150 
ILE CG1 HG12 sing N N 151 
ILE CG1 HG13 sing N N 152 
ILE CG2 HG21 sing N N 153 
ILE CG2 HG22 sing N N 154 
ILE CG2 HG23 sing N N 155 
ILE CD1 HD11 sing N N 156 
ILE CD1 HD12 sing N N 157 
ILE CD1 HD13 sing N N 158 
ILE OXT HXT  sing N N 159 
LEU N   CA   sing N N 160 
LEU N   H    sing N N 161 
LEU N   H2   sing N N 162 
LEU CA  C    sing N N 163 
LEU CA  CB   sing N N 164 
LEU CA  HA   sing N N 165 
LEU C   O    doub N N 166 
LEU C   OXT  sing N N 167 
LEU CB  CG   sing N N 168 
LEU CB  HB2  sing N N 169 
LEU CB  HB3  sing N N 170 
LEU CG  CD1  sing N N 171 
LEU CG  CD2  sing N N 172 
LEU CG  HG   sing N N 173 
LEU CD1 HD11 sing N N 174 
LEU CD1 HD12 sing N N 175 
LEU CD1 HD13 sing N N 176 
LEU CD2 HD21 sing N N 177 
LEU CD2 HD22 sing N N 178 
LEU CD2 HD23 sing N N 179 
LEU OXT HXT  sing N N 180 
LYS N   CA   sing N N 181 
LYS N   H    sing N N 182 
LYS N   H2   sing N N 183 
LYS CA  C    sing N N 184 
LYS CA  CB   sing N N 185 
LYS CA  HA   sing N N 186 
LYS C   O    doub N N 187 
LYS C   OXT  sing N N 188 
LYS CB  CG   sing N N 189 
LYS CB  HB2  sing N N 190 
LYS CB  HB3  sing N N 191 
LYS CG  CD   sing N N 192 
LYS CG  HG2  sing N N 193 
LYS CG  HG3  sing N N 194 
LYS CD  CE   sing N N 195 
LYS CD  HD2  sing N N 196 
LYS CD  HD3  sing N N 197 
LYS CE  NZ   sing N N 198 
LYS CE  HE2  sing N N 199 
LYS CE  HE3  sing N N 200 
LYS NZ  HZ1  sing N N 201 
LYS NZ  HZ2  sing N N 202 
LYS NZ  HZ3  sing N N 203 
LYS OXT HXT  sing N N 204 
MET N   CA   sing N N 205 
MET N   H    sing N N 206 
MET N   H2   sing N N 207 
MET CA  C    sing N N 208 
MET CA  CB   sing N N 209 
MET CA  HA   sing N N 210 
MET C   O    doub N N 211 
MET C   OXT  sing N N 212 
MET CB  CG   sing N N 213 
MET CB  HB2  sing N N 214 
MET CB  HB3  sing N N 215 
MET CG  SD   sing N N 216 
MET CG  HG2  sing N N 217 
MET CG  HG3  sing N N 218 
MET SD  CE   sing N N 219 
MET CE  HE1  sing N N 220 
MET CE  HE2  sing N N 221 
MET CE  HE3  sing N N 222 
MET OXT HXT  sing N N 223 
PHE N   CA   sing N N 224 
PHE N   H    sing N N 225 
PHE N   H2   sing N N 226 
PHE CA  C    sing N N 227 
PHE CA  CB   sing N N 228 
PHE CA  HA   sing N N 229 
PHE C   O    doub N N 230 
PHE C   OXT  sing N N 231 
PHE CB  CG   sing N N 232 
PHE CB  HB2  sing N N 233 
PHE CB  HB3  sing N N 234 
PHE CG  CD1  doub Y N 235 
PHE CG  CD2  sing Y N 236 
PHE CD1 CE1  sing Y N 237 
PHE CD1 HD1  sing N N 238 
PHE CD2 CE2  doub Y N 239 
PHE CD2 HD2  sing N N 240 
PHE CE1 CZ   doub Y N 241 
PHE CE1 HE1  sing N N 242 
PHE CE2 CZ   sing Y N 243 
PHE CE2 HE2  sing N N 244 
PHE CZ  HZ   sing N N 245 
PHE OXT HXT  sing N N 246 
PRO N   CA   sing N N 247 
PRO N   CD   sing N N 248 
PRO N   H    sing N N 249 
PRO CA  C    sing N N 250 
PRO CA  CB   sing N N 251 
PRO CA  HA   sing N N 252 
PRO C   O    doub N N 253 
PRO C   OXT  sing N N 254 
PRO CB  CG   sing N N 255 
PRO CB  HB2  sing N N 256 
PRO CB  HB3  sing N N 257 
PRO CG  CD   sing N N 258 
PRO CG  HG2  sing N N 259 
PRO CG  HG3  sing N N 260 
PRO CD  HD2  sing N N 261 
PRO CD  HD3  sing N N 262 
PRO OXT HXT  sing N N 263 
SER N   CA   sing N N 264 
SER N   H    sing N N 265 
SER N   H2   sing N N 266 
SER CA  C    sing N N 267 
SER CA  CB   sing N N 268 
SER CA  HA   sing N N 269 
SER C   O    doub N N 270 
SER C   OXT  sing N N 271 
SER CB  OG   sing N N 272 
SER CB  HB2  sing N N 273 
SER CB  HB3  sing N N 274 
SER OG  HG   sing N N 275 
SER OXT HXT  sing N N 276 
THR N   CA   sing N N 277 
THR N   H    sing N N 278 
THR N   H2   sing N N 279 
THR CA  C    sing N N 280 
THR CA  CB   sing N N 281 
THR CA  HA   sing N N 282 
THR C   O    doub N N 283 
THR C   OXT  sing N N 284 
THR CB  OG1  sing N N 285 
THR CB  CG2  sing N N 286 
THR CB  HB   sing N N 287 
THR OG1 HG1  sing N N 288 
THR CG2 HG21 sing N N 289 
THR CG2 HG22 sing N N 290 
THR CG2 HG23 sing N N 291 
THR OXT HXT  sing N N 292 
TRP N   CA   sing N N 293 
TRP N   H    sing N N 294 
TRP N   H2   sing N N 295 
TRP CA  C    sing N N 296 
TRP CA  CB   sing N N 297 
TRP CA  HA   sing N N 298 
TRP C   O    doub N N 299 
TRP C   OXT  sing N N 300 
TRP CB  CG   sing N N 301 
TRP CB  HB2  sing N N 302 
TRP CB  HB3  sing N N 303 
TRP CG  CD1  doub Y N 304 
TRP CG  CD2  sing Y N 305 
TRP CD1 NE1  sing Y N 306 
TRP CD1 HD1  sing N N 307 
TRP CD2 CE2  doub Y N 308 
TRP CD2 CE3  sing Y N 309 
TRP NE1 CE2  sing Y N 310 
TRP NE1 HE1  sing N N 311 
TRP CE2 CZ2  sing Y N 312 
TRP CE3 CZ3  doub Y N 313 
TRP CE3 HE3  sing N N 314 
TRP CZ2 CH2  doub Y N 315 
TRP CZ2 HZ2  sing N N 316 
TRP CZ3 CH2  sing Y N 317 
TRP CZ3 HZ3  sing N N 318 
TRP CH2 HH2  sing N N 319 
TRP OXT HXT  sing N N 320 
TYR N   CA   sing N N 321 
TYR N   H    sing N N 322 
TYR N   H2   sing N N 323 
TYR CA  C    sing N N 324 
TYR CA  CB   sing N N 325 
TYR CA  HA   sing N N 326 
TYR C   O    doub N N 327 
TYR C   OXT  sing N N 328 
TYR CB  CG   sing N N 329 
TYR CB  HB2  sing N N 330 
TYR CB  HB3  sing N N 331 
TYR CG  CD1  doub Y N 332 
TYR CG  CD2  sing Y N 333 
TYR CD1 CE1  sing Y N 334 
TYR CD1 HD1  sing N N 335 
TYR CD2 CE2  doub Y N 336 
TYR CD2 HD2  sing N N 337 
TYR CE1 CZ   doub Y N 338 
TYR CE1 HE1  sing N N 339 
TYR CE2 CZ   sing Y N 340 
TYR CE2 HE2  sing N N 341 
TYR CZ  OH   sing N N 342 
TYR OH  HH   sing N N 343 
TYR OXT HXT  sing N N 344 
VAL N   CA   sing N N 345 
VAL N   H    sing N N 346 
VAL N   H2   sing N N 347 
VAL CA  C    sing N N 348 
VAL CA  CB   sing N N 349 
VAL CA  HA   sing N N 350 
VAL C   O    doub N N 351 
VAL C   OXT  sing N N 352 
VAL CB  CG1  sing N N 353 
VAL CB  CG2  sing N N 354 
VAL CB  HB   sing N N 355 
VAL CG1 HG11 sing N N 356 
VAL CG1 HG12 sing N N 357 
VAL CG1 HG13 sing N N 358 
VAL CG2 HG21 sing N N 359 
VAL CG2 HG22 sing N N 360 
VAL CG2 HG23 sing N N 361 
VAL OXT HXT  sing N N 362 
# 
_pdbx_entity_nonpoly.entity_id   2 
_pdbx_entity_nonpoly.name        water 
_pdbx_entity_nonpoly.comp_id     HOH 
# 
_pdbx_initial_refinement_model.id               1 
_pdbx_initial_refinement_model.entity_id_list   ? 
_pdbx_initial_refinement_model.type             'experimental model' 
_pdbx_initial_refinement_model.source_name      PDB 
_pdbx_initial_refinement_model.accession_code   3AQX 
_pdbx_initial_refinement_model.details          'PDB ENTRY 3AQX' 
# 
